data_5CHW
#
_entry.id   5CHW
#
_cell.length_a   102.850
_cell.length_b   103.960
_cell.length_c   192.800
_cell.angle_alpha   90.00
_cell.angle_beta   90.00
_cell.angle_gamma   90.00
#
_symmetry.space_group_name_H-M   'P 21 21 21'
#
loop_
_entity.id
_entity.type
_entity.pdbx_description
1 polymer 'Ubiquitin-like protein ISG15'
2 non-polymer 'SULFATE ION'
3 non-polymer GLYCEROL
4 water water
#
_entity_poly.entity_id   1
_entity_poly.type   'polypeptide(L)'
_entity_poly.pdbx_seq_one_letter_code
;MAWDLKVKMLGGNDFLVSVTNSMTVSELKKQIAQKIGVPAFQQRLAHQTAVLQDGLTLSSLGLGPSSTVMLVVQNSSEPL
SILVRNERGHSNIYEVFLTQTVDTLKKKVSQREQVHEDQFWLSFEGRPMEDKELLGEYGLKPQCTVIKHLRLRGG
;
_entity_poly.pdbx_strand_id   A,B,C,D,E,F,G,H,I,J
#
loop_
_chem_comp.id
_chem_comp.type
_chem_comp.name
_chem_comp.formula
GOL non-polymer GLYCEROL 'C3 H8 O3'
SO4 non-polymer 'SULFATE ION' 'O4 S -2'
#
# COMPACT_ATOMS: atom_id res chain seq x y z
N ALA A 2 19.95 -22.55 -33.01
CA ALA A 2 19.88 -23.82 -32.31
C ALA A 2 21.28 -24.40 -32.06
N TRP A 3 21.61 -24.60 -30.79
CA TRP A 3 22.88 -25.14 -30.37
C TRP A 3 22.71 -26.33 -29.41
N ASP A 4 23.77 -27.08 -29.15
CA ASP A 4 23.69 -28.29 -28.31
C ASP A 4 24.12 -28.02 -26.87
N LEU A 5 23.26 -28.43 -25.94
CA LEU A 5 23.49 -28.30 -24.51
C LEU A 5 24.01 -29.60 -23.90
N LYS A 6 25.10 -29.53 -23.16
CA LYS A 6 25.64 -30.71 -22.49
C LYS A 6 24.87 -30.97 -21.18
N VAL A 7 24.18 -32.10 -21.10
CA VAL A 7 23.47 -32.51 -19.89
C VAL A 7 24.10 -33.78 -19.33
N LYS A 8 24.53 -33.74 -18.08
CA LYS A 8 25.22 -34.86 -17.45
C LYS A 8 24.34 -35.41 -16.35
N MET A 9 24.11 -36.72 -16.36
CA MET A 9 23.27 -37.30 -15.33
C MET A 9 24.26 -37.79 -14.31
N LEU A 10 24.05 -37.34 -13.10
CA LEU A 10 24.85 -37.68 -11.97
C LEU A 10 24.74 -39.17 -11.78
N GLY A 11 25.87 -39.87 -11.77
CA GLY A 11 25.79 -41.31 -11.60
C GLY A 11 25.44 -42.05 -12.88
N GLY A 12 25.09 -41.32 -13.93
CA GLY A 12 24.70 -41.97 -15.18
C GLY A 12 25.45 -41.42 -16.40
N ASN A 13 24.78 -41.27 -17.54
CA ASN A 13 25.51 -40.95 -18.76
C ASN A 13 25.36 -39.49 -19.22
N ASP A 14 26.28 -39.02 -20.06
CA ASP A 14 26.25 -37.65 -20.56
C ASP A 14 25.61 -37.52 -21.93
N PHE A 15 24.83 -36.47 -22.12
CA PHE A 15 23.96 -36.33 -23.29
C PHE A 15 24.04 -34.94 -23.88
N LEU A 16 23.71 -34.83 -25.16
CA LEU A 16 23.61 -33.52 -25.75
C LEU A 16 22.15 -33.35 -26.08
N VAL A 17 21.64 -32.14 -25.89
CA VAL A 17 20.28 -31.81 -26.23
C VAL A 17 20.24 -30.55 -27.09
N SER A 18 19.48 -30.57 -28.18
CA SER A 18 19.43 -29.42 -29.05
C SER A 18 18.51 -28.37 -28.49
N VAL A 19 19.05 -27.20 -28.21
CA VAL A 19 18.27 -26.16 -27.57
C VAL A 19 18.47 -24.82 -28.27
N THR A 20 17.69 -23.83 -27.84
CA THR A 20 17.84 -22.47 -28.31
C THR A 20 17.87 -21.57 -27.09
N ASN A 21 18.38 -20.37 -27.27
CA ASN A 21 18.50 -19.45 -26.17
C ASN A 21 17.15 -19.17 -25.53
N SER A 22 16.11 -19.07 -26.35
CA SER A 22 14.77 -18.74 -25.85
C SER A 22 13.96 -19.98 -25.43
N MET A 23 14.65 -21.05 -25.08
CA MET A 23 13.98 -22.24 -24.61
C MET A 23 13.82 -22.15 -23.09
N THR A 24 12.67 -22.56 -22.57
CA THR A 24 12.50 -22.56 -21.13
C THR A 24 13.10 -23.80 -20.47
N VAL A 25 13.35 -23.71 -19.17
CA VAL A 25 13.88 -24.85 -18.43
C VAL A 25 12.85 -25.98 -18.49
N SER A 26 11.59 -25.58 -18.52
CA SER A 26 10.49 -26.50 -18.60
C SER A 26 10.50 -27.26 -19.94
N GLU A 27 10.68 -26.54 -21.06
CA GLU A 27 10.78 -27.21 -22.37
C GLU A 27 12.02 -28.09 -22.44
N LEU A 28 13.10 -27.68 -21.78
CA LEU A 28 14.29 -28.50 -21.78
C LEU A 28 14.01 -29.86 -21.13
N LYS A 29 13.26 -29.84 -20.03
CA LYS A 29 12.88 -31.09 -19.34
C LYS A 29 11.97 -31.97 -20.23
N LYS A 30 11.09 -31.33 -21.00
CA LYS A 30 10.23 -32.11 -21.93
C LYS A 30 11.06 -32.75 -23.05
N GLN A 31 12.05 -32.02 -23.57
CA GLN A 31 13.01 -32.59 -24.52
C GLN A 31 13.79 -33.73 -23.91
N ILE A 32 14.24 -33.56 -22.69
CA ILE A 32 14.96 -34.67 -22.06
C ILE A 32 14.03 -35.90 -21.84
N ALA A 33 12.79 -35.63 -21.45
CA ALA A 33 11.84 -36.67 -21.16
C ALA A 33 11.54 -37.50 -22.45
N GLN A 34 11.42 -36.77 -23.56
CA GLN A 34 11.13 -37.33 -24.84
C GLN A 34 12.34 -38.12 -25.36
N LYS A 35 13.54 -37.66 -25.01
CA LYS A 35 14.76 -38.29 -25.46
C LYS A 35 15.09 -39.56 -24.69
N ILE A 36 15.07 -39.47 -23.37
CA ILE A 36 15.51 -40.61 -22.57
C ILE A 36 14.44 -41.19 -21.65
N GLY A 37 13.23 -40.66 -21.74
CA GLY A 37 12.12 -41.25 -21.01
C GLY A 37 11.99 -40.87 -19.53
N VAL A 38 12.85 -40.00 -19.00
CA VAL A 38 12.69 -39.57 -17.59
C VAL A 38 11.58 -38.55 -17.50
N PRO A 39 10.52 -38.85 -16.73
CA PRO A 39 9.42 -37.88 -16.66
C PRO A 39 9.92 -36.49 -16.18
N ALA A 40 9.39 -35.41 -16.74
CA ALA A 40 9.85 -34.09 -16.39
C ALA A 40 9.78 -33.81 -14.88
N PHE A 41 8.73 -34.29 -14.21
CA PHE A 41 8.49 -33.93 -12.82
C PHE A 41 9.58 -34.54 -11.93
N GLN A 42 10.36 -35.45 -12.50
CA GLN A 42 11.41 -36.12 -11.74
C GLN A 42 12.81 -35.55 -12.00
N GLN A 43 12.90 -34.62 -12.94
CA GLN A 43 14.19 -34.03 -13.33
C GLN A 43 14.52 -32.80 -12.46
N ARG A 44 15.63 -32.88 -11.76
CA ARG A 44 16.26 -31.70 -11.16
C ARG A 44 17.49 -31.33 -12.01
N LEU A 45 17.40 -30.18 -12.66
CA LEU A 45 18.50 -29.60 -13.43
C LEU A 45 19.22 -28.52 -12.59
N ALA A 46 20.56 -28.49 -12.68
CA ALA A 46 21.39 -27.48 -12.03
C ALA A 46 22.51 -27.05 -12.95
N HIS A 47 22.89 -25.80 -12.80
CA HIS A 47 24.02 -25.22 -13.47
C HIS A 47 24.84 -24.47 -12.43
N GLN A 48 26.13 -24.77 -12.34
CA GLN A 48 27.05 -24.19 -11.35
C GLN A 48 26.49 -24.43 -9.95
N THR A 49 25.89 -25.60 -9.77
CA THR A 49 25.31 -26.08 -8.50
C THR A 49 24.00 -25.41 -8.12
N ALA A 50 23.52 -24.48 -8.95
CA ALA A 50 22.23 -23.81 -8.71
C ALA A 50 21.11 -24.47 -9.53
N VAL A 51 20.06 -24.94 -8.85
CA VAL A 51 18.87 -25.53 -9.43
C VAL A 51 18.12 -24.54 -10.33
N LEU A 52 17.76 -25.00 -11.52
CA LEU A 52 17.13 -24.19 -12.56
C LEU A 52 15.62 -24.13 -12.36
N GLN A 53 14.99 -22.99 -12.60
CA GLN A 53 13.56 -22.83 -12.37
C GLN A 53 12.82 -22.89 -13.71
N ASP A 54 11.76 -23.68 -13.74
CA ASP A 54 11.04 -24.09 -14.94
C ASP A 54 10.66 -22.96 -15.91
N GLY A 55 10.28 -21.82 -15.37
CA GLY A 55 9.79 -20.72 -16.18
C GLY A 55 10.90 -19.88 -16.78
N LEU A 56 12.11 -20.12 -16.31
CA LEU A 56 13.24 -19.31 -16.70
C LEU A 56 13.72 -19.71 -18.09
N THR A 57 14.16 -18.72 -18.86
CA THR A 57 14.73 -19.00 -20.17
C THR A 57 16.16 -19.46 -19.96
N LEU A 58 16.70 -20.20 -20.93
CA LEU A 58 18.06 -20.72 -20.84
C LEU A 58 19.03 -19.56 -20.73
N SER A 59 19.18 -18.83 -21.84
CA SER A 59 19.99 -17.59 -21.89
C SER A 59 19.88 -16.76 -20.63
N SER A 60 18.70 -16.76 -20.01
CA SER A 60 18.44 -16.04 -18.77
C SER A 60 19.30 -16.58 -17.64
N LEU A 61 19.60 -17.88 -17.71
CA LEU A 61 20.48 -18.54 -16.77
C LEU A 61 21.92 -18.48 -17.30
N GLY A 62 22.09 -17.68 -18.37
CA GLY A 62 23.32 -17.56 -19.11
C GLY A 62 23.96 -18.88 -19.50
N LEU A 63 23.14 -19.80 -20.01
CA LEU A 63 23.60 -21.09 -20.52
C LEU A 63 24.07 -20.95 -21.97
N GLY A 64 25.11 -21.69 -22.34
CA GLY A 64 25.59 -21.67 -23.72
C GLY A 64 26.23 -22.98 -24.10
N PRO A 65 26.75 -23.07 -25.34
CA PRO A 65 27.33 -24.27 -25.94
C PRO A 65 28.46 -24.87 -25.11
N SER A 66 29.07 -24.04 -24.27
CA SER A 66 30.17 -24.46 -23.40
C SER A 66 29.67 -24.84 -22.04
N SER A 67 28.38 -24.61 -21.81
CA SER A 67 27.82 -24.85 -20.50
C SER A 67 27.53 -26.32 -20.26
N THR A 68 27.56 -26.70 -18.98
CA THR A 68 27.24 -28.04 -18.56
C THR A 68 26.14 -27.98 -17.50
N VAL A 69 25.06 -28.70 -17.77
CA VAL A 69 23.92 -28.78 -16.87
C VAL A 69 23.91 -30.14 -16.19
N MET A 70 23.72 -30.16 -14.88
CA MET A 70 23.68 -31.41 -14.16
C MET A 70 22.22 -31.86 -14.07
N LEU A 71 21.96 -33.14 -14.38
CA LEU A 71 20.63 -33.72 -14.23
C LEU A 71 20.69 -34.70 -13.07
N VAL A 72 19.77 -34.52 -12.12
CA VAL A 72 19.61 -35.48 -11.04
C VAL A 72 18.19 -36.05 -11.16
N VAL A 73 18.07 -37.38 -11.27
CA VAL A 73 16.77 -38.01 -11.32
C VAL A 73 16.38 -38.27 -9.90
N GLN A 74 15.30 -37.62 -9.47
CA GLN A 74 14.94 -37.65 -8.08
C GLN A 74 14.13 -38.91 -7.77
N ASN A 75 14.65 -39.75 -6.89
CA ASN A 75 13.94 -40.93 -6.48
C ASN A 75 12.81 -40.52 -5.52
N SER A 76 13.09 -39.59 -4.60
CA SER A 76 12.03 -38.95 -3.79
C SER A 76 12.01 -37.45 -4.07
N SER A 77 10.89 -36.88 -4.50
CA SER A 77 10.96 -35.49 -4.92
C SER A 77 10.53 -34.54 -3.80
N GLU A 78 10.38 -33.24 -4.10
CA GLU A 78 10.21 -32.21 -3.07
C GLU A 78 8.77 -32.09 -2.63
N PRO A 79 8.53 -31.74 -1.36
CA PRO A 79 7.11 -31.59 -0.97
C PRO A 79 6.36 -30.50 -1.75
N LEU A 80 5.09 -30.73 -2.02
CA LEU A 80 4.25 -29.68 -2.52
C LEU A 80 2.88 -29.79 -1.88
N SER A 81 2.11 -28.72 -1.98
CA SER A 81 0.78 -28.72 -1.42
C SER A 81 -0.23 -28.71 -2.55
N ILE A 82 -1.34 -29.41 -2.33
CA ILE A 82 -2.44 -29.33 -3.27
C ILE A 82 -3.75 -29.15 -2.55
N LEU A 83 -4.77 -28.80 -3.33
CA LEU A 83 -6.10 -28.73 -2.75
C LEU A 83 -6.88 -30.00 -3.18
N VAL A 84 -7.55 -30.64 -2.25
CA VAL A 84 -8.52 -31.69 -2.57
C VAL A 84 -9.92 -31.11 -2.27
N ARG A 85 -10.72 -30.99 -3.30
CA ARG A 85 -12.07 -30.49 -3.16
C ARG A 85 -13.08 -31.62 -3.10
N ASN A 86 -13.93 -31.61 -2.06
CA ASN A 86 -14.94 -32.64 -1.81
C ASN A 86 -16.26 -32.36 -2.52
N GLU A 87 -17.16 -33.34 -2.47
CA GLU A 87 -18.43 -33.22 -3.18
C GLU A 87 -19.33 -32.10 -2.61
N ARG A 88 -18.98 -31.57 -1.44
CA ARG A 88 -19.79 -30.48 -0.90
C ARG A 88 -19.19 -29.14 -1.34
N GLY A 89 -18.14 -29.21 -2.17
CA GLY A 89 -17.58 -28.00 -2.77
C GLY A 89 -16.61 -27.23 -1.90
N HIS A 90 -16.08 -27.89 -0.88
CA HIS A 90 -15.09 -27.30 0.02
C HIS A 90 -13.72 -27.93 -0.26
N SER A 91 -12.69 -27.11 -0.23
CA SER A 91 -11.31 -27.59 -0.49
C SER A 91 -10.48 -27.60 0.77
N ASN A 92 -9.58 -28.58 0.91
CA ASN A 92 -8.62 -28.61 2.03
C ASN A 92 -7.27 -28.87 1.48
N ILE A 93 -6.25 -28.48 2.25
CA ILE A 93 -4.88 -28.64 1.86
C ILE A 93 -4.38 -29.99 2.20
N TYR A 94 -3.71 -30.61 1.23
CA TYR A 94 -2.96 -31.84 1.42
C TYR A 94 -1.51 -31.65 0.96
N GLU A 95 -0.59 -32.24 1.70
CA GLU A 95 0.80 -32.26 1.31
C GLU A 95 1.15 -33.60 0.65
N VAL A 96 1.77 -33.56 -0.52
CA VAL A 96 2.14 -34.81 -1.24
C VAL A 96 3.53 -34.71 -1.83
N PHE A 97 4.03 -35.82 -2.37
CA PHE A 97 5.26 -35.80 -3.14
C PHE A 97 4.94 -36.42 -4.53
N LEU A 98 5.43 -35.86 -5.63
CA LEU A 98 5.00 -36.36 -6.95
C LEU A 98 5.50 -37.79 -7.28
N THR A 99 6.53 -38.23 -6.56
CA THR A 99 7.09 -39.56 -6.70
C THR A 99 6.30 -40.59 -5.87
N GLN A 100 5.27 -40.15 -5.16
CA GLN A 100 4.35 -41.04 -4.46
C GLN A 100 3.20 -41.51 -5.35
N THR A 101 2.60 -42.63 -4.99
CA THR A 101 1.45 -43.11 -5.75
C THR A 101 0.15 -42.39 -5.41
N VAL A 102 -0.78 -42.46 -6.34
CA VAL A 102 -2.12 -41.96 -6.12
C VAL A 102 -2.69 -42.63 -4.88
N ASP A 103 -2.38 -43.91 -4.69
CA ASP A 103 -2.86 -44.61 -3.51
C ASP A 103 -2.49 -43.86 -2.16
N THR A 104 -1.29 -43.28 -2.06
CA THR A 104 -0.90 -42.61 -0.77
C THR A 104 -1.76 -41.37 -0.49
N LEU A 105 -2.14 -40.66 -1.54
CA LEU A 105 -3.03 -39.53 -1.36
C LEU A 105 -4.41 -40.05 -0.99
N LYS A 106 -4.87 -41.15 -1.63
CA LYS A 106 -6.19 -41.69 -1.23
C LYS A 106 -6.22 -42.11 0.24
N LYS A 107 -5.12 -42.67 0.74
CA LYS A 107 -5.11 -43.10 2.14
C LYS A 107 -5.18 -41.88 3.09
N LYS A 108 -4.53 -40.80 2.69
CA LYS A 108 -4.56 -39.57 3.49
C LYS A 108 -5.95 -39.01 3.50
N VAL A 109 -6.61 -38.97 2.34
CA VAL A 109 -7.98 -38.50 2.26
C VAL A 109 -8.87 -39.40 3.09
N SER A 110 -8.63 -40.69 2.92
CA SER A 110 -9.39 -41.74 3.62
C SER A 110 -9.26 -41.61 5.13
N GLN A 111 -8.03 -41.35 5.59
CA GLN A 111 -7.79 -41.21 7.02
C GLN A 111 -8.38 -39.88 7.55
N ARG A 112 -8.28 -38.81 6.78
CA ARG A 112 -8.75 -37.54 7.26
C ARG A 112 -10.28 -37.48 7.32
N GLU A 113 -10.94 -38.07 6.35
CA GLU A 113 -12.39 -37.94 6.30
C GLU A 113 -13.04 -39.21 6.85
N GLN A 114 -12.20 -40.16 7.25
CA GLN A 114 -12.62 -41.43 7.83
C GLN A 114 -13.61 -42.17 6.85
N VAL A 115 -13.20 -42.35 5.61
CA VAL A 115 -14.03 -42.97 4.60
C VAL A 115 -13.25 -44.07 3.94
N HIS A 116 -13.90 -45.18 3.63
CA HIS A 116 -13.25 -46.30 2.95
C HIS A 116 -12.77 -45.84 1.57
N GLU A 117 -11.60 -46.30 1.15
CA GLU A 117 -11.07 -45.87 -0.14
C GLU A 117 -12.06 -46.22 -1.27
N ASP A 118 -12.88 -47.25 -1.08
CA ASP A 118 -13.83 -47.61 -2.13
C ASP A 118 -15.08 -46.72 -2.21
N GLN A 119 -15.24 -45.73 -1.32
CA GLN A 119 -16.42 -44.87 -1.38
C GLN A 119 -16.12 -43.66 -2.24
N PHE A 120 -14.89 -43.56 -2.78
CA PHE A 120 -14.55 -42.38 -3.58
C PHE A 120 -13.40 -42.58 -4.53
N TRP A 121 -13.27 -41.65 -5.47
CA TRP A 121 -12.10 -41.62 -6.33
C TRP A 121 -11.71 -40.18 -6.64
N LEU A 122 -10.51 -40.02 -7.14
CA LEU A 122 -9.95 -38.70 -7.42
C LEU A 122 -9.75 -38.48 -8.89
N SER A 123 -9.98 -37.24 -9.33
CA SER A 123 -9.66 -36.84 -10.68
C SER A 123 -8.85 -35.52 -10.66
N PHE A 124 -8.06 -35.33 -11.72
CA PHE A 124 -7.34 -34.07 -11.93
C PHE A 124 -7.61 -33.55 -13.31
N GLU A 125 -8.28 -32.41 -13.34
CA GLU A 125 -8.68 -31.77 -14.57
C GLU A 125 -9.44 -32.76 -15.48
N GLY A 126 -10.33 -33.56 -14.90
CA GLY A 126 -11.20 -34.40 -15.70
C GLY A 126 -10.66 -35.81 -15.95
N ARG A 127 -9.41 -36.02 -15.60
CA ARG A 127 -8.75 -37.32 -15.74
C ARG A 127 -8.83 -38.14 -14.43
N PRO A 128 -9.52 -39.31 -14.43
CA PRO A 128 -9.55 -40.18 -13.25
C PRO A 128 -8.11 -40.53 -12.90
N MET A 129 -7.80 -40.59 -11.62
CA MET A 129 -6.46 -40.88 -11.14
C MET A 129 -6.41 -42.33 -10.66
N GLU A 130 -5.40 -43.09 -11.06
CA GLU A 130 -5.32 -44.53 -10.76
C GLU A 130 -4.45 -44.81 -9.60
N ASP A 131 -4.92 -45.69 -8.71
CA ASP A 131 -4.21 -45.93 -7.44
C ASP A 131 -2.71 -46.12 -7.53
N LYS A 132 -2.28 -46.90 -8.53
CA LYS A 132 -0.90 -47.35 -8.61
C LYS A 132 -0.01 -46.40 -9.37
N GLU A 133 -0.62 -45.46 -10.07
CA GLU A 133 0.17 -44.52 -10.85
C GLU A 133 0.82 -43.49 -9.91
N LEU A 134 1.93 -42.90 -10.36
CA LEU A 134 2.59 -41.80 -9.60
C LEU A 134 1.85 -40.50 -9.83
N LEU A 135 1.67 -39.75 -8.71
CA LEU A 135 0.99 -38.47 -8.69
C LEU A 135 1.56 -37.55 -9.74
N GLY A 136 2.88 -37.65 -9.93
CA GLY A 136 3.55 -36.84 -10.94
C GLY A 136 3.06 -37.06 -12.36
N GLU A 137 2.51 -38.25 -12.63
CA GLU A 137 2.13 -38.50 -14.05
C GLU A 137 0.90 -37.68 -14.42
N TYR A 138 0.22 -37.13 -13.40
CA TYR A 138 -0.97 -36.33 -13.65
C TYR A 138 -0.70 -34.84 -13.86
N GLY A 139 0.56 -34.42 -13.78
CA GLY A 139 0.88 -33.02 -13.99
C GLY A 139 0.42 -32.10 -12.80
N LEU A 140 0.34 -32.64 -11.58
CA LEU A 140 -0.02 -31.82 -10.39
C LEU A 140 1.00 -30.70 -10.12
N LYS A 141 0.51 -29.52 -9.81
CA LYS A 141 1.37 -28.40 -9.49
C LYS A 141 0.94 -27.77 -8.14
N PRO A 142 1.83 -26.99 -7.52
CA PRO A 142 1.49 -26.36 -6.25
C PRO A 142 0.14 -25.72 -6.27
N GLN A 143 -0.64 -26.13 -5.28
CA GLN A 143 -1.97 -25.58 -5.01
C GLN A 143 -2.94 -25.87 -6.15
N CYS A 144 -2.66 -26.88 -7.01
CA CYS A 144 -3.71 -27.28 -7.95
C CYS A 144 -4.83 -27.98 -7.16
N THR A 145 -6.01 -28.14 -7.75
CA THR A 145 -7.11 -28.72 -7.06
C THR A 145 -7.45 -30.11 -7.66
N VAL A 146 -7.39 -31.17 -6.83
CA VAL A 146 -7.87 -32.53 -7.17
C VAL A 146 -9.31 -32.64 -6.68
N ILE A 147 -10.17 -33.23 -7.50
CA ILE A 147 -11.59 -33.35 -7.13
C ILE A 147 -11.88 -34.73 -6.57
N LYS A 148 -12.56 -34.77 -5.43
CA LYS A 148 -12.97 -36.05 -4.85
C LYS A 148 -14.42 -36.35 -5.21
N HIS A 149 -14.64 -37.53 -5.82
CA HIS A 149 -15.98 -37.99 -6.25
C HIS A 149 -16.47 -39.09 -5.34
N LEU A 150 -17.74 -39.05 -4.93
CA LEU A 150 -18.27 -40.10 -4.08
C LEU A 150 -18.93 -41.19 -4.85
N ARG A 151 -18.73 -42.39 -4.34
CA ARG A 151 -19.53 -43.55 -4.71
C ARG A 151 -20.28 -43.93 -3.41
N LEU A 152 -21.31 -43.17 -3.05
CA LEU A 152 -22.03 -43.40 -1.79
C LEU A 152 -23.24 -44.31 -2.05
N ARG A 153 -23.73 -44.96 -1.01
CA ARG A 153 -24.79 -45.94 -1.19
C ARG A 153 -26.14 -45.32 -0.86
N GLY A 154 -27.15 -45.65 -1.67
CA GLY A 154 -28.54 -45.37 -1.35
C GLY A 154 -29.16 -46.53 -0.58
N GLY A 155 -30.36 -46.39 -0.02
CA GLY A 155 -31.08 -47.56 0.51
C GLY A 155 -31.58 -47.74 1.95
N ALA B 2 4.62 -48.73 22.42
CA ALA B 2 3.86 -47.90 21.48
C ALA B 2 2.37 -47.92 21.82
N TRP B 3 1.82 -46.72 22.06
CA TRP B 3 0.40 -46.57 22.40
C TRP B 3 -0.32 -45.57 21.50
N ASP B 4 -1.66 -45.58 21.57
CA ASP B 4 -2.49 -44.76 20.70
C ASP B 4 -2.94 -43.46 21.38
N LEU B 5 -2.65 -42.34 20.73
CA LEU B 5 -3.01 -41.02 21.23
C LEU B 5 -4.27 -40.51 20.56
N LYS B 6 -5.27 -40.09 21.33
CA LYS B 6 -6.44 -39.49 20.71
C LYS B 6 -6.13 -38.04 20.32
N VAL B 7 -6.22 -37.76 19.03
CA VAL B 7 -6.06 -36.42 18.48
C VAL B 7 -7.40 -36.00 17.91
N LYS B 8 -7.97 -34.90 18.34
CA LYS B 8 -9.28 -34.52 17.84
C LYS B 8 -9.15 -33.28 17.05
N MET B 9 -9.69 -33.28 15.85
CA MET B 9 -9.60 -32.08 15.04
C MET B 9 -10.85 -31.30 15.30
N LEU B 10 -10.66 -30.04 15.66
CA LEU B 10 -11.74 -29.11 15.95
C LEU B 10 -12.54 -28.85 14.67
N GLY B 11 -13.85 -29.00 14.73
CA GLY B 11 -14.59 -28.80 13.49
C GLY B 11 -14.55 -30.01 12.54
N GLY B 12 -13.69 -31.00 12.83
CA GLY B 12 -13.58 -32.17 11.94
C GLY B 12 -13.53 -33.51 12.68
N ASN B 13 -12.68 -34.45 12.27
CA ASN B 13 -12.81 -35.83 12.80
C ASN B 13 -11.77 -36.13 13.86
N ASP B 14 -12.05 -37.16 14.65
CA ASP B 14 -11.14 -37.60 15.70
C ASP B 14 -10.30 -38.75 15.24
N PHE B 15 -9.04 -38.79 15.64
CA PHE B 15 -8.15 -39.82 15.14
C PHE B 15 -7.34 -40.43 16.26
N LEU B 16 -6.71 -41.55 15.96
CA LEU B 16 -5.70 -42.11 16.84
C LEU B 16 -4.38 -42.06 16.11
N VAL B 17 -3.31 -41.77 16.86
CA VAL B 17 -1.98 -41.77 16.30
C VAL B 17 -1.11 -42.63 17.21
N SER B 18 -0.39 -43.56 16.60
CA SER B 18 0.47 -44.43 17.37
C SER B 18 1.74 -43.66 17.67
N VAL B 19 2.03 -43.53 18.96
CA VAL B 19 3.14 -42.70 19.42
C VAL B 19 4.00 -43.44 20.43
N THR B 20 5.11 -42.82 20.82
CA THR B 20 5.96 -43.37 21.85
C THR B 20 6.19 -42.29 22.90
N ASN B 21 6.61 -42.70 24.09
CA ASN B 21 6.82 -41.78 25.20
C ASN B 21 7.84 -40.68 24.89
N SER B 22 8.92 -41.07 24.20
CA SER B 22 9.99 -40.16 23.86
C SER B 22 9.80 -39.50 22.50
N MET B 23 8.55 -39.35 22.07
CA MET B 23 8.30 -38.69 20.80
C MET B 23 8.23 -37.18 21.04
N THR B 24 8.84 -36.40 20.17
CA THR B 24 8.72 -34.96 20.31
C THR B 24 7.42 -34.47 19.66
N VAL B 25 6.97 -33.29 20.08
CA VAL B 25 5.76 -32.69 19.53
C VAL B 25 5.97 -32.47 18.02
N SER B 26 7.19 -32.15 17.60
CA SER B 26 7.49 -31.97 16.17
C SER B 26 7.36 -33.28 15.38
N GLU B 27 7.84 -34.38 15.95
CA GLU B 27 7.69 -35.70 15.36
C GLU B 27 6.23 -36.09 15.33
N LEU B 28 5.48 -35.74 16.37
CA LEU B 28 4.05 -36.03 16.36
C LEU B 28 3.38 -35.34 15.17
N LYS B 29 3.75 -34.09 14.91
CA LYS B 29 3.18 -33.36 13.79
C LYS B 29 3.51 -34.02 12.46
N LYS B 30 4.73 -34.58 12.35
CA LYS B 30 5.11 -35.29 11.11
C LYS B 30 4.32 -36.58 10.93
N GLN B 31 4.05 -37.32 12.00
CA GLN B 31 3.19 -38.48 11.92
C GLN B 31 1.81 -38.02 11.48
N ILE B 32 1.31 -36.93 12.05
CA ILE B 32 -0.01 -36.45 11.62
C ILE B 32 -0.02 -36.04 10.11
N ALA B 33 1.07 -35.43 9.67
CA ALA B 33 1.18 -35.00 8.30
C ALA B 33 1.16 -36.21 7.35
N GLN B 34 1.85 -37.27 7.75
CA GLN B 34 1.86 -38.49 6.94
C GLN B 34 0.53 -39.24 6.95
N LYS B 35 -0.20 -39.16 8.06
CA LYS B 35 -1.45 -39.91 8.19
C LYS B 35 -2.62 -39.25 7.45
N ILE B 36 -2.87 -37.95 7.69
CA ILE B 36 -4.02 -37.29 7.11
C ILE B 36 -3.63 -36.16 6.17
N GLY B 37 -2.33 -35.96 5.99
CA GLY B 37 -1.86 -35.03 4.95
C GLY B 37 -1.87 -33.55 5.27
N VAL B 38 -2.19 -33.19 6.51
CA VAL B 38 -2.09 -31.77 6.95
C VAL B 38 -0.64 -31.37 7.18
N PRO B 39 -0.15 -30.40 6.42
CA PRO B 39 1.26 -30.04 6.60
C PRO B 39 1.57 -29.62 8.06
N ALA B 40 2.74 -30.01 8.56
CA ALA B 40 3.15 -29.71 9.90
C ALA B 40 3.02 -28.22 10.25
N PHE B 41 3.40 -27.32 9.33
CA PHE B 41 3.45 -25.89 9.64
C PHE B 41 2.07 -25.34 9.84
N GLN B 42 1.08 -26.16 9.61
CA GLN B 42 -0.27 -25.68 9.72
C GLN B 42 -0.89 -26.21 10.99
N GLN B 43 -0.21 -27.16 11.63
CA GLN B 43 -0.83 -27.81 12.77
C GLN B 43 -0.57 -27.02 14.09
N ARG B 44 -1.65 -26.61 14.76
CA ARG B 44 -1.53 -26.15 16.14
C ARG B 44 -2.09 -27.23 17.06
N LEU B 45 -1.24 -27.88 17.84
CA LEU B 45 -1.67 -28.86 18.80
C LEU B 45 -1.80 -28.22 20.19
N ALA B 46 -2.85 -28.56 20.94
CA ALA B 46 -2.98 -28.09 22.33
C ALA B 46 -3.50 -29.24 23.19
N HIS B 47 -3.11 -29.19 24.46
CA HIS B 47 -3.55 -30.11 25.48
C HIS B 47 -3.98 -29.33 26.71
N GLN B 48 -5.22 -29.52 27.15
CA GLN B 48 -5.71 -28.77 28.32
C GLN B 48 -5.51 -27.27 28.11
N THR B 49 -5.82 -26.86 26.88
CA THR B 49 -5.76 -25.48 26.42
C THR B 49 -4.32 -24.95 26.17
N ALA B 50 -3.30 -25.75 26.48
CA ALA B 50 -1.93 -25.28 26.28
C ALA B 50 -1.32 -25.73 24.95
N VAL B 51 -0.93 -24.78 24.12
CA VAL B 51 -0.26 -25.08 22.86
C VAL B 51 1.08 -25.74 23.11
N LEU B 52 1.31 -26.85 22.43
CA LEU B 52 2.49 -27.67 22.62
C LEU B 52 3.70 -27.09 21.89
N GLN B 53 4.85 -27.20 22.52
CA GLN B 53 6.07 -26.68 21.92
C GLN B 53 6.84 -27.80 21.23
N ASP B 54 7.28 -27.53 20.00
CA ASP B 54 7.83 -28.56 19.12
C ASP B 54 8.87 -29.47 19.79
N GLY B 55 9.71 -28.93 20.69
CA GLY B 55 10.81 -29.70 21.25
C GLY B 55 10.48 -30.66 22.38
N LEU B 56 9.28 -30.52 22.97
CA LEU B 56 8.92 -31.27 24.17
C LEU B 56 8.53 -32.69 23.88
N THR B 57 8.90 -33.59 24.79
CA THR B 57 8.51 -34.98 24.64
C THR B 57 7.05 -35.17 25.06
N LEU B 58 6.41 -36.22 24.54
CA LEU B 58 5.01 -36.49 24.85
C LEU B 58 4.87 -36.71 26.33
N SER B 59 5.42 -37.82 26.81
CA SER B 59 5.45 -38.17 28.22
C SER B 59 5.66 -37.00 29.19
N SER B 60 6.47 -36.02 28.79
CA SER B 60 6.73 -34.85 29.67
C SER B 60 5.50 -33.98 29.89
N LEU B 61 4.63 -33.92 28.89
CA LEU B 61 3.37 -33.18 28.98
C LEU B 61 2.33 -34.13 29.55
N GLY B 62 2.74 -34.90 30.56
CA GLY B 62 2.10 -36.16 30.94
C GLY B 62 0.96 -36.68 30.08
N LEU B 63 1.26 -36.90 28.80
CA LEU B 63 0.32 -37.47 27.82
C LEU B 63 0.29 -39.00 27.91
N GLY B 64 -0.86 -39.60 27.70
CA GLY B 64 -0.94 -41.05 27.72
C GLY B 64 -2.08 -41.53 26.87
N PRO B 65 -2.32 -42.85 26.85
CA PRO B 65 -3.40 -43.47 26.10
C PRO B 65 -4.77 -42.87 26.43
N SER B 66 -4.93 -42.30 27.63
CA SER B 66 -6.20 -41.71 28.04
C SER B 66 -6.30 -40.22 27.73
N SER B 67 -5.19 -39.64 27.29
CA SER B 67 -5.16 -38.20 27.06
C SER B 67 -5.85 -37.81 25.76
N THR B 68 -6.27 -36.55 25.69
CA THR B 68 -6.84 -35.98 24.49
C THR B 68 -6.09 -34.72 24.04
N VAL B 69 -5.59 -34.77 22.82
CA VAL B 69 -4.86 -33.65 22.24
C VAL B 69 -5.71 -33.02 21.17
N MET B 70 -5.80 -31.70 21.20
CA MET B 70 -6.61 -30.92 20.27
C MET B 70 -5.78 -30.49 19.05
N LEU B 71 -6.30 -30.73 17.85
CA LEU B 71 -5.65 -30.28 16.64
C LEU B 71 -6.49 -29.22 15.98
N VAL B 72 -5.86 -28.10 15.70
CA VAL B 72 -6.49 -27.02 14.94
C VAL B 72 -5.68 -26.83 13.67
N VAL B 73 -6.33 -26.91 12.52
CA VAL B 73 -5.59 -26.69 11.31
C VAL B 73 -5.80 -25.23 11.04
N GLN B 74 -4.70 -24.50 10.94
CA GLN B 74 -4.79 -23.05 10.89
C GLN B 74 -4.91 -22.56 9.47
N ASN B 75 -5.97 -21.85 9.19
CA ASN B 75 -6.08 -21.36 7.83
C ASN B 75 -5.11 -20.20 7.63
N SER B 76 -4.74 -19.51 8.72
CA SER B 76 -3.70 -18.50 8.62
C SER B 76 -2.74 -18.81 9.77
N SER B 77 -1.47 -19.08 9.51
CA SER B 77 -0.62 -19.49 10.62
C SER B 77 0.09 -18.26 11.26
N GLU B 78 1.01 -18.50 12.19
CA GLU B 78 1.54 -17.41 13.02
C GLU B 78 2.66 -16.58 12.32
N PRO B 79 2.79 -15.27 12.62
CA PRO B 79 3.82 -14.48 11.92
C PRO B 79 5.23 -14.96 12.19
N LEU B 80 6.10 -14.91 11.19
CA LEU B 80 7.53 -15.16 11.43
C LEU B 80 8.29 -14.16 10.62
N SER B 81 9.54 -13.97 11.00
CA SER B 81 10.38 -13.08 10.27
C SER B 81 11.40 -13.92 9.51
N ILE B 82 11.72 -13.48 8.30
CA ILE B 82 12.79 -14.09 7.53
C ILE B 82 13.71 -13.02 7.02
N LEU B 83 14.87 -13.42 6.54
CA LEU B 83 15.80 -12.50 5.88
C LEU B 83 15.71 -12.73 4.36
N VAL B 84 15.61 -11.65 3.60
CA VAL B 84 15.76 -11.78 2.18
C VAL B 84 17.08 -11.10 1.79
N ARG B 85 18.00 -11.90 1.26
CA ARG B 85 19.35 -11.44 0.91
C ARG B 85 19.50 -11.18 -0.59
N ASN B 86 20.08 -10.03 -0.89
CA ASN B 86 20.36 -9.62 -2.27
C ASN B 86 21.55 -10.39 -2.76
N GLU B 87 21.75 -10.35 -4.06
CA GLU B 87 22.91 -10.99 -4.65
C GLU B 87 24.16 -10.26 -4.17
N ARG B 88 23.99 -8.99 -3.83
CA ARG B 88 25.08 -8.17 -3.30
C ARG B 88 25.46 -8.52 -1.87
N GLY B 89 24.69 -9.39 -1.23
CA GLY B 89 25.04 -9.73 0.12
C GLY B 89 24.19 -9.11 1.23
N HIS B 90 23.55 -7.97 0.99
CA HIS B 90 22.79 -7.36 2.08
C HIS B 90 21.42 -8.00 2.31
N SER B 91 21.10 -8.23 3.58
CA SER B 91 19.82 -8.82 3.94
C SER B 91 18.87 -7.85 4.58
N ASN B 92 17.59 -8.06 4.33
CA ASN B 92 16.53 -7.28 4.96
C ASN B 92 15.52 -8.19 5.57
N ILE B 93 14.86 -7.69 6.60
CA ILE B 93 13.86 -8.47 7.29
C ILE B 93 12.49 -8.33 6.66
N TYR B 94 11.89 -9.50 6.44
CA TYR B 94 10.53 -9.57 5.98
C TYR B 94 9.70 -10.40 6.97
N GLU B 95 8.50 -9.90 7.22
CA GLU B 95 7.53 -10.64 7.99
C GLU B 95 6.56 -11.42 7.07
N VAL B 96 6.44 -12.71 7.29
CA VAL B 96 5.53 -13.54 6.46
C VAL B 96 4.73 -14.48 7.32
N PHE B 97 3.75 -15.15 6.69
CA PHE B 97 3.03 -16.29 7.27
C PHE B 97 3.20 -17.50 6.33
N LEU B 98 3.49 -18.66 6.88
CA LEU B 98 3.78 -19.84 6.09
C LEU B 98 2.57 -20.35 5.27
N THR B 99 1.36 -19.91 5.63
CA THR B 99 0.15 -20.26 4.87
C THR B 99 -0.02 -19.27 3.71
N GLN B 100 0.86 -18.29 3.59
CA GLN B 100 0.84 -17.38 2.44
C GLN B 100 1.61 -17.98 1.22
N THR B 101 1.28 -17.54 0.00
CA THR B 101 2.01 -17.98 -1.19
C THR B 101 3.35 -17.23 -1.36
N VAL B 102 4.25 -17.85 -2.09
CA VAL B 102 5.51 -17.26 -2.45
C VAL B 102 5.25 -15.95 -3.14
N ASP B 103 4.18 -15.94 -3.92
CA ASP B 103 3.86 -14.72 -4.62
C ASP B 103 3.67 -13.54 -3.62
N THR B 104 3.09 -13.79 -2.45
CA THR B 104 2.84 -12.63 -1.54
C THR B 104 4.16 -12.03 -1.07
N LEU B 105 5.17 -12.88 -0.89
CA LEU B 105 6.49 -12.43 -0.51
C LEU B 105 7.08 -11.66 -1.67
N LYS B 106 6.93 -12.13 -2.90
CA LYS B 106 7.49 -11.41 -4.04
C LYS B 106 6.89 -9.99 -4.16
N LYS B 107 5.61 -9.84 -3.85
CA LYS B 107 4.97 -8.57 -4.00
C LYS B 107 5.56 -7.63 -2.93
N LYS B 108 5.89 -8.17 -1.76
CA LYS B 108 6.52 -7.35 -0.72
C LYS B 108 7.92 -6.88 -1.12
N VAL B 109 8.72 -7.79 -1.66
CA VAL B 109 10.07 -7.43 -2.11
C VAL B 109 9.99 -6.42 -3.22
N SER B 110 9.07 -6.69 -4.13
CA SER B 110 8.81 -5.84 -5.30
C SER B 110 8.45 -4.39 -4.92
N GLN B 111 7.55 -4.23 -3.96
CA GLN B 111 7.12 -2.90 -3.55
C GLN B 111 8.23 -2.18 -2.79
N ARG B 112 8.94 -2.93 -1.96
CA ARG B 112 9.96 -2.35 -1.12
C ARG B 112 11.17 -1.94 -1.92
N GLU B 113 11.52 -2.72 -2.93
CA GLU B 113 12.72 -2.41 -3.70
C GLU B 113 12.34 -1.77 -5.03
N GLN B 114 11.03 -1.60 -5.23
CA GLN B 114 10.51 -0.99 -6.44
C GLN B 114 11.13 -1.64 -7.67
N VAL B 115 10.94 -2.96 -7.73
CA VAL B 115 11.35 -3.81 -8.82
C VAL B 115 10.14 -4.64 -9.22
N HIS B 116 9.96 -4.85 -10.52
CA HIS B 116 8.86 -5.67 -11.01
C HIS B 116 9.05 -7.09 -10.55
N GLU B 117 7.96 -7.80 -10.27
CA GLU B 117 8.09 -9.18 -9.81
C GLU B 117 8.80 -10.08 -10.84
N ASP B 118 8.66 -9.79 -12.14
CA ASP B 118 9.26 -10.66 -13.17
C ASP B 118 10.76 -10.42 -13.34
N GLN B 119 11.35 -9.51 -12.57
CA GLN B 119 12.77 -9.22 -12.77
C GLN B 119 13.65 -9.91 -11.73
N PHE B 120 13.03 -10.74 -10.91
CA PHE B 120 13.80 -11.51 -9.92
C PHE B 120 13.05 -12.78 -9.54
N TRP B 121 13.76 -13.74 -8.94
CA TRP B 121 13.11 -14.95 -8.42
C TRP B 121 13.75 -15.28 -7.06
N LEU B 122 13.10 -16.13 -6.26
CA LEU B 122 13.59 -16.40 -4.91
C LEU B 122 13.98 -17.85 -4.72
N SER B 123 15.02 -18.09 -3.92
CA SER B 123 15.35 -19.45 -3.59
C SER B 123 15.56 -19.63 -2.08
N PHE B 124 15.35 -20.83 -1.60
CA PHE B 124 15.63 -21.16 -0.22
C PHE B 124 16.46 -22.41 -0.23
N GLU B 125 17.69 -22.27 0.22
CA GLU B 125 18.61 -23.39 0.24
C GLU B 125 18.71 -24.08 -1.12
N GLY B 126 18.78 -23.26 -2.17
CA GLY B 126 19.08 -23.71 -3.50
C GLY B 126 17.85 -24.06 -4.28
N ARG B 127 16.74 -24.15 -3.57
CA ARG B 127 15.47 -24.56 -4.15
C ARG B 127 14.65 -23.38 -4.64
N PRO B 128 14.38 -23.35 -5.95
CA PRO B 128 13.59 -22.23 -6.48
C PRO B 128 12.24 -22.23 -5.84
N MET B 129 11.73 -21.04 -5.50
CA MET B 129 10.44 -20.92 -4.86
C MET B 129 9.40 -20.57 -5.89
N GLU B 130 8.30 -21.31 -5.91
CA GLU B 130 7.33 -21.19 -6.98
C GLU B 130 6.20 -20.28 -6.53
N ASP B 131 5.81 -19.35 -7.38
CA ASP B 131 4.86 -18.30 -7.05
C ASP B 131 3.63 -18.76 -6.32
N LYS B 132 3.07 -19.86 -6.80
CA LYS B 132 1.77 -20.28 -6.34
C LYS B 132 1.89 -21.20 -5.17
N GLU B 133 3.09 -21.68 -4.86
CA GLU B 133 3.23 -22.60 -3.73
C GLU B 133 3.11 -21.83 -2.37
N LEU B 134 2.79 -22.53 -1.30
CA LEU B 134 2.75 -21.96 0.04
C LEU B 134 4.16 -21.86 0.61
N LEU B 135 4.46 -20.75 1.26
CA LEU B 135 5.79 -20.56 1.83
C LEU B 135 6.17 -21.69 2.74
N GLY B 136 5.20 -22.26 3.48
CA GLY B 136 5.51 -23.37 4.40
C GLY B 136 6.06 -24.61 3.73
N GLU B 137 5.73 -24.79 2.45
CA GLU B 137 6.19 -26.02 1.80
C GLU B 137 7.72 -25.98 1.62
N TYR B 138 8.33 -24.80 1.78
CA TYR B 138 9.80 -24.70 1.66
C TYR B 138 10.53 -24.90 2.97
N GLY B 139 9.82 -25.11 4.06
CA GLY B 139 10.48 -25.33 5.33
C GLY B 139 11.12 -24.02 5.89
N LEU B 140 10.61 -22.85 5.54
CA LEU B 140 11.10 -21.58 6.10
C LEU B 140 10.99 -21.59 7.61
N LYS B 141 12.01 -21.09 8.27
CA LYS B 141 12.03 -21.01 9.72
C LYS B 141 12.37 -19.56 10.18
N PRO B 142 12.09 -19.22 11.44
CA PRO B 142 12.41 -17.84 11.91
C PRO B 142 13.82 -17.44 11.57
N GLN B 143 13.95 -16.30 10.89
CA GLN B 143 15.24 -15.69 10.56
C GLN B 143 16.08 -16.56 9.61
N CYS B 144 15.45 -17.52 8.92
CA CYS B 144 16.19 -18.21 7.87
C CYS B 144 16.41 -17.21 6.75
N THR B 145 17.29 -17.54 5.81
CA THR B 145 17.61 -16.61 4.77
C THR B 145 17.13 -17.11 3.37
N VAL B 146 16.26 -16.35 2.72
CA VAL B 146 15.86 -16.57 1.31
C VAL B 146 16.74 -15.70 0.41
N ILE B 147 17.20 -16.24 -0.72
CA ILE B 147 18.07 -15.50 -1.66
C ILE B 147 17.28 -14.97 -2.85
N LYS B 148 17.44 -13.70 -3.15
CA LYS B 148 16.80 -13.08 -4.30
C LYS B 148 17.79 -13.10 -5.43
N HIS B 149 17.42 -13.68 -6.57
CA HIS B 149 18.30 -13.74 -7.75
C HIS B 149 17.71 -12.80 -8.79
N LEU B 150 18.56 -12.07 -9.49
CA LEU B 150 18.12 -11.17 -10.55
C LEU B 150 18.08 -11.95 -11.85
N ARG B 151 17.19 -11.59 -12.77
CA ARG B 151 17.08 -12.36 -13.98
C ARG B 151 17.99 -11.80 -15.08
N LEU B 152 19.04 -12.57 -15.41
CA LEU B 152 20.00 -12.21 -16.46
C LEU B 152 19.33 -12.04 -17.83
N ALA C 2 -11.49 7.75 3.20
CA ALA C 2 -10.20 7.08 2.93
C ALA C 2 -9.30 7.85 1.94
N TRP C 3 -8.08 8.16 2.36
CA TRP C 3 -7.09 8.85 1.52
C TRP C 3 -5.71 8.18 1.53
N ASP C 4 -4.82 8.61 0.63
CA ASP C 4 -3.47 8.01 0.50
C ASP C 4 -2.42 8.78 1.30
N LEU C 5 -1.69 8.07 2.14
CA LEU C 5 -0.67 8.69 2.96
C LEU C 5 0.68 8.53 2.27
N LYS C 6 1.40 9.64 2.08
CA LYS C 6 2.73 9.59 1.49
C LYS C 6 3.73 9.15 2.56
N VAL C 7 4.36 8.01 2.32
CA VAL C 7 5.38 7.52 3.22
C VAL C 7 6.71 7.55 2.50
N LYS C 8 7.66 8.24 3.10
CA LYS C 8 8.97 8.42 2.50
C LYS C 8 9.91 7.62 3.35
N MET C 9 10.69 6.77 2.72
CA MET C 9 11.57 5.96 3.52
C MET C 9 12.97 6.51 3.43
N LEU C 10 13.58 6.57 4.61
CA LEU C 10 14.93 7.03 4.81
C LEU C 10 15.85 6.03 4.15
N GLY C 11 16.69 6.49 3.24
CA GLY C 11 17.57 5.56 2.56
C GLY C 11 16.93 4.86 1.38
N GLY C 12 15.60 4.79 1.30
CA GLY C 12 15.03 4.08 0.17
C GLY C 12 13.88 4.70 -0.60
N ASN C 13 12.74 4.02 -0.65
CA ASN C 13 11.73 4.43 -1.62
C ASN C 13 10.48 5.04 -1.01
N ASP C 14 9.80 5.86 -1.81
CA ASP C 14 8.58 6.51 -1.37
C ASP C 14 7.40 5.73 -1.88
N PHE C 15 6.39 5.59 -1.05
CA PHE C 15 5.18 4.91 -1.47
C PHE C 15 3.96 5.52 -0.81
N LEU C 16 2.80 5.07 -1.27
CA LEU C 16 1.52 5.53 -0.76
C LEU C 16 0.81 4.40 0.00
N VAL C 17 0.14 4.77 1.09
CA VAL C 17 -0.65 3.80 1.82
C VAL C 17 -2.06 4.34 2.02
N SER C 18 -3.05 3.50 1.79
CA SER C 18 -4.43 3.93 1.94
C SER C 18 -4.79 3.89 3.42
N VAL C 19 -5.24 5.02 3.96
CA VAL C 19 -5.56 5.11 5.38
C VAL C 19 -6.89 5.80 5.55
N THR C 20 -7.39 5.87 6.78
CA THR C 20 -8.57 6.66 7.13
C THR C 20 -8.26 7.58 8.31
N ASN C 21 -9.09 8.62 8.48
CA ASN C 21 -8.90 9.56 9.57
C ASN C 21 -8.89 8.83 10.90
N SER C 22 -9.73 7.80 11.04
CA SER C 22 -9.83 7.08 12.30
C SER C 22 -8.84 5.92 12.45
N MET C 23 -7.85 5.85 11.57
CA MET C 23 -6.86 4.80 11.66
C MET C 23 -5.84 5.16 12.73
N THR C 24 -5.42 4.17 13.50
CA THR C 24 -4.40 4.38 14.51
C THR C 24 -2.99 4.31 13.88
N VAL C 25 -1.99 4.91 14.54
CA VAL C 25 -0.61 4.84 14.02
C VAL C 25 -0.18 3.37 13.95
N SER C 26 -0.66 2.62 14.93
CA SER C 26 -0.37 1.19 15.06
C SER C 26 -0.96 0.40 13.87
N GLU C 27 -2.19 0.73 13.47
CA GLU C 27 -2.82 0.12 12.29
C GLU C 27 -2.12 0.56 11.02
N LEU C 28 -1.62 1.79 10.98
CA LEU C 28 -0.87 2.25 9.83
C LEU C 28 0.35 1.39 9.66
N LYS C 29 1.01 1.07 10.77
CA LYS C 29 2.21 0.27 10.65
C LYS C 29 1.87 -1.11 10.11
N LYS C 30 0.72 -1.64 10.51
CA LYS C 30 0.27 -2.95 10.06
C LYS C 30 0.04 -2.95 8.55
N GLN C 31 -0.54 -1.88 8.02
CA GLN C 31 -0.64 -1.70 6.58
C GLN C 31 0.73 -1.68 5.89
N ILE C 32 1.67 -0.96 6.49
CA ILE C 32 3.01 -0.90 5.92
C ILE C 32 3.71 -2.27 5.92
N ALA C 33 3.54 -3.02 7.01
CA ALA C 33 4.10 -4.35 7.10
C ALA C 33 3.46 -5.23 6.01
N GLN C 34 2.18 -5.06 5.75
CA GLN C 34 1.60 -5.91 4.70
C GLN C 34 2.07 -5.52 3.31
N LYS C 35 2.32 -4.23 3.11
CA LYS C 35 2.70 -3.74 1.80
C LYS C 35 4.17 -4.04 1.46
N ILE C 36 5.12 -3.75 2.37
CA ILE C 36 6.57 -3.94 2.07
C ILE C 36 7.23 -4.93 2.99
N GLY C 37 6.45 -5.48 3.90
CA GLY C 37 6.92 -6.58 4.72
C GLY C 37 7.77 -6.20 5.90
N VAL C 38 7.89 -4.89 6.18
CA VAL C 38 8.63 -4.46 7.35
C VAL C 38 7.75 -4.65 8.57
N PRO C 39 8.22 -5.47 9.51
CA PRO C 39 7.46 -5.78 10.72
C PRO C 39 7.14 -4.46 11.49
N ALA C 40 5.95 -4.33 12.06
CA ALA C 40 5.50 -3.09 12.74
C ALA C 40 6.48 -2.57 13.83
N PHE C 41 7.04 -3.48 14.62
CA PHE C 41 7.91 -3.14 15.72
C PHE C 41 9.24 -2.58 15.25
N GLN C 42 9.45 -2.59 13.95
CA GLN C 42 10.71 -2.13 13.42
C GLN C 42 10.55 -0.74 12.83
N GLN C 43 9.30 -0.30 12.75
CA GLN C 43 8.96 0.95 12.11
C GLN C 43 9.02 2.13 13.09
N ARG C 44 9.85 3.09 12.76
CA ARG C 44 9.80 4.39 13.44
C ARG C 44 9.12 5.34 12.48
N LEU C 45 7.92 5.76 12.78
CA LEU C 45 7.26 6.77 11.95
C LEU C 45 7.45 8.14 12.58
N ALA C 46 7.68 9.16 11.74
CA ALA C 46 7.79 10.54 12.21
C ALA C 46 7.06 11.47 11.26
N HIS C 47 6.56 12.55 11.82
CA HIS C 47 5.99 13.63 11.05
C HIS C 47 6.56 14.93 11.56
N GLN C 48 7.15 15.72 10.64
CA GLN C 48 7.79 16.98 11.01
C GLN C 48 8.85 16.80 12.10
N THR C 49 9.58 15.69 11.99
CA THR C 49 10.67 15.27 12.88
C THR C 49 10.19 14.72 14.24
N ALA C 50 8.89 14.69 14.48
CA ALA C 50 8.35 14.13 15.72
C ALA C 50 7.90 12.68 15.56
N VAL C 51 8.47 11.79 16.35
CA VAL C 51 8.10 10.39 16.36
C VAL C 51 6.63 10.19 16.74
N LEU C 52 5.92 9.37 15.99
CA LEU C 52 4.50 9.12 16.21
C LEU C 52 4.26 8.04 17.23
N GLN C 53 3.25 8.27 18.08
CA GLN C 53 2.95 7.27 19.08
C GLN C 53 1.83 6.36 18.59
N ASP C 54 2.09 5.05 18.70
CA ASP C 54 1.24 4.00 18.13
C ASP C 54 -0.26 4.10 18.41
N GLY C 55 -0.63 4.57 19.61
CA GLY C 55 -2.02 4.54 20.01
C GLY C 55 -2.82 5.69 19.43
N LEU C 56 -2.12 6.70 18.93
CA LEU C 56 -2.75 7.92 18.43
C LEU C 56 -3.40 7.66 17.05
N THR C 57 -4.49 8.34 16.74
CA THR C 57 -5.11 8.27 15.42
C THR C 57 -4.46 9.26 14.45
N LEU C 58 -4.64 9.03 13.16
CA LEU C 58 -4.04 9.87 12.13
C LEU C 58 -4.52 11.33 12.22
N SER C 59 -5.81 11.57 11.99
CA SER C 59 -6.44 12.89 12.18
C SER C 59 -5.98 13.56 13.48
N SER C 60 -5.69 12.74 14.47
CA SER C 60 -5.21 13.25 15.74
C SER C 60 -3.86 13.95 15.61
N LEU C 61 -3.01 13.45 14.69
CA LEU C 61 -1.71 14.07 14.40
C LEU C 61 -1.74 15.08 13.24
N GLY C 62 -2.94 15.56 12.91
CA GLY C 62 -3.19 16.43 11.76
C GLY C 62 -2.64 15.95 10.41
N LEU C 63 -2.71 14.64 10.17
CA LEU C 63 -2.25 14.08 8.90
C LEU C 63 -3.30 14.18 7.78
N GLY C 64 -2.83 14.34 6.54
CA GLY C 64 -3.69 14.35 5.37
C GLY C 64 -2.93 13.90 4.13
N PRO C 65 -3.62 13.83 2.98
CA PRO C 65 -3.02 13.33 1.73
C PRO C 65 -1.80 14.13 1.26
N SER C 66 -1.68 15.40 1.66
CA SER C 66 -0.55 16.26 1.28
C SER C 66 0.56 16.21 2.34
N SER C 67 0.31 15.49 3.43
CA SER C 67 1.30 15.32 4.50
C SER C 67 2.31 14.25 4.13
N THR C 68 3.49 14.36 4.73
CA THR C 68 4.52 13.37 4.52
C THR C 68 5.00 12.76 5.84
N VAL C 69 4.93 11.45 5.90
CA VAL C 69 5.40 10.71 7.05
C VAL C 69 6.70 9.99 6.71
N MET C 70 7.72 10.18 7.55
CA MET C 70 9.04 9.55 7.37
C MET C 70 9.00 8.20 8.06
N LEU C 71 9.53 7.20 7.38
CA LEU C 71 9.66 5.86 7.89
C LEU C 71 11.12 5.55 8.08
N VAL C 72 11.51 5.14 9.27
CA VAL C 72 12.87 4.65 9.46
C VAL C 72 12.72 3.20 9.89
N VAL C 73 13.40 2.31 9.18
CA VAL C 73 13.42 0.90 9.52
C VAL C 73 14.55 0.75 10.50
N GLN C 74 14.22 0.37 11.73
CA GLN C 74 15.22 0.43 12.79
C GLN C 74 15.96 -0.86 12.92
N ASN C 75 17.26 -0.83 12.78
CA ASN C 75 17.99 -2.09 12.92
C ASN C 75 18.02 -2.49 14.38
N SER C 76 18.05 -1.48 15.25
CA SER C 76 17.88 -1.75 16.65
C SER C 76 16.65 -0.95 17.11
N SER C 77 15.68 -1.62 17.72
CA SER C 77 14.44 -0.90 18.08
C SER C 77 14.56 -0.40 19.54
N GLU C 78 13.65 0.48 19.96
CA GLU C 78 13.81 1.19 21.24
C GLU C 78 13.65 0.26 22.45
N PRO C 79 14.36 0.51 23.54
CA PRO C 79 14.15 -0.41 24.66
C PRO C 79 12.71 -0.37 25.25
N LEU C 80 12.24 -1.52 25.75
CA LEU C 80 11.03 -1.61 26.53
C LEU C 80 11.29 -2.57 27.66
N SER C 81 10.46 -2.52 28.69
CA SER C 81 10.59 -3.45 29.80
C SER C 81 9.50 -4.53 29.69
N ILE C 82 9.84 -5.70 30.14
CA ILE C 82 8.84 -6.76 30.27
C ILE C 82 8.99 -7.47 31.58
N LEU C 83 8.00 -8.31 31.88
CA LEU C 83 8.06 -9.18 33.02
C LEU C 83 8.32 -10.60 32.58
N VAL C 84 9.25 -11.28 33.24
CA VAL C 84 9.43 -12.69 33.05
C VAL C 84 9.03 -13.39 34.35
N ARG C 85 7.97 -14.19 34.30
CA ARG C 85 7.47 -14.88 35.49
C ARG C 85 7.86 -16.36 35.42
N ASN C 86 8.50 -16.85 36.48
CA ASN C 86 8.90 -18.25 36.59
C ASN C 86 7.74 -19.11 37.05
N GLU C 87 7.85 -20.42 36.80
CA GLU C 87 6.83 -21.37 37.26
C GLU C 87 6.30 -21.09 38.68
N ARG C 88 7.18 -20.53 39.52
CA ARG C 88 6.86 -20.20 40.91
C ARG C 88 5.86 -19.06 41.08
N GLY C 89 5.67 -18.24 40.04
CA GLY C 89 4.74 -17.14 40.15
C GLY C 89 5.42 -15.79 40.33
N HIS C 90 6.71 -15.80 40.62
CA HIS C 90 7.47 -14.58 40.81
C HIS C 90 7.92 -13.93 39.50
N SER C 91 7.78 -12.60 39.42
CA SER C 91 8.17 -11.85 38.23
C SER C 91 9.42 -11.02 38.45
N ASN C 92 10.23 -10.89 37.41
CA ASN C 92 11.37 -9.98 37.41
C ASN C 92 11.24 -9.17 36.15
N ILE C 93 11.74 -7.95 36.20
CA ILE C 93 11.74 -7.03 35.07
C ILE C 93 12.97 -7.27 34.19
N TYR C 94 12.75 -7.34 32.88
CA TYR C 94 13.83 -7.42 31.91
C TYR C 94 13.70 -6.30 30.94
N GLU C 95 14.82 -5.65 30.58
CA GLU C 95 14.83 -4.71 29.45
C GLU C 95 15.30 -5.44 28.17
N VAL C 96 14.56 -5.28 27.08
CA VAL C 96 14.86 -5.92 25.78
C VAL C 96 14.57 -4.87 24.71
N PHE C 97 14.94 -5.16 23.45
CA PHE C 97 14.54 -4.42 22.23
C PHE C 97 13.81 -5.46 21.30
N LEU C 98 12.74 -5.12 20.60
CA LEU C 98 11.98 -6.12 19.89
C LEU C 98 12.75 -6.73 18.68
N THR C 99 13.83 -6.08 18.24
CA THR C 99 14.64 -6.56 17.13
C THR C 99 15.70 -7.51 17.58
N GLN C 100 15.74 -7.79 18.89
CA GLN C 100 16.68 -8.81 19.38
C GLN C 100 16.06 -10.20 19.28
N THR C 101 16.89 -11.24 19.32
CA THR C 101 16.34 -12.57 19.21
C THR C 101 15.80 -13.05 20.54
N VAL C 102 14.90 -14.03 20.47
CA VAL C 102 14.44 -14.71 21.66
C VAL C 102 15.60 -15.30 22.39
N ASP C 103 16.59 -15.78 21.66
CA ASP C 103 17.75 -16.36 22.32
C ASP C 103 18.48 -15.36 23.26
N THR C 104 18.55 -14.08 22.89
CA THR C 104 19.24 -13.09 23.74
C THR C 104 18.51 -12.90 25.08
N LEU C 105 17.19 -13.01 25.06
CA LEU C 105 16.43 -12.92 26.31
C LEU C 105 16.69 -14.12 27.19
N LYS C 106 16.72 -15.29 26.57
CA LYS C 106 16.97 -16.52 27.31
C LYS C 106 18.33 -16.48 27.96
N LYS C 107 19.28 -15.87 27.28
CA LYS C 107 20.60 -15.83 27.83
C LYS C 107 20.60 -14.85 29.03
N LYS C 108 19.80 -13.80 28.97
CA LYS C 108 19.65 -12.87 30.12
C LYS C 108 19.02 -13.57 31.31
N VAL C 109 17.94 -14.30 31.05
CA VAL C 109 17.28 -15.06 32.10
C VAL C 109 18.22 -16.11 32.67
N SER C 110 18.92 -16.80 31.77
CA SER C 110 19.85 -17.85 32.17
C SER C 110 20.93 -17.32 33.11
N GLN C 111 21.46 -16.14 32.78
CA GLN C 111 22.49 -15.50 33.60
C GLN C 111 21.93 -15.00 34.93
N ARG C 112 20.75 -14.40 34.89
CA ARG C 112 20.16 -13.80 36.09
C ARG C 112 19.61 -14.84 37.06
N GLU C 113 19.03 -15.93 36.58
CA GLU C 113 18.41 -16.88 37.50
C GLU C 113 19.26 -18.14 37.70
N GLN C 114 20.43 -18.13 37.08
CA GLN C 114 21.38 -19.21 37.18
C GLN C 114 20.78 -20.57 36.81
N VAL C 115 20.17 -20.61 35.64
CA VAL C 115 19.67 -21.84 35.08
C VAL C 115 20.12 -21.87 33.62
N HIS C 116 20.50 -23.06 33.17
CA HIS C 116 20.94 -23.27 31.79
C HIS C 116 19.83 -22.99 30.80
N GLU C 117 20.18 -22.54 29.61
CA GLU C 117 19.18 -22.23 28.59
C GLU C 117 18.37 -23.48 28.14
N ASP C 118 18.95 -24.67 28.17
CA ASP C 118 18.21 -25.83 27.68
C ASP C 118 17.25 -26.34 28.77
N GLN C 119 17.27 -25.70 29.94
CA GLN C 119 16.50 -26.23 31.05
C GLN C 119 15.19 -25.47 31.19
N PHE C 120 14.92 -24.59 30.24
CA PHE C 120 13.66 -23.86 30.23
C PHE C 120 13.33 -23.35 28.83
N TRP C 121 12.07 -22.97 28.66
CA TRP C 121 11.62 -22.27 27.47
C TRP C 121 10.60 -21.21 27.89
N LEU C 122 10.31 -20.28 26.98
CA LEU C 122 9.46 -19.13 27.26
C LEU C 122 8.23 -19.13 26.38
N SER C 123 7.12 -18.61 26.90
CA SER C 123 5.90 -18.50 26.11
C SER C 123 5.33 -17.12 26.26
N PHE C 124 4.58 -16.66 25.26
CA PHE C 124 3.87 -15.42 25.45
C PHE C 124 2.43 -15.62 25.00
N GLU C 125 1.53 -15.49 25.97
CA GLU C 125 0.11 -15.69 25.71
C GLU C 125 -0.13 -17.02 25.03
N GLY C 126 0.51 -18.06 25.55
CA GLY C 126 0.30 -19.43 25.17
C GLY C 126 1.16 -19.89 24.00
N ARG C 127 1.75 -18.91 23.32
CA ARG C 127 2.56 -19.16 22.16
C ARG C 127 4.02 -19.29 22.56
N PRO C 128 4.61 -20.47 22.34
CA PRO C 128 6.01 -20.84 22.58
C PRO C 128 6.90 -19.91 21.78
N MET C 129 7.98 -19.43 22.39
CA MET C 129 8.84 -18.48 21.70
C MET C 129 10.06 -19.23 21.22
N GLU C 130 10.38 -19.13 19.94
CA GLU C 130 11.52 -19.93 19.41
C GLU C 130 12.79 -19.09 19.38
N ASP C 131 13.88 -19.71 19.83
CA ASP C 131 15.17 -19.11 20.08
C ASP C 131 15.66 -18.16 18.99
N LYS C 132 15.52 -18.54 17.72
CA LYS C 132 16.10 -17.76 16.62
C LYS C 132 15.14 -16.68 16.12
N GLU C 133 13.90 -16.70 16.59
CA GLU C 133 12.90 -15.72 16.20
C GLU C 133 13.16 -14.35 16.91
N LEU C 134 12.73 -13.24 16.30
CA LEU C 134 12.83 -11.91 16.88
C LEU C 134 11.72 -11.73 17.91
N LEU C 135 12.07 -11.14 19.04
CA LEU C 135 11.10 -10.90 20.11
C LEU C 135 9.87 -10.18 19.59
N GLY C 136 10.06 -9.23 18.67
CA GLY C 136 8.90 -8.49 18.16
C GLY C 136 7.83 -9.35 17.49
N GLU C 137 8.21 -10.51 16.98
CA GLU C 137 7.20 -11.32 16.25
C GLU C 137 6.15 -11.86 17.22
N TYR C 138 6.42 -11.83 18.52
CA TYR C 138 5.38 -12.30 19.42
C TYR C 138 4.42 -11.20 19.90
N GLY C 139 4.65 -9.96 19.44
CA GLY C 139 3.82 -8.85 19.82
C GLY C 139 4.04 -8.41 21.29
N LEU C 140 5.24 -8.60 21.81
CA LEU C 140 5.56 -8.13 23.18
C LEU C 140 5.30 -6.64 23.31
N LYS C 141 4.78 -6.24 24.48
CA LYS C 141 4.49 -4.83 24.81
C LYS C 141 5.05 -4.43 26.20
N PRO C 142 5.22 -3.12 26.44
CA PRO C 142 5.77 -2.68 27.72
C PRO C 142 5.06 -3.36 28.91
N GLN C 143 5.82 -4.00 29.79
CA GLN C 143 5.27 -4.62 30.99
C GLN C 143 4.30 -5.77 30.66
N CYS C 144 4.38 -6.38 29.46
CA CYS C 144 3.59 -7.61 29.26
C CYS C 144 4.33 -8.68 30.04
N THR C 145 3.71 -9.83 30.24
CA THR C 145 4.31 -10.88 31.05
C THR C 145 4.66 -12.08 30.15
N VAL C 146 5.94 -12.45 30.05
CA VAL C 146 6.38 -13.65 29.35
C VAL C 146 6.54 -14.72 30.40
N ILE C 147 6.11 -15.95 30.10
CA ILE C 147 6.18 -17.05 31.07
C ILE C 147 7.36 -17.99 30.84
N LYS C 148 8.05 -18.31 31.93
CA LYS C 148 9.15 -19.24 31.89
C LYS C 148 8.69 -20.63 32.30
N HIS C 149 8.93 -21.63 31.45
CA HIS C 149 8.53 -22.99 31.75
C HIS C 149 9.79 -23.81 32.07
N LEU C 150 9.70 -24.67 33.09
CA LEU C 150 10.86 -25.47 33.45
C LEU C 150 10.87 -26.78 32.65
N ARG C 151 12.07 -27.26 32.33
CA ARG C 151 12.23 -28.44 31.48
C ARG C 151 13.28 -29.39 32.04
N ALA D 2 -22.82 -33.02 -3.41
CA ALA D 2 -23.58 -31.96 -4.08
C ALA D 2 -23.63 -30.72 -3.17
N TRP D 3 -24.08 -29.60 -3.71
CA TRP D 3 -24.07 -28.33 -2.97
C TRP D 3 -24.89 -27.33 -3.75
N ASP D 4 -25.23 -26.23 -3.09
CA ASP D 4 -26.13 -25.21 -3.58
C ASP D 4 -25.42 -24.04 -4.18
N LEU D 5 -25.82 -23.72 -5.41
CA LEU D 5 -25.26 -22.58 -6.10
C LEU D 5 -26.23 -21.40 -6.08
N LYS D 6 -25.72 -20.24 -5.67
CA LYS D 6 -26.50 -19.02 -5.71
C LYS D 6 -26.55 -18.46 -7.13
N VAL D 7 -27.76 -18.27 -7.63
CA VAL D 7 -27.94 -17.62 -8.91
C VAL D 7 -28.67 -16.30 -8.72
N LYS D 8 -28.15 -15.24 -9.31
CA LYS D 8 -28.70 -13.91 -9.17
C LYS D 8 -29.30 -13.45 -10.47
N MET D 9 -30.48 -12.87 -10.40
CA MET D 9 -31.16 -12.30 -11.54
C MET D 9 -31.11 -10.79 -11.58
N LEU D 10 -31.47 -10.19 -12.71
CA LEU D 10 -31.56 -8.74 -12.78
C LEU D 10 -32.66 -8.36 -11.82
N GLY D 11 -32.31 -7.46 -10.92
CA GLY D 11 -33.20 -7.04 -9.85
C GLY D 11 -32.36 -7.22 -8.60
N GLY D 12 -31.40 -8.13 -8.69
CA GLY D 12 -30.50 -8.38 -7.59
C GLY D 12 -30.81 -9.63 -6.78
N ASN D 13 -32.05 -10.10 -6.89
CA ASN D 13 -32.56 -11.22 -6.10
C ASN D 13 -31.98 -12.58 -6.56
N ASP D 14 -31.66 -13.45 -5.59
CA ASP D 14 -31.13 -14.78 -5.83
C ASP D 14 -32.12 -15.92 -5.68
N PHE D 15 -31.71 -17.10 -6.16
CA PHE D 15 -32.36 -18.36 -5.79
C PHE D 15 -31.25 -19.39 -5.72
N LEU D 16 -31.54 -20.57 -5.18
CA LEU D 16 -30.53 -21.61 -5.05
C LEU D 16 -30.86 -22.76 -6.01
N VAL D 17 -29.84 -23.39 -6.57
CA VAL D 17 -30.08 -24.59 -7.37
C VAL D 17 -29.11 -25.63 -6.88
N SER D 18 -29.53 -26.87 -6.76
CA SER D 18 -28.63 -27.92 -6.28
C SER D 18 -27.72 -28.36 -7.41
N VAL D 19 -26.41 -28.36 -7.19
CA VAL D 19 -25.49 -28.68 -8.26
C VAL D 19 -24.44 -29.64 -7.77
N THR D 20 -23.55 -30.04 -8.68
CA THR D 20 -22.41 -30.87 -8.31
C THR D 20 -21.15 -30.31 -8.91
N ASN D 21 -20.00 -30.75 -8.41
CA ASN D 21 -18.74 -30.31 -8.96
C ASN D 21 -18.57 -30.61 -10.48
N SER D 22 -18.89 -31.84 -10.88
CA SER D 22 -18.62 -32.16 -12.29
C SER D 22 -19.87 -31.98 -13.17
N MET D 23 -20.81 -31.17 -12.71
CA MET D 23 -21.98 -30.83 -13.50
C MET D 23 -21.51 -29.79 -14.52
N THR D 24 -21.98 -29.86 -15.76
CA THR D 24 -21.62 -28.85 -16.75
C THR D 24 -22.50 -27.59 -16.71
N VAL D 25 -21.98 -26.49 -17.27
CA VAL D 25 -22.76 -25.27 -17.35
C VAL D 25 -24.09 -25.50 -18.08
N SER D 26 -24.05 -26.38 -19.09
CA SER D 26 -25.24 -26.69 -19.84
C SER D 26 -26.29 -27.40 -18.96
N GLU D 27 -25.83 -28.38 -18.18
CA GLU D 27 -26.70 -29.05 -17.21
C GLU D 27 -27.19 -28.06 -16.14
N LEU D 28 -26.34 -27.10 -15.78
CA LEU D 28 -26.74 -26.08 -14.80
C LEU D 28 -27.91 -25.32 -15.38
N LYS D 29 -27.81 -24.98 -16.66
CA LYS D 29 -28.92 -24.23 -17.27
C LYS D 29 -30.24 -25.06 -17.28
N LYS D 30 -30.15 -26.38 -17.41
CA LYS D 30 -31.32 -27.24 -17.40
C LYS D 30 -31.99 -27.22 -16.01
N GLN D 31 -31.18 -27.21 -14.95
CA GLN D 31 -31.67 -27.04 -13.56
C GLN D 31 -32.41 -25.69 -13.33
N ILE D 32 -31.85 -24.64 -13.89
CA ILE D 32 -32.45 -23.32 -13.84
C ILE D 32 -33.75 -23.32 -14.64
N ALA D 33 -33.76 -24.01 -15.79
CA ALA D 33 -34.97 -24.08 -16.60
C ALA D 33 -36.07 -24.77 -15.81
N GLN D 34 -35.76 -25.85 -15.09
CA GLN D 34 -36.76 -26.51 -14.28
C GLN D 34 -37.19 -25.68 -13.05
N LYS D 35 -36.26 -24.92 -12.50
CA LYS D 35 -36.55 -24.19 -11.26
C LYS D 35 -37.45 -22.98 -11.50
N ILE D 36 -37.06 -22.11 -12.45
CA ILE D 36 -37.77 -20.86 -12.66
C ILE D 36 -38.35 -20.75 -14.07
N GLY D 37 -38.12 -21.76 -14.88
CA GLY D 37 -38.81 -21.84 -16.17
C GLY D 37 -38.23 -21.07 -17.35
N VAL D 38 -37.06 -20.48 -17.17
CA VAL D 38 -36.37 -19.79 -18.27
C VAL D 38 -35.72 -20.83 -19.17
N PRO D 39 -36.08 -20.87 -20.46
CA PRO D 39 -35.46 -21.90 -21.31
C PRO D 39 -33.94 -21.80 -21.31
N ALA D 40 -33.25 -22.93 -21.27
CA ALA D 40 -31.79 -22.94 -21.27
C ALA D 40 -31.23 -22.08 -22.40
N PHE D 41 -31.82 -22.16 -23.60
CA PHE D 41 -31.23 -21.43 -24.73
C PHE D 41 -31.33 -19.92 -24.56
N GLN D 42 -32.03 -19.48 -23.53
CA GLN D 42 -32.19 -18.03 -23.29
C GLN D 42 -31.30 -17.53 -22.15
N GLN D 43 -30.66 -18.48 -21.48
CA GLN D 43 -29.81 -18.19 -20.34
C GLN D 43 -28.38 -17.87 -20.70
N ARG D 44 -27.93 -16.67 -20.34
CA ARG D 44 -26.52 -16.33 -20.33
C ARG D 44 -26.07 -16.26 -18.88
N LEU D 45 -25.18 -17.18 -18.49
CA LEU D 45 -24.63 -17.20 -17.16
C LEU D 45 -23.28 -16.55 -17.24
N ALA D 46 -22.95 -15.80 -16.19
CA ALA D 46 -21.67 -15.17 -16.04
C ALA D 46 -21.20 -15.35 -14.64
N HIS D 47 -19.88 -15.46 -14.49
CA HIS D 47 -19.27 -15.46 -13.16
C HIS D 47 -18.12 -14.48 -13.20
N GLN D 48 -18.15 -13.49 -12.30
CA GLN D 48 -17.16 -12.44 -12.28
C GLN D 48 -17.08 -11.78 -13.66
N THR D 49 -18.25 -11.57 -14.27
CA THR D 49 -18.40 -10.90 -15.57
C THR D 49 -17.93 -11.79 -16.75
N ALA D 50 -17.47 -13.00 -16.48
CA ALA D 50 -17.08 -13.90 -17.58
C ALA D 50 -18.22 -14.83 -17.97
N VAL D 51 -18.65 -14.75 -19.23
CA VAL D 51 -19.70 -15.64 -19.73
C VAL D 51 -19.25 -17.09 -19.68
N LEU D 52 -20.10 -17.93 -19.08
CA LEU D 52 -19.75 -19.32 -18.84
C LEU D 52 -20.04 -20.17 -20.08
N GLN D 53 -19.13 -21.09 -20.42
CA GLN D 53 -19.33 -21.87 -21.65
C GLN D 53 -19.99 -23.19 -21.32
N ASP D 54 -21.00 -23.57 -22.10
CA ASP D 54 -21.87 -24.73 -21.78
C ASP D 54 -21.16 -26.01 -21.40
N GLY D 55 -19.97 -26.24 -21.97
CA GLY D 55 -19.27 -27.51 -21.78
C GLY D 55 -18.43 -27.67 -20.53
N LEU D 56 -18.18 -26.56 -19.84
CA LEU D 56 -17.27 -26.61 -18.71
C LEU D 56 -17.95 -27.16 -17.45
N THR D 57 -17.21 -27.88 -16.61
CA THR D 57 -17.74 -28.29 -15.31
C THR D 57 -17.69 -27.09 -14.33
N LEU D 58 -18.56 -27.09 -13.33
CA LEU D 58 -18.68 -26.01 -12.37
C LEU D 58 -17.37 -25.86 -11.62
N SER D 59 -16.86 -26.99 -11.15
CA SER D 59 -15.58 -27.06 -10.51
C SER D 59 -14.41 -26.43 -11.30
N SER D 60 -14.38 -26.61 -12.63
CA SER D 60 -13.26 -26.07 -13.45
C SER D 60 -13.35 -24.56 -13.44
N LEU D 61 -14.57 -24.06 -13.28
CA LEU D 61 -14.77 -22.63 -13.24
C LEU D 61 -14.56 -22.04 -11.85
N GLY D 62 -14.05 -22.85 -10.94
CA GLY D 62 -13.90 -22.52 -9.54
C GLY D 62 -15.16 -22.12 -8.81
N LEU D 63 -16.31 -22.56 -9.31
CA LEU D 63 -17.58 -22.28 -8.60
C LEU D 63 -17.71 -23.09 -7.33
N GLY D 64 -18.29 -22.51 -6.29
CA GLY D 64 -18.52 -23.22 -5.05
C GLY D 64 -19.75 -22.64 -4.35
N PRO D 65 -20.09 -23.19 -3.19
CA PRO D 65 -21.19 -22.76 -2.34
C PRO D 65 -21.11 -21.24 -1.92
N SER D 66 -19.95 -20.61 -1.99
CA SER D 66 -19.89 -19.17 -1.68
C SER D 66 -20.01 -18.30 -2.94
N SER D 67 -20.03 -18.95 -4.10
CA SER D 67 -20.05 -18.24 -5.37
C SER D 67 -21.44 -17.73 -5.72
N THR D 68 -21.46 -16.73 -6.59
CA THR D 68 -22.69 -16.22 -7.13
C THR D 68 -22.57 -16.21 -8.63
N VAL D 69 -23.53 -16.81 -9.31
CA VAL D 69 -23.54 -16.83 -10.76
C VAL D 69 -24.65 -15.86 -11.20
N MET D 70 -24.35 -15.02 -12.18
CA MET D 70 -25.31 -14.05 -12.71
C MET D 70 -26.03 -14.66 -13.93
N LEU D 71 -27.36 -14.54 -13.94
CA LEU D 71 -28.20 -14.98 -15.04
C LEU D 71 -28.75 -13.75 -15.70
N VAL D 72 -28.50 -13.64 -17.00
CA VAL D 72 -29.16 -12.62 -17.80
C VAL D 72 -30.08 -13.38 -18.78
N VAL D 73 -31.33 -12.97 -18.82
CA VAL D 73 -32.29 -13.56 -19.76
C VAL D 73 -32.19 -12.77 -21.06
N GLN D 74 -31.82 -13.44 -22.13
CA GLN D 74 -31.58 -12.72 -23.38
C GLN D 74 -32.83 -12.72 -24.23
N ASN D 75 -33.30 -11.53 -24.55
CA ASN D 75 -34.49 -11.41 -25.37
C ASN D 75 -34.13 -11.78 -26.83
N SER D 76 -32.87 -11.59 -27.18
CA SER D 76 -32.33 -12.08 -28.44
C SER D 76 -31.08 -12.88 -28.20
N SER D 77 -31.06 -14.11 -28.69
CA SER D 77 -29.97 -15.03 -28.42
C SER D 77 -28.94 -14.85 -29.52
N GLU D 78 -27.77 -15.46 -29.36
CA GLU D 78 -26.69 -15.20 -30.29
C GLU D 78 -26.89 -15.93 -31.62
N PRO D 79 -26.33 -15.36 -32.71
CA PRO D 79 -26.54 -16.06 -33.99
C PRO D 79 -25.96 -17.47 -33.99
N LEU D 80 -26.64 -18.39 -34.66
CA LEU D 80 -26.04 -19.69 -34.91
C LEU D 80 -26.39 -20.15 -36.30
N SER D 81 -25.60 -21.10 -36.82
CA SER D 81 -25.87 -21.66 -38.14
C SER D 81 -26.43 -23.06 -37.98
N ILE D 82 -27.38 -23.41 -38.85
CA ILE D 82 -27.90 -24.76 -38.93
C ILE D 82 -27.88 -25.22 -40.40
N LEU D 83 -28.05 -26.52 -40.61
CA LEU D 83 -28.17 -27.06 -41.94
C LEU D 83 -29.65 -27.32 -42.19
N VAL D 84 -30.14 -26.90 -43.34
CA VAL D 84 -31.47 -27.29 -43.74
C VAL D 84 -31.35 -28.22 -44.93
N ARG D 85 -31.80 -29.47 -44.78
CA ARG D 85 -31.67 -30.44 -45.88
C ARG D 85 -32.99 -30.60 -46.59
N ASN D 86 -32.95 -30.35 -47.89
CA ASN D 86 -34.12 -30.36 -48.76
C ASN D 86 -34.55 -31.73 -49.24
N GLU D 87 -35.71 -31.74 -49.89
CA GLU D 87 -36.28 -32.91 -50.53
C GLU D 87 -35.21 -33.77 -51.20
N ARG D 88 -34.54 -33.19 -52.19
CA ARG D 88 -33.48 -33.89 -52.93
C ARG D 88 -32.20 -34.26 -52.18
N GLY D 89 -32.12 -34.05 -50.86
CA GLY D 89 -30.93 -34.53 -50.18
C GLY D 89 -29.83 -33.54 -49.82
N HIS D 90 -29.76 -32.42 -50.54
CA HIS D 90 -28.71 -31.45 -50.30
C HIS D 90 -28.97 -30.51 -49.09
N SER D 91 -27.92 -30.21 -48.36
CA SER D 91 -28.04 -29.31 -47.21
C SER D 91 -27.49 -27.94 -47.52
N ASN D 92 -28.13 -26.92 -46.96
CA ASN D 92 -27.68 -25.55 -47.05
C ASN D 92 -27.62 -24.89 -45.68
N ILE D 93 -26.70 -23.94 -45.52
CA ILE D 93 -26.51 -23.26 -44.26
C ILE D 93 -27.52 -22.12 -44.10
N TYR D 94 -28.19 -22.11 -42.97
CA TYR D 94 -29.07 -21.00 -42.62
C TYR D 94 -28.62 -20.40 -41.27
N GLU D 95 -28.62 -19.08 -41.19
CA GLU D 95 -28.34 -18.40 -39.94
C GLU D 95 -29.65 -18.07 -39.21
N VAL D 96 -29.73 -18.48 -37.95
CA VAL D 96 -30.92 -18.21 -37.15
C VAL D 96 -30.57 -17.76 -35.74
N PHE D 97 -31.59 -17.30 -35.01
CA PHE D 97 -31.45 -17.05 -33.58
C PHE D 97 -32.49 -17.90 -32.86
N LEU D 98 -32.09 -18.56 -31.77
CA LEU D 98 -32.99 -19.52 -31.12
C LEU D 98 -34.20 -18.85 -30.50
N THR D 99 -34.14 -17.53 -30.32
CA THR D 99 -35.31 -16.83 -29.79
C THR D 99 -36.25 -16.47 -30.90
N GLN D 100 -35.88 -16.77 -32.14
CA GLN D 100 -36.79 -16.49 -33.26
C GLN D 100 -37.80 -17.63 -33.42
N THR D 101 -38.93 -17.33 -34.04
CA THR D 101 -39.95 -18.37 -34.25
C THR D 101 -39.59 -19.29 -35.40
N VAL D 102 -40.15 -20.51 -35.42
CA VAL D 102 -39.98 -21.40 -36.55
C VAL D 102 -40.39 -20.70 -37.80
N ASP D 103 -41.40 -19.85 -37.68
CA ASP D 103 -41.92 -19.17 -38.86
C ASP D 103 -40.85 -18.35 -39.61
N THR D 104 -39.96 -17.68 -38.87
CA THR D 104 -38.97 -16.82 -39.49
C THR D 104 -38.01 -17.68 -40.30
N LEU D 105 -37.73 -18.87 -39.80
CA LEU D 105 -36.88 -19.79 -40.57
C LEU D 105 -37.57 -20.26 -41.85
N LYS D 106 -38.86 -20.56 -41.75
CA LYS D 106 -39.65 -20.96 -42.90
C LYS D 106 -39.67 -19.84 -43.94
N LYS D 107 -39.74 -18.60 -43.49
CA LYS D 107 -39.73 -17.46 -44.41
C LYS D 107 -38.36 -17.30 -45.09
N LYS D 108 -37.30 -17.60 -44.37
CA LYS D 108 -35.98 -17.60 -44.99
C LYS D 108 -35.88 -18.72 -46.06
N VAL D 109 -36.37 -19.91 -45.73
CA VAL D 109 -36.38 -21.03 -46.65
C VAL D 109 -37.24 -20.70 -47.87
N SER D 110 -38.43 -20.16 -47.59
CA SER D 110 -39.37 -19.74 -48.61
C SER D 110 -38.78 -18.70 -49.55
N GLN D 111 -38.12 -17.69 -48.98
CA GLN D 111 -37.52 -16.61 -49.77
C GLN D 111 -36.34 -17.11 -50.58
N ARG D 112 -35.54 -17.95 -49.97
CA ARG D 112 -34.32 -18.44 -50.57
C ARG D 112 -34.64 -19.43 -51.68
N GLU D 113 -35.68 -20.25 -51.50
CA GLU D 113 -36.00 -21.27 -52.49
C GLU D 113 -37.22 -20.95 -53.38
N GLN D 114 -37.78 -19.75 -53.26
CA GLN D 114 -38.95 -19.38 -54.07
C GLN D 114 -40.07 -20.40 -53.96
N VAL D 115 -40.47 -20.69 -52.74
CA VAL D 115 -41.58 -21.59 -52.43
C VAL D 115 -42.50 -20.99 -51.38
N HIS D 116 -43.81 -21.14 -51.56
CA HIS D 116 -44.75 -20.66 -50.55
C HIS D 116 -44.55 -21.41 -49.25
N GLU D 117 -44.79 -20.74 -48.13
CA GLU D 117 -44.59 -21.38 -46.85
C GLU D 117 -45.51 -22.59 -46.67
N ASP D 118 -46.70 -22.58 -47.30
CA ASP D 118 -47.65 -23.66 -47.06
C ASP D 118 -47.30 -24.93 -47.83
N GLN D 119 -46.22 -24.89 -48.61
CA GLN D 119 -45.86 -26.00 -49.47
C GLN D 119 -44.78 -26.89 -48.84
N PHE D 120 -44.40 -26.61 -47.61
CA PHE D 120 -43.44 -27.46 -46.91
C PHE D 120 -43.59 -27.34 -45.41
N TRP D 121 -43.02 -28.29 -44.70
CA TRP D 121 -42.90 -28.20 -43.25
C TRP D 121 -41.53 -28.71 -42.84
N LEU D 122 -41.13 -28.38 -41.62
CA LEU D 122 -39.80 -28.65 -41.09
C LEU D 122 -39.86 -29.56 -39.90
N SER D 123 -38.83 -30.38 -39.74
CA SER D 123 -38.69 -31.23 -38.57
C SER D 123 -37.27 -31.25 -38.05
N PHE D 124 -37.12 -31.59 -36.79
CA PHE D 124 -35.79 -31.73 -36.23
C PHE D 124 -35.73 -33.02 -35.45
N GLU D 125 -34.86 -33.92 -35.87
CA GLU D 125 -34.75 -35.24 -35.25
C GLU D 125 -36.11 -35.90 -35.15
N GLY D 126 -36.90 -35.75 -36.22
CA GLY D 126 -38.17 -36.44 -36.28
C GLY D 126 -39.32 -35.65 -35.68
N ARG D 127 -39.00 -34.57 -34.98
CA ARG D 127 -40.02 -33.79 -34.32
C ARG D 127 -40.51 -32.66 -35.22
N PRO D 128 -41.80 -32.66 -35.56
CA PRO D 128 -42.32 -31.57 -36.40
C PRO D 128 -42.10 -30.19 -35.74
N MET D 129 -41.72 -29.18 -36.49
CA MET D 129 -41.48 -27.87 -35.88
C MET D 129 -42.70 -26.97 -36.10
N GLU D 130 -43.19 -26.33 -35.05
CA GLU D 130 -44.45 -25.60 -35.18
C GLU D 130 -44.18 -24.13 -35.48
N ASP D 131 -44.90 -23.56 -36.44
CA ASP D 131 -44.65 -22.16 -36.89
C ASP D 131 -44.49 -21.16 -35.77
N LYS D 132 -45.34 -21.25 -34.74
CA LYS D 132 -45.39 -20.24 -33.68
C LYS D 132 -44.44 -20.49 -32.52
N GLU D 133 -43.87 -21.69 -32.49
CA GLU D 133 -42.91 -22.05 -31.44
C GLU D 133 -41.54 -21.44 -31.74
N LEU D 134 -40.76 -21.23 -30.68
CA LEU D 134 -39.39 -20.74 -30.77
C LEU D 134 -38.46 -21.87 -31.17
N LEU D 135 -37.51 -21.53 -32.05
CA LEU D 135 -36.54 -22.51 -32.55
C LEU D 135 -35.81 -23.24 -31.43
N GLY D 136 -35.49 -22.51 -30.35
CA GLY D 136 -34.78 -23.10 -29.22
C GLY D 136 -35.53 -24.23 -28.50
N GLU D 137 -36.86 -24.22 -28.59
CA GLU D 137 -37.63 -25.22 -27.87
C GLU D 137 -37.39 -26.59 -28.55
N TYR D 138 -36.86 -26.62 -29.77
CA TYR D 138 -36.58 -27.93 -30.40
C TYR D 138 -35.16 -28.43 -30.11
N GLY D 139 -34.38 -27.63 -29.38
CA GLY D 139 -33.04 -28.05 -29.04
C GLY D 139 -32.05 -28.03 -30.22
N LEU D 140 -32.28 -27.12 -31.17
CA LEU D 140 -31.34 -26.92 -32.27
C LEU D 140 -29.97 -26.56 -31.70
N LYS D 141 -28.90 -27.07 -32.32
CA LYS D 141 -27.54 -26.77 -31.90
C LYS D 141 -26.76 -26.33 -33.13
N PRO D 142 -25.59 -25.67 -32.94
CA PRO D 142 -24.79 -25.21 -34.07
C PRO D 142 -24.55 -26.32 -35.10
N GLN D 143 -24.84 -26.02 -36.38
CA GLN D 143 -24.62 -26.96 -37.45
C GLN D 143 -25.45 -28.26 -37.34
N CYS D 144 -26.53 -28.28 -36.56
CA CYS D 144 -27.43 -29.44 -36.60
C CYS D 144 -28.23 -29.44 -37.89
N THR D 145 -28.93 -30.53 -38.20
CA THR D 145 -29.67 -30.56 -39.45
C THR D 145 -31.19 -30.60 -39.23
N VAL D 146 -31.89 -29.62 -39.79
CA VAL D 146 -33.35 -29.56 -39.84
C VAL D 146 -33.76 -30.20 -41.18
N ILE D 147 -34.83 -31.01 -41.19
CA ILE D 147 -35.26 -31.65 -42.47
C ILE D 147 -36.44 -30.90 -43.08
N LYS D 148 -36.35 -30.61 -44.37
CA LYS D 148 -37.45 -29.96 -45.08
C LYS D 148 -38.30 -31.02 -45.79
N HIS D 149 -39.60 -31.05 -45.48
CA HIS D 149 -40.54 -32.03 -46.06
C HIS D 149 -41.48 -31.30 -46.99
N LEU D 150 -41.76 -31.88 -48.15
CA LEU D 150 -42.66 -31.30 -49.12
C LEU D 150 -44.07 -31.87 -48.87
N ARG D 151 -45.14 -31.12 -49.18
CA ARG D 151 -46.49 -31.70 -49.14
C ARG D 151 -46.80 -32.74 -50.23
N LEU D 152 -47.50 -33.80 -49.82
CA LEU D 152 -47.94 -34.93 -50.65
C LEU D 152 -49.43 -34.84 -50.98
N ARG D 153 -49.97 -35.86 -51.65
CA ARG D 153 -51.40 -36.09 -51.78
C ARG D 153 -51.69 -37.56 -51.42
N GLY D 154 -52.95 -38.01 -51.44
CA GLY D 154 -53.16 -39.43 -51.24
C GLY D 154 -52.99 -40.30 -52.49
N GLY D 155 -52.71 -41.58 -52.27
CA GLY D 155 -52.60 -42.53 -53.36
C GLY D 155 -53.20 -43.87 -52.96
N ALA E 2 38.22 0.05 23.11
CA ALA E 2 37.42 -0.27 24.28
C ALA E 2 38.09 -1.39 25.06
N TRP E 3 37.75 -1.54 26.35
CA TRP E 3 38.30 -2.63 27.17
C TRP E 3 37.16 -3.28 27.93
N ASP E 4 37.41 -4.44 28.55
CA ASP E 4 36.37 -5.23 29.22
C ASP E 4 36.34 -5.14 30.72
N LEU E 5 35.20 -4.70 31.24
CA LEU E 5 35.00 -4.59 32.68
C LEU E 5 34.23 -5.80 33.23
N LYS E 6 34.76 -6.46 34.24
CA LYS E 6 34.08 -7.58 34.89
C LYS E 6 32.97 -7.09 35.81
N VAL E 7 31.74 -7.51 35.56
CA VAL E 7 30.61 -7.19 36.45
C VAL E 7 30.09 -8.47 37.10
N LYS E 8 29.97 -8.49 38.41
CA LYS E 8 29.55 -9.69 39.14
C LYS E 8 28.27 -9.51 39.95
N MET E 9 27.36 -10.48 39.81
CA MET E 9 26.10 -10.47 40.55
C MET E 9 26.24 -11.35 41.76
N LEU E 10 25.64 -10.92 42.86
CA LEU E 10 25.75 -11.65 44.09
C LEU E 10 25.17 -13.04 43.97
N GLY E 11 26.00 -14.03 44.28
CA GLY E 11 25.60 -15.42 44.23
C GLY E 11 25.61 -15.99 42.83
N GLY E 12 25.46 -15.12 41.84
CA GLY E 12 25.36 -15.63 40.49
C GLY E 12 26.58 -15.52 39.59
N ASN E 13 26.36 -15.03 38.38
CA ASN E 13 27.38 -15.18 37.36
C ASN E 13 28.05 -13.88 37.06
N ASP E 14 29.29 -13.96 36.58
CA ASP E 14 29.99 -12.76 36.17
C ASP E 14 29.94 -12.61 34.68
N PHE E 15 29.91 -11.37 34.24
CA PHE E 15 29.92 -11.09 32.83
C PHE E 15 30.79 -9.89 32.55
N LEU E 16 31.02 -9.66 31.27
CA LEU E 16 31.88 -8.60 30.80
C LEU E 16 31.07 -7.56 30.06
N VAL E 17 31.49 -6.32 30.21
CA VAL E 17 30.88 -5.21 29.48
C VAL E 17 32.03 -4.40 28.85
N SER E 18 31.82 -3.94 27.63
CA SER E 18 32.78 -3.16 26.88
C SER E 18 32.71 -1.68 27.26
N VAL E 19 33.82 -1.11 27.73
CA VAL E 19 33.81 0.29 28.25
C VAL E 19 35.04 1.09 27.80
N THR E 20 35.05 2.38 28.16
CA THR E 20 36.24 3.23 28.00
C THR E 20 36.43 4.04 29.34
N ASN E 21 37.63 4.56 29.60
CA ASN E 21 37.87 5.20 30.88
C ASN E 21 36.95 6.40 31.15
N SER E 22 36.58 7.17 30.13
CA SER E 22 35.77 8.38 30.32
C SER E 22 34.28 8.08 30.34
N MET E 23 33.95 6.83 30.53
CA MET E 23 32.56 6.49 30.58
C MET E 23 32.09 6.79 31.98
N THR E 24 30.90 7.37 32.06
CA THR E 24 30.25 7.60 33.33
C THR E 24 29.53 6.35 33.77
N VAL E 25 29.25 6.31 35.07
CA VAL E 25 28.58 5.18 35.71
C VAL E 25 27.21 4.98 35.09
N SER E 26 26.61 6.11 34.76
CA SER E 26 25.31 6.14 34.13
C SER E 26 25.35 5.45 32.75
N GLU E 27 26.40 5.75 31.98
CA GLU E 27 26.60 5.06 30.70
C GLU E 27 26.96 3.60 30.93
N LEU E 28 27.67 3.32 32.02
CA LEU E 28 28.02 1.95 32.34
C LEU E 28 26.76 1.13 32.56
N LYS E 29 25.80 1.71 33.28
CA LYS E 29 24.54 1.03 33.57
C LYS E 29 23.74 0.72 32.30
N LYS E 30 23.75 1.65 31.36
CA LYS E 30 23.10 1.41 30.07
C LYS E 30 23.75 0.23 29.34
N GLN E 31 25.07 0.11 29.40
CA GLN E 31 25.78 -1.03 28.86
C GLN E 31 25.35 -2.33 29.53
N ILE E 32 25.21 -2.26 30.85
CA ILE E 32 24.79 -3.42 31.66
C ILE E 32 23.36 -3.84 31.35
N ALA E 33 22.52 -2.86 31.08
CA ALA E 33 21.14 -3.14 30.80
C ALA E 33 21.01 -3.98 29.52
N GLN E 34 21.82 -3.64 28.51
CA GLN E 34 21.84 -4.33 27.21
C GLN E 34 22.47 -5.70 27.34
N LYS E 35 23.44 -5.83 28.23
CA LYS E 35 24.16 -7.08 28.41
C LYS E 35 23.32 -8.06 29.21
N ILE E 36 22.72 -7.65 30.33
CA ILE E 36 22.03 -8.65 31.15
C ILE E 36 20.56 -8.38 31.40
N GLY E 37 20.08 -7.26 30.87
CA GLY E 37 18.65 -7.00 30.93
C GLY E 37 18.09 -6.38 32.20
N VAL E 38 18.93 -6.03 33.17
CA VAL E 38 18.49 -5.23 34.36
C VAL E 38 18.40 -3.77 33.98
N PRO E 39 17.20 -3.17 34.07
CA PRO E 39 17.01 -1.79 33.65
C PRO E 39 17.95 -0.88 34.47
N ALA E 40 18.48 0.13 33.81
CA ALA E 40 19.48 0.98 34.44
C ALA E 40 19.00 1.52 35.77
N PHE E 41 17.72 1.91 35.86
CA PHE E 41 17.23 2.58 37.07
C PHE E 41 17.11 1.61 38.22
N GLN E 42 17.31 0.33 37.98
CA GLN E 42 17.22 -0.70 39.03
C GLN E 42 18.60 -1.21 39.46
N GLN E 43 19.63 -0.71 38.80
CA GLN E 43 21.02 -1.12 39.08
C GLN E 43 21.70 -0.33 40.21
N ARG E 44 22.12 -1.07 41.23
CA ARG E 44 22.98 -0.57 42.27
C ARG E 44 24.36 -1.16 42.03
N LEU E 45 25.31 -0.33 41.62
CA LEU E 45 26.68 -0.80 41.40
C LEU E 45 27.56 -0.44 42.57
N ALA E 46 28.45 -1.33 42.94
CA ALA E 46 29.38 -0.98 44.00
C ALA E 46 30.78 -1.51 43.64
N HIS E 47 31.81 -0.80 44.08
CA HIS E 47 33.19 -1.26 43.93
C HIS E 47 33.89 -1.06 45.25
N GLN E 48 34.47 -2.14 45.79
CA GLN E 48 35.09 -2.10 47.09
C GLN E 48 34.13 -1.60 48.19
N THR E 49 32.88 -2.04 48.07
CA THR E 49 31.77 -1.75 48.98
C THR E 49 31.27 -0.31 48.88
N ALA E 50 31.88 0.49 47.99
CA ALA E 50 31.43 1.86 47.83
C ALA E 50 30.41 1.94 46.70
N VAL E 51 29.24 2.48 47.00
CA VAL E 51 28.21 2.62 45.96
C VAL E 51 28.70 3.59 44.88
N LEU E 52 28.53 3.22 43.62
CA LEU E 52 28.95 4.04 42.50
C LEU E 52 27.88 5.05 42.11
N GLN E 53 28.30 6.28 41.94
CA GLN E 53 27.41 7.42 41.64
C GLN E 53 27.37 7.72 40.16
N ASP E 54 26.16 7.94 39.66
CA ASP E 54 25.90 7.96 38.23
C ASP E 54 26.82 8.87 37.42
N GLY E 55 27.19 10.00 38.01
CA GLY E 55 27.94 11.04 37.34
C GLY E 55 29.44 10.86 37.24
N LEU E 56 29.97 9.89 37.98
CA LEU E 56 31.41 9.67 38.05
C LEU E 56 31.98 8.89 36.85
N THR E 57 33.19 9.24 36.40
CA THR E 57 33.81 8.43 35.32
C THR E 57 34.48 7.19 35.89
N LEU E 58 34.65 6.17 35.03
CA LEU E 58 35.31 4.92 35.41
C LEU E 58 36.76 5.24 35.83
N SER E 59 37.36 6.20 35.13
CA SER E 59 38.73 6.55 35.42
C SER E 59 38.77 7.23 36.80
N SER E 60 37.72 7.97 37.14
CA SER E 60 37.64 8.59 38.50
C SER E 60 37.55 7.57 39.61
N LEU E 61 36.91 6.42 39.34
CA LEU E 61 36.74 5.35 40.31
C LEU E 61 37.98 4.43 40.30
N GLY E 62 38.99 4.79 39.52
CA GLY E 62 40.17 3.96 39.37
C GLY E 62 39.91 2.54 38.81
N LEU E 63 38.81 2.36 38.10
CA LEU E 63 38.48 1.06 37.48
C LEU E 63 39.35 0.65 36.30
N GLY E 64 39.62 -0.66 36.19
CA GLY E 64 40.37 -1.25 35.09
C GLY E 64 39.98 -2.69 34.77
N PRO E 65 40.62 -3.30 33.75
CA PRO E 65 40.30 -4.65 33.28
C PRO E 65 40.44 -5.66 34.40
N SER E 66 41.25 -5.32 35.40
CA SER E 66 41.48 -6.25 36.49
C SER E 66 40.42 -6.04 37.59
N SER E 67 39.61 -5.00 37.44
CA SER E 67 38.61 -4.64 38.44
C SER E 67 37.32 -5.48 38.34
N THR E 68 36.62 -5.59 39.46
CA THR E 68 35.30 -6.25 39.51
C THR E 68 34.27 -5.29 40.13
N VAL E 69 33.18 -5.08 39.41
CA VAL E 69 32.11 -4.21 39.89
C VAL E 69 30.94 -5.10 40.31
N MET E 70 30.37 -4.83 41.49
CA MET E 70 29.26 -5.66 41.99
C MET E 70 27.93 -5.03 41.60
N LEU E 71 27.02 -5.86 41.08
CA LEU E 71 25.68 -5.42 40.70
C LEU E 71 24.62 -6.03 41.61
N VAL E 72 23.82 -5.17 42.19
CA VAL E 72 22.64 -5.57 42.95
C VAL E 72 21.38 -4.99 42.32
N VAL E 73 20.39 -5.84 42.10
CA VAL E 73 19.14 -5.35 41.55
C VAL E 73 18.27 -4.86 42.67
N GLN E 74 18.00 -3.56 42.68
CA GLN E 74 17.27 -2.94 43.78
C GLN E 74 15.81 -2.64 43.46
N ASN E 75 14.89 -3.31 44.13
CA ASN E 75 13.47 -3.06 43.87
C ASN E 75 13.08 -1.75 44.52
N SER E 76 13.90 -1.39 45.51
CA SER E 76 13.86 -0.12 46.24
C SER E 76 13.93 1.16 45.41
N SER E 77 13.00 2.07 45.65
CA SER E 77 12.99 3.33 44.93
C SER E 77 12.42 4.44 45.81
N GLU E 78 12.80 5.67 45.43
CA GLU E 78 12.44 6.87 46.17
C GLU E 78 12.09 7.93 45.17
N PRO E 79 11.21 8.85 45.56
CA PRO E 79 10.72 9.87 44.64
C PRO E 79 11.81 10.73 44.09
N LEU E 80 11.54 11.27 42.89
CA LEU E 80 12.33 12.32 42.33
C LEU E 80 11.34 13.32 41.75
N SER E 81 11.79 14.54 41.53
CA SER E 81 10.92 15.54 40.95
C SER E 81 11.25 15.69 39.48
N ILE E 82 10.22 15.89 38.68
CA ILE E 82 10.47 16.16 37.28
C ILE E 82 9.58 17.33 36.94
N LEU E 83 9.87 17.96 35.82
CA LEU E 83 9.03 19.01 35.28
C LEU E 83 8.16 18.49 34.13
N VAL E 84 6.90 18.85 34.13
CA VAL E 84 6.04 18.62 32.98
C VAL E 84 5.69 19.96 32.34
N ARG E 85 6.11 20.16 31.09
CA ARG E 85 5.90 21.44 30.42
C ARG E 85 4.68 21.28 29.52
N ASN E 86 3.70 22.16 29.68
CA ASN E 86 2.43 22.14 28.95
C ASN E 86 2.43 22.79 27.56
N GLU E 87 1.40 22.48 26.79
CA GLU E 87 1.18 23.04 25.45
C GLU E 87 1.56 24.53 25.23
N ARG E 88 1.84 25.29 26.28
CA ARG E 88 2.19 26.71 26.10
C ARG E 88 3.56 27.14 26.65
N GLY E 89 4.37 26.20 27.10
CA GLY E 89 5.68 26.57 27.61
C GLY E 89 5.86 26.55 29.13
N HIS E 90 4.80 26.70 29.91
CA HIS E 90 4.96 26.73 31.37
C HIS E 90 5.09 25.34 31.98
N SER E 91 5.96 25.23 32.97
CA SER E 91 6.25 23.94 33.61
C SER E 91 5.73 23.81 35.03
N ASN E 92 5.32 22.61 35.42
CA ASN E 92 4.92 22.36 36.80
C ASN E 92 5.72 21.16 37.33
N ILE E 93 5.96 21.12 38.64
CA ILE E 93 6.76 20.05 39.25
C ILE E 93 5.85 18.88 39.62
N TYR E 94 6.25 17.66 39.24
CA TYR E 94 5.55 16.46 39.66
C TYR E 94 6.58 15.61 40.38
N GLU E 95 6.18 15.05 41.50
CA GLU E 95 6.98 14.04 42.16
C GLU E 95 6.44 12.68 41.70
N VAL E 96 7.34 11.81 41.23
CA VAL E 96 7.03 10.47 40.73
C VAL E 96 8.08 9.49 41.27
N PHE E 97 7.83 8.19 41.11
CA PHE E 97 8.78 7.08 41.37
C PHE E 97 9.05 6.33 40.05
N LEU E 98 10.29 5.92 39.81
CA LEU E 98 10.66 5.37 38.52
C LEU E 98 10.00 3.99 38.28
N THR E 99 9.45 3.39 39.32
CA THR E 99 8.75 2.13 39.23
C THR E 99 7.30 2.30 38.86
N GLN E 100 6.85 3.54 38.76
CA GLN E 100 5.46 3.76 38.39
C GLN E 100 5.32 3.78 36.89
N THR E 101 4.11 3.51 36.44
CA THR E 101 3.87 3.49 35.01
C THR E 101 3.66 4.89 34.50
N VAL E 102 3.88 5.05 33.23
CA VAL E 102 3.60 6.31 32.57
C VAL E 102 2.14 6.72 32.88
N ASP E 103 1.24 5.73 32.94
CA ASP E 103 -0.17 6.01 33.21
C ASP E 103 -0.45 6.71 34.57
N THR E 104 0.29 6.35 35.61
CA THR E 104 0.12 7.04 36.90
C THR E 104 0.53 8.51 36.74
N LEU E 105 1.56 8.78 35.96
CA LEU E 105 1.91 10.18 35.72
C LEU E 105 0.83 10.84 34.89
N LYS E 106 0.26 10.15 33.87
CA LYS E 106 -0.78 10.82 33.06
C LYS E 106 -1.98 11.23 33.94
N LYS E 107 -2.30 10.39 34.92
CA LYS E 107 -3.45 10.62 35.79
C LYS E 107 -3.25 11.84 36.74
N LYS E 108 -2.02 12.04 37.20
CA LYS E 108 -1.69 13.20 38.02
C LYS E 108 -1.86 14.45 37.17
N VAL E 109 -1.37 14.42 35.93
CA VAL E 109 -1.47 15.57 35.05
C VAL E 109 -2.93 15.85 34.76
N SER E 110 -3.67 14.78 34.54
CA SER E 110 -5.10 14.89 34.27
C SER E 110 -5.83 15.56 35.43
N GLN E 111 -5.48 15.20 36.67
CA GLN E 111 -6.14 15.77 37.86
C GLN E 111 -5.78 17.23 38.03
N ARG E 112 -4.51 17.53 37.89
CA ARG E 112 -4.00 18.87 38.11
C ARG E 112 -4.38 19.85 37.01
N GLU E 113 -4.40 19.40 35.75
CA GLU E 113 -4.65 20.36 34.67
C GLU E 113 -6.07 20.27 34.08
N GLN E 114 -6.90 19.46 34.71
CA GLN E 114 -8.29 19.30 34.32
C GLN E 114 -8.49 18.93 32.86
N VAL E 115 -7.79 17.91 32.42
CA VAL E 115 -7.96 17.40 31.08
C VAL E 115 -7.98 15.87 31.11
N HIS E 116 -8.85 15.27 30.30
CA HIS E 116 -8.96 13.80 30.27
C HIS E 116 -7.69 13.16 29.74
N GLU E 117 -7.37 11.98 30.25
CA GLU E 117 -6.14 11.28 29.88
C GLU E 117 -6.05 10.93 28.40
N ASP E 118 -7.20 10.71 27.75
CA ASP E 118 -7.17 10.34 26.35
C ASP E 118 -7.05 11.61 25.53
N GLN E 119 -6.96 12.76 26.18
CA GLN E 119 -6.95 13.98 25.39
C GLN E 119 -5.52 14.53 25.24
N PHE E 120 -4.54 13.80 25.76
CA PHE E 120 -3.14 14.21 25.62
C PHE E 120 -2.15 13.07 25.74
N TRP E 121 -0.93 13.34 25.33
CA TRP E 121 0.17 12.41 25.54
C TRP E 121 1.46 13.11 25.94
N LEU E 122 2.38 12.30 26.44
CA LEU E 122 3.67 12.74 26.97
C LEU E 122 4.84 12.21 26.17
N SER E 123 5.90 13.02 26.08
CA SER E 123 7.16 12.62 25.48
C SER E 123 8.36 13.01 26.35
N PHE E 124 9.43 12.23 26.26
CA PHE E 124 10.65 12.60 26.94
C PHE E 124 11.75 12.55 25.90
N GLU E 125 12.32 13.72 25.65
CA GLU E 125 13.36 13.87 24.61
C GLU E 125 12.95 13.28 23.25
N GLY E 126 11.70 13.53 22.86
CA GLY E 126 11.20 13.18 21.55
C GLY E 126 10.56 11.81 21.50
N ARG E 127 10.80 11.04 22.55
CA ARG E 127 10.34 9.69 22.59
C ARG E 127 8.96 9.62 23.26
N PRO E 128 7.96 9.20 22.50
CA PRO E 128 6.63 9.10 23.13
C PRO E 128 6.70 8.13 24.25
N MET E 129 6.03 8.42 25.34
CA MET E 129 6.02 7.59 26.52
C MET E 129 4.74 6.75 26.52
N GLU E 130 4.86 5.45 26.76
CA GLU E 130 3.73 4.52 26.63
C GLU E 130 3.05 4.28 27.96
N ASP E 131 1.71 4.37 27.97
CA ASP E 131 0.89 4.29 29.20
C ASP E 131 1.32 3.16 30.16
N LYS E 132 1.64 1.98 29.62
CA LYS E 132 1.96 0.80 30.42
C LYS E 132 3.43 0.65 30.75
N GLU E 133 4.29 1.46 30.13
CA GLU E 133 5.72 1.36 30.40
C GLU E 133 6.08 2.04 31.76
N LEU E 134 7.18 1.63 32.40
CA LEU E 134 7.68 2.25 33.60
C LEU E 134 8.40 3.56 33.28
N LEU E 135 8.16 4.59 34.11
CA LEU E 135 8.82 5.88 33.94
C LEU E 135 10.32 5.71 33.86
N GLY E 136 10.86 4.75 34.62
CA GLY E 136 12.30 4.52 34.66
C GLY E 136 12.92 4.09 33.33
N GLU E 137 12.08 3.49 32.48
CA GLU E 137 12.59 3.00 31.17
C GLU E 137 12.89 4.18 30.29
N TYR E 138 12.38 5.35 30.63
CA TYR E 138 12.68 6.52 29.79
C TYR E 138 13.93 7.23 30.26
N GLY E 139 14.53 6.69 31.31
CA GLY E 139 15.75 7.33 31.82
C GLY E 139 15.50 8.71 32.47
N LEU E 140 14.34 8.94 33.04
CA LEU E 140 14.06 10.19 33.75
C LEU E 140 15.06 10.45 34.85
N LYS E 141 15.47 11.72 34.98
CA LYS E 141 16.38 12.17 36.04
C LYS E 141 15.81 13.39 36.85
N PRO E 142 16.31 13.64 38.08
CA PRO E 142 15.72 14.75 38.85
C PRO E 142 15.67 16.05 38.04
N GLN E 143 14.51 16.67 37.98
CA GLN E 143 14.35 17.94 37.27
C GLN E 143 14.53 17.85 35.77
N CYS E 144 14.42 16.65 35.17
CA CYS E 144 14.38 16.61 33.70
C CYS E 144 13.00 17.11 33.30
N THR E 145 12.80 17.39 32.02
CA THR E 145 11.53 17.95 31.53
C THR E 145 10.78 16.95 30.63
N VAL E 146 9.54 16.59 31.02
CA VAL E 146 8.64 15.81 30.19
C VAL E 146 7.70 16.77 29.47
N ILE E 147 7.44 16.54 28.19
CA ILE E 147 6.54 17.41 27.42
C ILE E 147 5.11 16.84 27.27
N LYS E 148 4.12 17.68 27.50
CA LYS E 148 2.71 17.31 27.35
C LYS E 148 2.18 17.79 26.04
N HIS E 149 1.60 16.89 25.24
CA HIS E 149 1.04 17.26 23.96
C HIS E 149 -0.50 17.11 23.96
N LEU E 150 -1.22 18.03 23.34
CA LEU E 150 -2.67 17.86 23.15
C LEU E 150 -2.94 17.11 21.85
N ARG E 151 -3.99 16.31 21.89
CA ARG E 151 -4.49 15.57 20.75
C ARG E 151 -5.49 16.43 20.00
N LEU E 152 -5.10 16.90 18.82
CA LEU E 152 -5.96 17.73 17.98
C LEU E 152 -6.57 16.89 16.87
N ARG E 153 -7.48 17.46 16.04
CA ARG E 153 -8.08 16.71 14.92
C ARG E 153 -7.87 17.38 13.55
N GLY E 154 -7.63 18.69 13.56
CA GLY E 154 -7.23 19.45 12.38
C GLY E 154 -5.74 19.46 12.11
N GLY E 155 -5.37 19.95 10.92
CA GLY E 155 -3.97 20.12 10.57
C GLY E 155 -3.63 21.48 9.95
N ALA F 2 -34.70 3.26 -49.83
CA ALA F 2 -35.62 2.34 -49.17
C ALA F 2 -36.20 1.32 -50.15
N TRP F 3 -35.74 1.40 -51.40
CA TRP F 3 -36.24 0.51 -52.46
C TRP F 3 -35.58 -0.88 -52.37
N ASP F 4 -36.10 -1.83 -53.13
CA ASP F 4 -35.64 -3.22 -53.07
C ASP F 4 -34.59 -3.59 -54.13
N LEU F 5 -33.44 -4.11 -53.69
CA LEU F 5 -32.39 -4.52 -54.62
C LEU F 5 -32.47 -6.02 -54.91
N LYS F 6 -32.50 -6.35 -56.19
CA LYS F 6 -32.54 -7.72 -56.65
C LYS F 6 -31.17 -8.39 -56.62
N VAL F 7 -31.09 -9.51 -55.90
CA VAL F 7 -29.86 -10.28 -55.85
C VAL F 7 -30.09 -11.64 -56.50
N LYS F 8 -29.21 -12.01 -57.43
CA LYS F 8 -29.38 -13.27 -58.16
C LYS F 8 -28.28 -14.29 -57.80
N MET F 9 -28.70 -15.52 -57.54
CA MET F 9 -27.76 -16.59 -57.23
C MET F 9 -27.54 -17.44 -58.47
N ASN F 13 -32.16 -18.08 -57.75
CA ASN F 13 -33.36 -17.24 -57.73
C ASN F 13 -33.08 -15.79 -57.36
N ASP F 14 -34.02 -14.93 -57.75
CA ASP F 14 -33.96 -13.51 -57.46
C ASP F 14 -34.86 -13.15 -56.28
N PHE F 15 -34.46 -12.16 -55.48
CA PHE F 15 -35.31 -11.66 -54.40
C PHE F 15 -35.15 -10.16 -54.17
N LEU F 16 -36.05 -9.60 -53.35
CA LEU F 16 -36.01 -8.19 -53.01
C LEU F 16 -35.61 -7.99 -51.54
N VAL F 17 -34.81 -6.96 -51.29
CA VAL F 17 -34.40 -6.57 -49.93
C VAL F 17 -34.53 -5.07 -49.68
N SER F 18 -34.93 -4.71 -48.47
CA SER F 18 -35.14 -3.31 -48.12
C SER F 18 -33.82 -2.54 -47.94
N VAL F 19 -33.70 -1.43 -48.67
CA VAL F 19 -32.47 -0.64 -48.72
C VAL F 19 -32.74 0.85 -48.50
N ASN F 21 -30.55 7.64 -46.35
CA ASN F 21 -30.34 7.03 -47.65
C ASN F 21 -29.09 6.14 -47.69
N SER F 22 -28.01 6.58 -47.04
CA SER F 22 -26.74 5.85 -47.10
C SER F 22 -26.60 4.79 -46.00
N MET F 23 -26.32 3.57 -46.44
CA MET F 23 -26.13 2.40 -45.58
C MET F 23 -24.86 1.66 -46.01
N THR F 24 -24.18 1.03 -45.07
CA THR F 24 -22.98 0.29 -45.45
C THR F 24 -23.35 -1.04 -46.12
N VAL F 25 -22.44 -1.55 -46.95
CA VAL F 25 -22.60 -2.85 -47.60
C VAL F 25 -22.64 -3.97 -46.56
N SER F 26 -21.91 -3.78 -45.46
CA SER F 26 -21.93 -4.77 -44.41
C SER F 26 -23.33 -4.91 -43.83
N GLU F 27 -24.01 -3.79 -43.63
CA GLU F 27 -25.40 -3.83 -43.21
C GLU F 27 -26.26 -4.43 -44.31
N LEU F 28 -25.88 -4.18 -45.56
CA LEU F 28 -26.59 -4.76 -46.69
C LEU F 28 -26.56 -6.29 -46.63
N LYS F 29 -25.37 -6.83 -46.35
CA LYS F 29 -25.20 -8.26 -46.22
C LYS F 29 -25.98 -8.77 -45.04
N LYS F 30 -26.07 -7.97 -43.99
CA LYS F 30 -26.86 -8.38 -42.83
C LYS F 30 -28.34 -8.44 -43.20
N GLN F 31 -28.80 -7.49 -44.01
CA GLN F 31 -30.17 -7.51 -44.52
C GLN F 31 -30.44 -8.75 -45.37
N ILE F 32 -29.47 -9.12 -46.21
CA ILE F 32 -29.62 -10.32 -47.02
C ILE F 32 -29.70 -11.56 -46.11
N ALA F 33 -28.90 -11.58 -45.05
CA ALA F 33 -28.88 -12.70 -44.10
C ALA F 33 -30.21 -12.86 -43.37
N GLN F 34 -30.82 -11.75 -43.00
CA GLN F 34 -32.11 -11.78 -42.34
C GLN F 34 -33.19 -12.23 -43.32
N LYS F 35 -33.04 -11.85 -44.59
CA LYS F 35 -34.11 -12.14 -45.53
C LYS F 35 -34.10 -13.60 -45.98
N ILE F 36 -32.92 -14.12 -46.35
CA ILE F 36 -32.86 -15.49 -46.88
C ILE F 36 -31.96 -16.41 -46.07
N GLY F 37 -31.40 -15.90 -45.00
CA GLY F 37 -30.67 -16.76 -44.07
C GLY F 37 -29.23 -17.14 -44.37
N VAL F 38 -28.66 -16.56 -45.42
CA VAL F 38 -27.24 -16.77 -45.69
C VAL F 38 -26.38 -15.90 -44.79
N PRO F 39 -25.49 -16.52 -44.01
CA PRO F 39 -24.59 -15.77 -43.11
C PRO F 39 -23.79 -14.76 -43.91
N ALA F 40 -23.56 -13.58 -43.34
CA ALA F 40 -22.85 -12.51 -44.05
C ALA F 40 -21.47 -12.95 -44.62
N PHE F 41 -20.74 -13.75 -43.86
CA PHE F 41 -19.36 -14.11 -44.25
C PHE F 41 -19.32 -15.05 -45.45
N GLN F 42 -20.47 -15.52 -45.90
CA GLN F 42 -20.58 -16.38 -47.08
C GLN F 42 -21.06 -15.57 -48.25
N GLN F 43 -21.39 -14.33 -48.02
CA GLN F 43 -21.90 -13.54 -49.13
C GLN F 43 -20.73 -12.87 -49.84
N ARG F 44 -20.50 -13.28 -51.08
CA ARG F 44 -19.60 -12.52 -51.92
C ARG F 44 -20.52 -11.86 -52.94
N LEU F 45 -20.65 -10.54 -52.84
CA LEU F 45 -21.43 -9.77 -53.79
C LEU F 45 -20.52 -9.14 -54.83
N ALA F 46 -20.98 -9.12 -56.07
CA ALA F 46 -20.23 -8.46 -57.13
C ALA F 46 -21.20 -7.72 -58.03
N HIS F 47 -20.75 -6.59 -58.57
CA HIS F 47 -21.54 -5.90 -59.60
C HIS F 47 -20.65 -5.54 -60.76
N GLN F 48 -21.04 -5.95 -61.96
CA GLN F 48 -20.22 -5.76 -63.14
C GLN F 48 -18.89 -6.48 -62.93
N THR F 49 -19.00 -7.63 -62.27
CA THR F 49 -17.86 -8.52 -61.97
C THR F 49 -16.97 -7.92 -60.89
N ALA F 50 -17.34 -6.74 -60.41
CA ALA F 50 -16.54 -6.08 -59.38
C ALA F 50 -17.04 -6.47 -58.00
N VAL F 51 -16.15 -7.12 -57.25
CA VAL F 51 -16.44 -7.55 -55.89
C VAL F 51 -16.66 -6.37 -54.96
N LEU F 52 -17.74 -6.44 -54.19
CA LEU F 52 -18.10 -5.35 -53.29
C LEU F 52 -17.34 -5.46 -51.98
N GLN F 53 -16.90 -4.31 -51.50
CA GLN F 53 -16.11 -4.21 -50.29
C GLN F 53 -16.91 -3.72 -49.10
N ASP F 54 -16.75 -4.40 -47.96
CA ASP F 54 -17.54 -4.16 -46.76
C ASP F 54 -17.66 -2.70 -46.33
N GLY F 55 -16.62 -1.91 -46.59
CA GLY F 55 -16.56 -0.54 -46.13
C GLY F 55 -17.34 0.50 -46.92
N LEU F 56 -17.82 0.15 -48.12
CA LEU F 56 -18.49 1.14 -48.99
C LEU F 56 -19.92 1.46 -48.54
N THR F 57 -20.32 2.72 -48.69
CA THR F 57 -21.68 3.18 -48.40
C THR F 57 -22.67 2.98 -49.55
N LEU F 58 -23.96 2.85 -49.22
CA LEU F 58 -25.01 2.72 -50.24
C LEU F 58 -25.01 3.97 -51.08
N SER F 59 -25.47 3.86 -52.32
CA SER F 59 -25.57 4.99 -53.24
C SER F 59 -24.18 5.38 -53.78
N SER F 60 -23.13 5.18 -52.98
CA SER F 60 -21.78 5.53 -53.39
C SER F 60 -21.30 4.72 -54.60
N LEU F 61 -21.69 3.45 -54.68
CA LEU F 61 -21.38 2.63 -55.85
C LEU F 61 -22.56 2.65 -56.81
N GLY F 62 -22.46 1.91 -57.91
CA GLY F 62 -23.49 1.91 -58.92
C GLY F 62 -24.77 1.29 -58.41
N LEU F 63 -25.74 1.16 -59.30
CA LEU F 63 -27.04 0.54 -59.02
C LEU F 63 -28.02 1.48 -58.32
N GLY F 64 -29.27 1.29 -58.71
CA GLY F 64 -30.41 2.01 -58.19
C GLY F 64 -31.44 0.94 -58.40
N PRO F 65 -32.73 1.25 -58.21
CA PRO F 65 -33.80 0.27 -58.41
C PRO F 65 -33.68 -0.40 -59.79
N SER F 66 -32.82 0.14 -60.66
CA SER F 66 -32.63 -0.36 -62.03
C SER F 66 -31.55 -1.46 -62.16
N SER F 67 -30.41 -1.30 -61.51
CA SER F 67 -29.31 -2.27 -61.61
C SER F 67 -29.49 -3.49 -60.67
N THR F 68 -28.85 -4.59 -61.04
CA THR F 68 -28.92 -5.86 -60.29
C THR F 68 -27.55 -6.42 -59.81
N VAL F 69 -27.48 -6.78 -58.53
CA VAL F 69 -26.25 -7.31 -57.91
C VAL F 69 -26.26 -8.83 -57.65
N MET F 70 -25.15 -9.48 -57.98
CA MET F 70 -24.97 -10.93 -57.85
C MET F 70 -24.41 -11.38 -56.49
N LEU F 71 -25.01 -12.42 -55.91
CA LEU F 71 -24.49 -13.01 -54.67
C LEU F 71 -24.01 -14.44 -54.93
N VAL F 72 -22.80 -14.75 -54.47
CA VAL F 72 -22.29 -16.12 -54.51
C VAL F 72 -22.01 -16.70 -53.11
N VAL F 73 -22.61 -17.84 -52.79
CA VAL F 73 -22.32 -18.47 -51.51
C VAL F 73 -21.13 -19.44 -51.62
N GLN F 74 -20.11 -19.24 -50.80
CA GLN F 74 -18.90 -20.06 -50.88
C GLN F 74 -18.90 -21.23 -49.93
N ASN F 75 -18.75 -22.42 -50.48
CA ASN F 75 -18.75 -23.62 -49.66
C ASN F 75 -17.44 -23.61 -48.86
N SER F 76 -16.39 -23.09 -49.51
CA SER F 76 -15.10 -22.76 -48.88
C SER F 76 -14.79 -21.27 -48.99
N SER F 77 -14.45 -20.66 -47.87
CA SER F 77 -14.18 -19.24 -47.83
C SER F 77 -12.67 -19.15 -47.91
N GLU F 78 -12.16 -17.98 -48.26
CA GLU F 78 -10.73 -17.83 -48.50
C GLU F 78 -10.03 -17.62 -47.17
N PRO F 79 -8.77 -18.06 -47.09
CA PRO F 79 -8.00 -18.02 -45.84
C PRO F 79 -7.87 -16.62 -45.27
N LEU F 80 -7.85 -16.52 -43.94
CA LEU F 80 -7.50 -15.27 -43.30
C LEU F 80 -6.64 -15.56 -42.08
N SER F 81 -5.97 -14.52 -41.58
CA SER F 81 -5.17 -14.70 -40.37
C SER F 81 -5.89 -14.10 -39.17
N ILE F 82 -5.75 -14.76 -38.03
CA ILE F 82 -6.25 -14.23 -36.78
C ILE F 82 -5.14 -14.39 -35.75
N LEU F 83 -5.30 -13.72 -34.62
CA LEU F 83 -4.38 -13.91 -33.51
C LEU F 83 -5.04 -14.78 -32.45
N VAL F 84 -4.30 -15.74 -31.92
CA VAL F 84 -4.77 -16.47 -30.75
C VAL F 84 -3.85 -16.08 -29.58
N ARG F 85 -4.42 -15.40 -28.58
CA ARG F 85 -3.63 -14.89 -27.47
C ARG F 85 -3.88 -15.75 -26.23
N ASN F 86 -2.82 -16.20 -25.57
CA ASN F 86 -2.99 -17.04 -24.39
C ASN F 86 -3.87 -16.35 -23.37
N GLU F 87 -3.30 -15.40 -22.65
CA GLU F 87 -4.08 -14.59 -21.72
C GLU F 87 -3.08 -13.55 -21.27
N ARG F 88 -1.82 -13.90 -21.51
CA ARG F 88 -0.67 -13.03 -21.40
C ARG F 88 -0.72 -12.16 -22.65
N GLY F 89 -0.03 -11.04 -22.67
CA GLY F 89 -0.01 -10.23 -23.87
C GLY F 89 0.43 -10.97 -25.14
N HIS F 90 0.77 -12.25 -25.01
CA HIS F 90 1.30 -13.00 -26.14
C HIS F 90 0.29 -13.58 -27.09
N SER F 91 0.39 -13.13 -28.33
CA SER F 91 -0.43 -13.57 -29.44
C SER F 91 0.37 -14.35 -30.47
N ASN F 92 -0.26 -15.33 -31.10
CA ASN F 92 0.34 -16.05 -32.21
C ASN F 92 -0.61 -16.01 -33.42
N ILE F 93 -0.03 -16.05 -34.62
CA ILE F 93 -0.82 -16.00 -35.85
C ILE F 93 -1.30 -17.37 -36.23
N TYR F 94 -2.61 -17.49 -36.50
CA TYR F 94 -3.22 -18.71 -37.05
C TYR F 94 -3.94 -18.41 -38.37
N GLU F 95 -3.81 -19.31 -39.33
CA GLU F 95 -4.58 -19.26 -40.58
C GLU F 95 -5.82 -20.16 -40.47
N VAL F 96 -6.98 -19.58 -40.74
CA VAL F 96 -8.26 -20.28 -40.65
C VAL F 96 -9.13 -19.98 -41.86
N PHE F 97 -10.22 -20.74 -42.00
CA PHE F 97 -11.27 -20.46 -42.97
C PHE F 97 -12.60 -20.32 -42.23
N LEU F 98 -13.38 -19.30 -42.56
CA LEU F 98 -14.56 -19.01 -41.77
C LEU F 98 -15.62 -20.12 -41.95
N THR F 99 -15.49 -20.94 -43.00
CA THR F 99 -16.43 -22.06 -43.22
C THR F 99 -15.99 -23.31 -42.44
N GLN F 100 -14.86 -23.24 -41.76
CA GLN F 100 -14.46 -24.33 -40.86
C GLN F 100 -15.03 -24.15 -39.45
N THR F 101 -15.08 -25.26 -38.71
CA THR F 101 -15.58 -25.25 -37.35
C THR F 101 -14.54 -24.72 -36.36
N VAL F 102 -15.04 -24.25 -35.22
CA VAL F 102 -14.21 -23.88 -34.11
C VAL F 102 -13.28 -25.02 -33.71
N ASP F 103 -13.79 -26.23 -33.79
CA ASP F 103 -13.03 -27.44 -33.46
C ASP F 103 -11.74 -27.57 -34.32
N THR F 104 -11.79 -27.19 -35.59
CA THR F 104 -10.57 -27.33 -36.42
C THR F 104 -9.49 -26.40 -35.91
N LEU F 105 -9.90 -25.22 -35.46
CA LEU F 105 -8.97 -24.24 -34.88
C LEU F 105 -8.43 -24.74 -33.53
N LYS F 106 -9.31 -25.36 -32.75
CA LYS F 106 -8.89 -25.94 -31.49
C LYS F 106 -7.84 -27.02 -31.74
N LYS F 107 -7.98 -27.79 -32.82
CA LYS F 107 -7.03 -28.85 -33.11
C LYS F 107 -5.68 -28.26 -33.52
N LYS F 108 -5.72 -27.17 -34.28
CA LYS F 108 -4.48 -26.49 -34.68
C LYS F 108 -3.75 -25.90 -33.46
N VAL F 109 -4.50 -25.26 -32.56
CA VAL F 109 -3.94 -24.74 -31.32
C VAL F 109 -3.43 -25.90 -30.52
N SER F 110 -4.25 -26.93 -30.42
CA SER F 110 -3.89 -28.14 -29.68
C SER F 110 -2.60 -28.74 -30.22
N GLN F 111 -2.49 -28.81 -31.54
CA GLN F 111 -1.31 -29.38 -32.18
C GLN F 111 -0.07 -28.51 -32.06
N ARG F 112 -0.22 -27.20 -32.24
CA ARG F 112 0.94 -26.32 -32.23
C ARG F 112 1.48 -26.22 -30.82
N GLU F 113 0.59 -26.20 -29.85
CA GLU F 113 0.97 -25.97 -28.47
C GLU F 113 0.98 -27.22 -27.60
N GLN F 114 0.72 -28.37 -28.23
CA GLN F 114 0.77 -29.66 -27.56
C GLN F 114 -0.04 -29.67 -26.26
N VAL F 115 -1.30 -29.27 -26.36
CA VAL F 115 -2.18 -29.32 -25.20
C VAL F 115 -3.46 -29.99 -25.65
N HIS F 116 -4.03 -30.83 -24.79
CA HIS F 116 -5.25 -31.54 -25.13
C HIS F 116 -6.39 -30.57 -25.32
N GLU F 117 -7.28 -30.88 -26.25
CA GLU F 117 -8.40 -30.00 -26.57
C GLU F 117 -9.37 -29.81 -25.40
N ASP F 118 -9.47 -30.79 -24.52
CA ASP F 118 -10.42 -30.67 -23.42
C ASP F 118 -9.84 -29.78 -22.31
N GLN F 119 -8.61 -29.29 -22.55
CA GLN F 119 -7.87 -28.53 -21.55
C GLN F 119 -7.89 -27.02 -21.78
N PHE F 120 -8.64 -26.56 -22.76
CA PHE F 120 -8.74 -25.12 -23.03
C PHE F 120 -10.02 -24.86 -23.81
N TRP F 121 -10.42 -23.61 -23.87
CA TRP F 121 -11.55 -23.22 -24.70
C TRP F 121 -11.26 -21.84 -25.26
N LEU F 122 -12.01 -21.44 -26.28
CA LEU F 122 -11.76 -20.18 -26.98
C LEU F 122 -12.90 -19.16 -26.87
N SER F 123 -12.54 -17.89 -26.85
CA SER F 123 -13.57 -16.87 -26.90
C SER F 123 -13.20 -15.76 -27.86
N PHE F 124 -14.22 -15.10 -28.36
CA PHE F 124 -14.02 -13.93 -29.19
C PHE F 124 -14.86 -12.79 -28.64
N GLU F 125 -14.18 -11.73 -28.22
CA GLU F 125 -14.85 -10.57 -27.67
C GLU F 125 -15.82 -10.92 -26.54
N GLY F 126 -15.36 -11.83 -25.68
CA GLY F 126 -16.10 -12.20 -24.49
C GLY F 126 -17.09 -13.34 -24.75
N ARG F 127 -17.32 -13.66 -26.03
CA ARG F 127 -18.30 -14.69 -26.41
C ARG F 127 -17.63 -16.03 -26.58
N PRO F 128 -18.00 -17.00 -25.75
CA PRO F 128 -17.38 -18.33 -25.82
C PRO F 128 -17.66 -18.97 -27.17
N MET F 129 -16.68 -19.65 -27.74
CA MET F 129 -16.87 -20.26 -29.06
C MET F 129 -17.20 -21.75 -28.91
N GLU F 130 -18.20 -22.21 -29.64
CA GLU F 130 -18.68 -23.61 -29.52
C GLU F 130 -18.03 -24.50 -30.61
N ASP F 131 -17.55 -25.67 -30.18
CA ASP F 131 -16.74 -26.57 -31.00
C ASP F 131 -17.30 -26.84 -32.39
N LYS F 132 -18.62 -27.04 -32.48
CA LYS F 132 -19.26 -27.46 -33.72
C LYS F 132 -19.74 -26.28 -34.57
N GLU F 133 -19.67 -25.07 -34.02
CA GLU F 133 -20.10 -23.89 -34.76
C GLU F 133 -19.05 -23.48 -35.82
N LEU F 134 -19.46 -22.77 -36.86
CA LEU F 134 -18.54 -22.23 -37.85
C LEU F 134 -17.82 -20.96 -37.35
N LEU F 135 -16.54 -20.86 -37.66
CA LEU F 135 -15.75 -19.70 -37.24
C LEU F 135 -16.41 -18.39 -37.69
N GLY F 136 -17.01 -18.42 -38.87
CA GLY F 136 -17.65 -17.23 -39.41
C GLY F 136 -18.81 -16.67 -38.61
N GLU F 137 -19.48 -17.50 -37.81
CA GLU F 137 -20.65 -17.03 -37.08
C GLU F 137 -20.27 -16.04 -35.95
N TYR F 138 -18.99 -16.06 -35.59
CA TYR F 138 -18.52 -15.21 -34.50
C TYR F 138 -18.06 -13.87 -35.05
N GLY F 139 -18.12 -13.75 -36.36
CA GLY F 139 -17.77 -12.52 -37.05
C GLY F 139 -16.27 -12.25 -37.05
N LEU F 140 -15.47 -13.31 -37.05
CA LEU F 140 -14.01 -13.13 -37.10
C LEU F 140 -13.60 -12.34 -38.32
N LYS F 141 -12.62 -11.45 -38.12
CA LYS F 141 -12.05 -10.65 -39.20
C LYS F 141 -10.52 -10.74 -39.20
N PRO F 142 -9.89 -10.41 -40.34
CA PRO F 142 -8.42 -10.51 -40.43
C PRO F 142 -7.71 -9.85 -39.26
N GLN F 143 -6.85 -10.62 -38.61
CA GLN F 143 -6.03 -10.10 -37.53
C GLN F 143 -6.79 -9.69 -36.26
N CYS F 144 -8.04 -10.12 -36.15
CA CYS F 144 -8.74 -9.93 -34.90
C CYS F 144 -8.14 -10.90 -33.92
N THR F 145 -8.46 -10.72 -32.64
CA THR F 145 -7.84 -11.51 -31.61
C THR F 145 -8.84 -12.45 -30.93
N VAL F 146 -8.50 -13.72 -30.95
CA VAL F 146 -9.19 -14.75 -30.21
C VAL F 146 -8.47 -15.01 -28.89
N ILE F 147 -9.23 -15.20 -27.81
CA ILE F 147 -8.60 -15.46 -26.53
C ILE F 147 -8.68 -16.94 -26.21
N LYS F 148 -7.55 -17.52 -25.82
CA LYS F 148 -7.51 -18.90 -25.38
C LYS F 148 -7.57 -19.03 -23.86
N HIS F 149 -8.52 -19.79 -23.32
CA HIS F 149 -8.59 -19.90 -21.86
C HIS F 149 -8.16 -21.29 -21.41
N LEU F 150 -7.39 -21.35 -20.34
CA LEU F 150 -6.91 -22.64 -19.84
C LEU F 150 -7.95 -23.19 -18.90
N ARG F 151 -8.03 -24.53 -18.85
CA ARG F 151 -9.02 -25.16 -18.00
C ARG F 151 -8.76 -24.79 -16.54
N LEU F 152 -7.50 -24.77 -16.13
CA LEU F 152 -7.11 -24.30 -14.79
C LEU F 152 -5.67 -23.81 -14.79
N ALA G 2 -8.87 3.54 57.95
CA ALA G 2 -8.60 4.83 57.31
C ALA G 2 -9.89 5.44 56.78
N TRP G 3 -9.97 6.75 56.70
CA TRP G 3 -11.16 7.36 56.12
C TRP G 3 -10.70 8.32 55.01
N ASP G 4 -11.63 8.76 54.19
CA ASP G 4 -11.31 9.63 53.06
C ASP G 4 -11.54 11.10 53.33
N LEU G 5 -10.49 11.91 53.12
CA LEU G 5 -10.57 13.37 53.23
C LEU G 5 -10.70 14.03 51.85
N LYS G 6 -11.69 14.87 51.67
CA LYS G 6 -11.88 15.62 50.43
C LYS G 6 -10.84 16.78 50.37
N VAL G 7 -10.02 16.78 49.32
CA VAL G 7 -9.07 17.85 49.01
C VAL G 7 -9.44 18.51 47.71
N LYS G 8 -9.52 19.83 47.73
CA LYS G 8 -9.93 20.60 46.56
C LYS G 8 -8.85 21.63 46.14
N MET G 9 -8.52 21.67 44.86
CA MET G 9 -7.57 22.61 44.25
C MET G 9 -8.26 23.71 43.48
N LEU G 10 -7.57 24.84 43.32
CA LEU G 10 -8.12 25.97 42.60
C LEU G 10 -8.41 25.51 41.19
N GLY G 11 -9.68 25.56 40.81
CA GLY G 11 -10.04 25.08 39.49
C GLY G 11 -9.98 23.57 39.58
N GLY G 12 -8.84 23.05 39.12
CA GLY G 12 -8.55 21.63 39.05
C GLY G 12 -9.73 20.72 39.26
N ASN G 13 -9.66 19.92 40.31
CA ASN G 13 -10.63 18.88 40.54
C ASN G 13 -10.52 18.48 41.98
N ASP G 14 -11.56 17.84 42.47
CA ASP G 14 -11.58 17.40 43.84
C ASP G 14 -11.08 15.97 43.84
N PHE G 15 -10.35 15.60 44.87
CA PHE G 15 -9.88 14.23 44.98
C PHE G 15 -9.90 13.80 46.43
N LEU G 16 -9.71 12.52 46.65
CA LEU G 16 -9.77 11.95 47.98
C LEU G 16 -8.40 11.44 48.38
N VAL G 17 -8.05 11.57 49.66
CA VAL G 17 -6.85 10.88 50.14
C VAL G 17 -7.23 10.13 51.38
N SER G 18 -6.59 8.98 51.57
CA SER G 18 -6.79 8.12 52.73
C SER G 18 -5.99 8.56 53.96
N VAL G 19 -6.68 8.91 55.04
CA VAL G 19 -6.04 9.49 56.23
C VAL G 19 -6.55 8.85 57.52
N THR G 20 -5.90 9.20 58.63
CA THR G 20 -6.39 8.75 59.92
C THR G 20 -6.41 9.99 60.83
N ASN G 21 -7.19 9.97 61.92
CA ASN G 21 -7.29 11.17 62.78
C ASN G 21 -5.96 11.64 63.39
N SER G 22 -5.08 10.73 63.76
CA SER G 22 -3.82 11.09 64.40
C SER G 22 -2.72 11.43 63.39
N MET G 23 -3.11 11.60 62.12
CA MET G 23 -2.14 11.92 61.07
C MET G 23 -1.84 13.40 61.19
N THR G 24 -0.57 13.77 61.05
CA THR G 24 -0.16 15.18 61.05
C THR G 24 -0.38 15.83 59.71
N VAL G 25 -0.36 17.14 59.68
CA VAL G 25 -0.53 17.82 58.40
C VAL G 25 0.64 17.44 57.47
N SER G 26 1.83 17.18 58.03
CA SER G 26 2.96 16.78 57.19
C SER G 26 2.74 15.44 56.54
N GLU G 27 2.26 14.46 57.30
CA GLU G 27 1.97 13.14 56.72
C GLU G 27 0.81 13.28 55.71
N LEU G 28 -0.12 14.19 55.97
CA LEU G 28 -1.19 14.43 55.00
C LEU G 28 -0.63 14.93 53.65
N LYS G 29 0.34 15.85 53.70
CA LYS G 29 0.95 16.40 52.50
C LYS G 29 1.68 15.31 51.70
N LYS G 30 2.27 14.37 52.42
CA LYS G 30 2.87 13.23 51.79
C LYS G 30 1.84 12.33 51.06
N GLN G 31 0.65 12.15 51.65
CA GLN G 31 -0.45 11.41 51.02
C GLN G 31 -0.89 12.15 49.76
N ILE G 32 -0.99 13.47 49.88
CA ILE G 32 -1.35 14.29 48.74
C ILE G 32 -0.29 14.20 47.63
N ALA G 33 1.00 14.17 48.02
CA ALA G 33 2.09 14.09 47.03
C ALA G 33 2.00 12.79 46.23
N GLN G 34 1.69 11.71 46.94
CA GLN G 34 1.57 10.41 46.27
C GLN G 34 0.38 10.37 45.34
N LYS G 35 -0.67 11.08 45.69
CA LYS G 35 -1.92 11.05 44.93
C LYS G 35 -1.83 11.91 43.69
N ILE G 36 -1.37 13.14 43.81
CA ILE G 36 -1.39 14.01 42.64
C ILE G 36 -0.04 14.56 42.24
N GLY G 37 1.02 14.13 42.94
CA GLY G 37 2.35 14.50 42.47
C GLY G 37 2.88 15.89 42.84
N VAL G 38 2.16 16.64 43.66
CA VAL G 38 2.65 17.96 44.19
C VAL G 38 3.61 17.67 45.34
N PRO G 39 4.87 18.06 45.20
CA PRO G 39 5.85 17.79 46.28
C PRO G 39 5.33 18.46 47.60
N ALA G 40 5.51 17.78 48.73
CA ALA G 40 5.02 18.22 50.01
C ALA G 40 5.44 19.65 50.33
N PHE G 41 6.68 20.03 49.96
CA PHE G 41 7.24 21.34 50.38
C PHE G 41 6.57 22.41 49.57
N GLN G 42 5.78 22.03 48.58
CA GLN G 42 5.12 23.06 47.80
C GLN G 42 3.63 23.19 48.15
N GLN G 43 3.17 22.38 49.10
CA GLN G 43 1.73 22.37 49.39
C GLN G 43 1.34 23.41 50.46
N ARG G 44 0.46 24.33 50.09
CA ARG G 44 -0.20 25.16 51.06
C ARG G 44 -1.62 24.62 51.26
N LEU G 45 -1.89 24.03 52.43
CA LEU G 45 -3.22 23.52 52.82
C LEU G 45 -3.99 24.50 53.73
N ALA G 46 -5.29 24.66 53.50
CA ALA G 46 -6.13 25.49 54.34
C ALA G 46 -7.47 24.81 54.57
N HIS G 47 -8.03 25.08 55.74
CA HIS G 47 -9.36 24.65 56.09
C HIS G 47 -10.11 25.81 56.72
N GLN G 48 -11.25 26.13 56.13
CA GLN G 48 -12.03 27.27 56.57
C GLN G 48 -11.14 28.51 56.51
N THR G 49 -10.33 28.61 55.45
CA THR G 49 -9.47 29.75 55.19
C THR G 49 -8.25 29.87 56.12
N ALA G 50 -8.12 28.95 57.08
CA ALA G 50 -6.96 28.93 57.99
C ALA G 50 -5.88 27.96 57.47
N VAL G 51 -4.65 28.46 57.30
CA VAL G 51 -3.55 27.65 56.82
C VAL G 51 -3.20 26.57 57.84
N LEU G 52 -3.07 25.32 57.38
CA LEU G 52 -2.80 24.16 58.26
C LEU G 52 -1.28 24.10 58.51
N GLN G 53 -0.89 23.85 59.76
CA GLN G 53 0.52 23.83 60.19
C GLN G 53 0.99 22.40 60.32
N ASP G 54 2.19 22.15 59.80
CA ASP G 54 2.67 20.79 59.58
C ASP G 54 2.57 19.81 60.75
N GLY G 55 2.79 20.31 61.96
CA GLY G 55 2.85 19.45 63.13
C GLY G 55 1.51 19.08 63.74
N LEU G 56 0.46 19.75 63.30
CA LEU G 56 -0.89 19.53 63.87
C LEU G 56 -1.51 18.23 63.34
N THR G 57 -2.26 17.51 64.18
CA THR G 57 -3.00 16.33 63.75
C THR G 57 -4.32 16.72 63.15
N LEU G 58 -4.88 15.83 62.33
CA LEU G 58 -6.16 16.07 61.67
C LEU G 58 -7.32 16.23 62.65
N SER G 59 -7.29 15.44 63.72
CA SER G 59 -8.32 15.52 64.76
C SER G 59 -8.17 16.82 65.59
N SER G 60 -6.93 17.28 65.77
CA SER G 60 -6.68 18.55 66.46
C SER G 60 -7.34 19.65 65.64
N LEU G 61 -7.34 19.49 64.33
CA LEU G 61 -7.97 20.43 63.41
C LEU G 61 -9.48 20.21 63.19
N GLY G 62 -10.06 19.25 63.91
CA GLY G 62 -11.46 18.89 63.67
C GLY G 62 -11.84 18.41 62.24
N LEU G 63 -10.87 17.91 61.51
CA LEU G 63 -11.18 17.39 60.16
C LEU G 63 -11.97 16.10 60.20
N GLY G 64 -12.91 15.92 59.27
CA GLY G 64 -13.62 14.67 59.16
C GLY G 64 -14.01 14.38 57.70
N PRO G 65 -14.70 13.25 57.44
CA PRO G 65 -15.13 12.81 56.10
C PRO G 65 -15.96 13.90 55.38
N SER G 66 -16.56 14.80 56.15
CA SER G 66 -17.39 15.85 55.58
C SER G 66 -16.58 17.13 55.32
N SER G 67 -15.33 17.14 55.74
CA SER G 67 -14.49 18.32 55.57
C SER G 67 -13.96 18.48 54.15
N THR G 68 -13.65 19.73 53.79
CA THR G 68 -12.94 20.01 52.55
C THR G 68 -11.69 20.82 52.88
N VAL G 69 -10.54 20.31 52.46
CA VAL G 69 -9.27 20.99 52.69
C VAL G 69 -8.85 21.59 51.35
N MET G 70 -8.47 22.86 51.35
CA MET G 70 -8.07 23.56 50.12
C MET G 70 -6.56 23.43 49.90
N LEU G 71 -6.17 23.08 48.68
CA LEU G 71 -4.77 23.01 48.30
C LEU G 71 -4.45 24.07 47.28
N VAL G 72 -3.42 24.83 47.60
CA VAL G 72 -2.79 25.80 46.72
C VAL G 72 -1.33 25.35 46.46
N VAL G 73 -0.93 25.27 45.20
CA VAL G 73 0.46 24.95 44.94
C VAL G 73 1.24 26.24 44.92
N GLN G 74 2.17 26.37 45.86
CA GLN G 74 2.84 27.65 45.97
C GLN G 74 4.29 27.53 46.35
N ASN G 75 5.14 28.24 45.64
CA ASN G 75 6.52 28.23 46.03
C ASN G 75 6.78 29.08 47.28
N SER G 76 7.26 28.44 48.34
CA SER G 76 7.76 29.19 49.46
C SER G 76 9.17 29.73 49.17
N SER G 77 9.26 31.05 49.26
CA SER G 77 10.53 31.68 49.02
C SER G 77 11.14 32.06 50.36
N GLU G 78 10.95 31.20 51.38
CA GLU G 78 11.47 31.58 52.72
C GLU G 78 12.69 30.74 53.10
N PRO G 79 13.74 31.41 53.64
CA PRO G 79 15.00 30.79 54.08
C PRO G 79 14.78 29.84 55.24
N LEU G 80 15.58 28.79 55.37
CA LEU G 80 15.61 27.99 56.57
C LEU G 80 17.04 27.63 56.88
N SER G 81 17.34 27.18 58.08
CA SER G 81 18.71 26.81 58.41
C SER G 81 18.86 25.32 58.50
N ILE G 82 20.00 24.81 58.07
CA ILE G 82 20.29 23.40 58.29
C ILE G 82 21.67 23.26 58.86
N LEU G 83 21.97 22.08 59.37
CA LEU G 83 23.34 21.78 59.79
C LEU G 83 24.01 20.92 58.73
N VAL G 84 25.25 21.25 58.33
CA VAL G 84 26.05 20.39 57.47
C VAL G 84 27.21 19.88 58.34
N ARG G 85 27.21 18.59 58.60
CA ARG G 85 28.17 17.86 59.41
C ARG G 85 29.14 16.98 58.61
N ASN G 86 30.43 17.06 58.91
CA ASN G 86 31.35 16.10 58.33
C ASN G 86 31.16 14.81 59.10
N GLU G 87 31.20 13.68 58.41
CA GLU G 87 31.06 12.35 59.01
C GLU G 87 31.73 12.23 60.37
N ARG G 88 30.94 12.08 61.42
CA ARG G 88 31.50 11.96 62.76
C ARG G 88 32.36 13.18 63.16
N GLY G 89 31.86 14.38 62.88
CA GLY G 89 32.58 15.60 63.23
C GLY G 89 31.67 16.76 63.61
N HIS G 90 32.21 17.98 63.44
CA HIS G 90 31.51 19.20 63.78
C HIS G 90 30.51 19.62 62.71
N SER G 91 29.42 20.23 63.13
CA SER G 91 28.38 20.70 62.20
C SER G 91 28.48 22.20 62.02
N ASN G 92 28.13 22.68 60.83
CA ASN G 92 28.07 24.12 60.65
C ASN G 92 26.73 24.45 60.06
N ILE G 93 26.25 25.64 60.39
CA ILE G 93 24.96 26.12 59.92
C ILE G 93 25.11 26.73 58.53
N TYR G 94 24.22 26.33 57.63
CA TYR G 94 24.05 26.88 56.29
C TYR G 94 22.62 27.35 56.12
N GLU G 95 22.45 28.47 55.46
CA GLU G 95 21.11 28.95 55.11
C GLU G 95 20.77 28.51 53.69
N VAL G 96 19.62 27.86 53.47
CA VAL G 96 19.18 27.36 52.15
C VAL G 96 17.71 27.72 51.94
N PHE G 97 17.22 27.57 50.73
CA PHE G 97 15.79 27.63 50.35
C PHE G 97 15.41 26.30 49.71
N LEU G 98 14.19 25.80 49.95
CA LEU G 98 13.86 24.46 49.47
C LEU G 98 13.77 24.36 47.93
N THR G 99 13.66 25.51 47.26
CA THR G 99 13.63 25.57 45.81
C THR G 99 15.01 25.58 45.21
N GLN G 100 16.06 25.63 46.03
CA GLN G 100 17.39 25.60 45.44
C GLN G 100 17.78 24.15 45.11
N THR G 101 18.72 23.96 44.19
CA THR G 101 19.19 22.63 43.87
C THR G 101 20.22 22.21 44.88
N VAL G 102 20.45 20.92 44.99
CA VAL G 102 21.53 20.39 45.80
C VAL G 102 22.86 21.05 45.33
N ASP G 103 22.97 21.31 44.03
CA ASP G 103 24.17 21.94 43.50
C ASP G 103 24.44 23.28 44.20
N THR G 104 23.40 24.07 44.48
CA THR G 104 23.63 25.38 45.08
C THR G 104 24.12 25.27 46.51
N LEU G 105 23.67 24.24 47.22
CA LEU G 105 24.19 24.02 48.56
C LEU G 105 25.63 23.55 48.43
N LYS G 106 25.93 22.67 47.46
CA LYS G 106 27.30 22.19 47.32
C LYS G 106 28.26 23.36 47.07
N LYS G 107 27.80 24.35 46.32
CA LYS G 107 28.60 25.49 45.97
C LYS G 107 28.92 26.37 47.20
N LYS G 108 27.96 26.48 48.11
CA LYS G 108 28.22 27.20 49.35
C LYS G 108 29.23 26.42 50.20
N VAL G 109 29.07 25.11 50.31
CA VAL G 109 30.06 24.35 51.05
C VAL G 109 31.40 24.47 50.39
N SER G 110 31.39 24.39 49.06
CA SER G 110 32.60 24.49 48.27
C SER G 110 33.29 25.84 48.54
N GLN G 111 32.52 26.91 48.51
CA GLN G 111 33.06 28.24 48.78
C GLN G 111 33.50 28.37 50.26
N ARG G 112 32.76 27.82 51.21
CA ARG G 112 33.17 27.99 52.60
C ARG G 112 34.44 27.22 52.96
N GLU G 113 34.60 26.01 52.43
CA GLU G 113 35.75 25.21 52.83
C GLU G 113 36.85 25.21 51.80
N GLN G 114 36.65 25.98 50.74
CA GLN G 114 37.61 26.15 49.66
C GLN G 114 38.06 24.77 49.13
N VAL G 115 37.09 23.97 48.72
CA VAL G 115 37.33 22.67 48.12
C VAL G 115 36.51 22.54 46.84
N HIS G 116 37.04 21.83 45.85
CA HIS G 116 36.30 21.55 44.65
C HIS G 116 35.04 20.72 44.99
N GLU G 117 33.98 20.93 44.23
CA GLU G 117 32.72 20.20 44.47
C GLU G 117 32.88 18.68 44.30
N ASP G 118 33.84 18.24 43.51
CA ASP G 118 34.08 16.82 43.34
C ASP G 118 34.78 16.16 44.54
N GLN G 119 35.12 16.94 45.56
CA GLN G 119 35.87 16.34 46.66
C GLN G 119 34.87 15.87 47.74
N PHE G 120 33.59 16.09 47.50
CA PHE G 120 32.61 15.65 48.47
C PHE G 120 31.23 15.44 47.85
N TRP G 121 30.37 14.75 48.59
CA TRP G 121 28.97 14.67 48.22
C TRP G 121 28.13 14.70 49.49
N LEU G 122 26.84 14.97 49.37
CA LEU G 122 25.94 15.15 50.52
C LEU G 122 24.87 14.07 50.60
N SER G 123 24.49 13.70 51.82
CA SER G 123 23.37 12.79 52.07
C SER G 123 22.42 13.35 53.15
N PHE G 124 21.16 12.94 53.05
CA PHE G 124 20.18 13.27 54.05
C PHE G 124 19.49 12.02 54.48
N GLU G 125 19.66 11.72 55.76
CA GLU G 125 19.12 10.53 56.38
C GLU G 125 19.50 9.31 55.54
N GLY G 126 20.76 9.26 55.08
CA GLY G 126 21.27 8.07 54.42
C GLY G 126 21.08 8.05 52.91
N ARG G 127 20.30 8.99 52.44
CA ARG G 127 19.95 9.07 51.04
C ARG G 127 20.93 10.02 50.33
N PRO G 128 21.69 9.52 49.34
CA PRO G 128 22.62 10.40 48.62
C PRO G 128 21.85 11.56 47.98
N MET G 129 22.38 12.79 47.98
CA MET G 129 21.67 13.93 47.38
C MET G 129 22.28 14.21 46.01
N GLU G 130 21.42 14.36 44.99
CA GLU G 130 21.86 14.48 43.59
C GLU G 130 21.81 15.93 43.19
N ASP G 131 22.88 16.37 42.54
CA ASP G 131 23.14 17.75 42.20
C ASP G 131 21.98 18.54 41.63
N LYS G 132 21.20 17.90 40.78
CA LYS G 132 20.16 18.60 40.02
C LYS G 132 18.82 18.58 40.74
N GLU G 133 18.68 17.76 41.77
CA GLU G 133 17.41 17.64 42.49
C GLU G 133 17.23 18.89 43.38
N LEU G 134 15.99 19.25 43.69
CA LEU G 134 15.66 20.35 44.60
C LEU G 134 15.82 19.90 46.04
N LEU G 135 16.34 20.79 46.89
CA LEU G 135 16.52 20.47 48.32
C LEU G 135 15.25 20.01 48.92
N GLY G 136 14.16 20.63 48.50
CA GLY G 136 12.85 20.28 49.04
C GLY G 136 12.34 18.85 48.78
N GLU G 137 12.85 18.21 47.73
CA GLU G 137 12.44 16.84 47.41
C GLU G 137 13.00 15.87 48.42
N TYR G 138 14.03 16.29 49.12
CA TYR G 138 14.63 15.43 50.14
C TYR G 138 13.91 15.63 51.48
N GLY G 139 12.97 16.56 51.53
CA GLY G 139 12.24 16.79 52.78
C GLY G 139 13.07 17.51 53.89
N LEU G 140 14.05 18.32 53.52
CA LEU G 140 14.82 19.09 54.50
C LEU G 140 13.95 19.97 55.38
N LYS G 141 14.23 19.93 56.68
CA LYS G 141 13.50 20.78 57.65
C LYS G 141 14.46 21.66 58.46
N PRO G 142 13.91 22.71 59.09
CA PRO G 142 14.77 23.61 59.89
C PRO G 142 15.63 22.82 60.86
N GLN G 143 16.93 23.07 60.79
CA GLN G 143 17.90 22.47 61.67
C GLN G 143 18.02 20.97 61.51
N CYS G 144 17.57 20.36 60.36
CA CYS G 144 17.89 18.96 60.12
C CYS G 144 19.38 18.92 59.72
N THR G 145 19.99 17.74 59.78
CA THR G 145 21.40 17.57 59.54
C THR G 145 21.69 16.85 58.20
N VAL G 146 22.45 17.50 57.32
CA VAL G 146 22.99 16.90 56.10
C VAL G 146 24.41 16.44 56.36
N ILE G 147 24.77 15.24 55.89
CA ILE G 147 26.10 14.69 56.12
C ILE G 147 26.95 14.90 54.85
N LYS G 148 28.16 15.43 55.04
CA LYS G 148 29.15 15.62 53.96
C LYS G 148 30.16 14.47 53.96
N HIS G 149 30.27 13.80 52.82
CA HIS G 149 31.19 12.68 52.72
C HIS G 149 32.37 13.10 51.87
N LEU G 150 33.58 12.80 52.32
CA LEU G 150 34.72 13.24 51.53
C LEU G 150 35.20 12.23 50.48
N ARG G 151 35.54 12.78 49.32
CA ARG G 151 36.25 12.08 48.27
C ARG G 151 37.62 12.78 48.16
N LEU G 152 38.55 12.44 49.05
CA LEU G 152 39.84 13.12 49.06
C LEU G 152 40.74 12.26 48.20
N ARG G 153 41.90 12.79 47.82
CA ARG G 153 42.78 12.06 46.92
C ARG G 153 43.93 11.44 47.69
N GLY G 154 44.41 10.28 47.23
CA GLY G 154 45.69 9.76 47.74
C GLY G 154 46.79 10.54 47.01
N GLY G 155 48.07 10.48 47.39
CA GLY G 155 49.06 11.20 46.57
C GLY G 155 50.56 10.97 46.68
N ALA H 2 -8.56 -6.70 -15.97
CA ALA H 2 -8.76 -5.35 -16.45
C ALA H 2 -9.43 -5.33 -17.81
N TRP H 3 -10.62 -4.72 -17.87
CA TRP H 3 -11.42 -4.61 -19.09
C TRP H 3 -11.79 -3.15 -19.39
N ASP H 4 -12.30 -2.90 -20.59
CA ASP H 4 -12.58 -1.52 -20.99
C ASP H 4 -14.04 -1.07 -20.83
N LEU H 5 -14.21 0.04 -20.12
CA LEU H 5 -15.53 0.65 -19.91
C LEU H 5 -15.70 1.84 -20.85
N LYS H 6 -16.79 1.88 -21.61
CA LYS H 6 -17.10 3.02 -22.45
C LYS H 6 -17.78 4.13 -21.66
N VAL H 7 -17.19 5.33 -21.67
CA VAL H 7 -17.81 6.48 -21.03
C VAL H 7 -18.23 7.47 -22.10
N LYS H 8 -19.53 7.76 -22.13
CA LYS H 8 -20.11 8.62 -23.16
C LYS H 8 -20.72 9.92 -22.66
N MET H 9 -20.36 11.03 -23.30
CA MET H 9 -20.99 12.32 -23.03
C MET H 9 -21.92 12.74 -24.17
N LEU H 10 -23.08 13.29 -23.81
CA LEU H 10 -23.99 13.86 -24.80
C LEU H 10 -23.41 15.12 -25.45
N GLY H 11 -23.33 15.11 -26.78
CA GLY H 11 -22.77 16.25 -27.51
C GLY H 11 -21.26 16.22 -27.45
N GLY H 12 -20.76 15.59 -26.39
CA GLY H 12 -19.33 15.48 -26.16
C GLY H 12 -18.81 14.24 -26.82
N ASN H 13 -17.68 13.74 -26.33
CA ASN H 13 -16.98 12.69 -27.05
C ASN H 13 -16.98 11.39 -26.27
N ASP H 14 -16.79 10.28 -26.96
CA ASP H 14 -16.76 8.99 -26.30
C ASP H 14 -15.31 8.60 -26.07
N PHE H 15 -15.02 8.02 -24.91
CA PHE H 15 -13.68 7.50 -24.69
C PHE H 15 -13.75 6.22 -23.86
N LEU H 16 -12.62 5.53 -23.78
CA LEU H 16 -12.54 4.28 -23.05
C LEU H 16 -11.68 4.46 -21.80
N VAL H 17 -12.05 3.76 -20.73
CA VAL H 17 -11.25 3.74 -19.51
C VAL H 17 -11.05 2.28 -19.12
N SER H 18 -9.83 1.92 -18.73
CA SER H 18 -9.54 0.55 -18.31
C SER H 18 -9.96 0.33 -16.84
N VAL H 19 -10.79 -0.68 -16.60
CA VAL H 19 -11.33 -0.90 -15.25
C VAL H 19 -11.21 -2.35 -14.78
N THR H 20 -11.55 -2.57 -13.52
CA THR H 20 -11.59 -3.91 -12.92
C THR H 20 -12.93 -4.13 -12.20
N ASN H 21 -13.30 -5.39 -11.96
CA ASN H 21 -14.57 -5.70 -11.30
C ASN H 21 -14.66 -5.05 -9.93
N SER H 22 -13.55 -5.08 -9.20
CA SER H 22 -13.49 -4.58 -7.85
C SER H 22 -13.11 -3.09 -7.77
N MET H 23 -13.30 -2.38 -8.87
CA MET H 23 -13.00 -0.95 -8.88
C MET H 23 -14.21 -0.18 -8.40
N THR H 24 -13.99 0.82 -7.56
CA THR H 24 -15.09 1.66 -7.15
C THR H 24 -15.36 2.77 -8.17
N VAL H 25 -16.58 3.28 -8.15
CA VAL H 25 -17.02 4.38 -8.99
C VAL H 25 -16.14 5.60 -8.66
N SER H 26 -15.71 5.67 -7.41
CA SER H 26 -14.87 6.76 -6.99
C SER H 26 -13.54 6.70 -7.74
N GLU H 27 -12.94 5.51 -7.79
CA GLU H 27 -11.68 5.35 -8.50
C GLU H 27 -11.83 5.62 -9.99
N LEU H 28 -12.99 5.27 -10.54
CA LEU H 28 -13.31 5.54 -11.94
C LEU H 28 -13.40 7.02 -12.23
N LYS H 29 -14.00 7.77 -11.31
CA LYS H 29 -14.12 9.21 -11.47
C LYS H 29 -12.73 9.84 -11.46
N LYS H 30 -11.83 9.27 -10.65
CA LYS H 30 -10.45 9.72 -10.58
C LYS H 30 -9.73 9.49 -11.91
N GLN H 31 -9.95 8.34 -12.53
CA GLN H 31 -9.40 8.05 -13.85
C GLN H 31 -9.96 9.01 -14.90
N ILE H 32 -11.24 9.30 -14.82
CA ILE H 32 -11.83 10.23 -15.77
C ILE H 32 -11.19 11.62 -15.56
N ALA H 33 -10.96 11.98 -14.30
CA ALA H 33 -10.37 13.27 -14.01
C ALA H 33 -8.95 13.40 -14.57
N GLN H 34 -8.17 12.33 -14.48
CA GLN H 34 -6.81 12.34 -15.03
C GLN H 34 -6.81 12.40 -16.55
N LYS H 35 -7.84 11.82 -17.16
CA LYS H 35 -7.90 11.75 -18.62
C LYS H 35 -8.40 13.08 -19.24
N ILE H 36 -9.51 13.61 -18.74
CA ILE H 36 -10.10 14.81 -19.34
C ILE H 36 -10.18 16.00 -18.37
N GLY H 37 -9.65 15.82 -17.16
CA GLY H 37 -9.48 16.93 -16.25
C GLY H 37 -10.69 17.40 -15.47
N VAL H 38 -11.83 16.70 -15.59
CA VAL H 38 -13.01 17.06 -14.81
C VAL H 38 -12.85 16.56 -13.39
N PRO H 39 -12.87 17.49 -12.41
CA PRO H 39 -12.69 17.10 -11.01
C PRO H 39 -13.70 16.03 -10.65
N ALA H 40 -13.30 15.05 -9.85
CA ALA H 40 -14.22 13.97 -9.49
C ALA H 40 -15.55 14.54 -8.88
N PHE H 41 -15.47 15.59 -8.05
CA PHE H 41 -16.68 16.04 -7.35
C PHE H 41 -17.74 16.66 -8.27
N GLN H 42 -17.39 16.93 -9.51
CA GLN H 42 -18.34 17.45 -10.49
C GLN H 42 -18.89 16.34 -11.41
N GLN H 43 -18.37 15.14 -11.29
CA GLN H 43 -18.80 14.09 -12.21
C GLN H 43 -20.04 13.36 -11.72
N ARG H 44 -21.10 13.47 -12.49
CA ARG H 44 -22.26 12.62 -12.28
C ARG H 44 -22.24 11.52 -13.32
N LEU H 45 -21.96 10.30 -12.87
CA LEU H 45 -21.99 9.13 -13.75
C LEU H 45 -23.28 8.38 -13.59
N ALA H 46 -23.83 7.88 -14.71
CA ALA H 46 -25.05 7.09 -14.68
C ALA H 46 -25.00 5.90 -15.65
N HIS H 47 -25.67 4.83 -15.26
CA HIS H 47 -25.83 3.64 -16.10
C HIS H 47 -27.28 3.26 -16.12
N GLN H 48 -27.83 3.16 -17.33
CA GLN H 48 -29.23 2.83 -17.52
C GLN H 48 -30.13 3.83 -16.81
N THR H 49 -29.69 5.09 -16.84
CA THR H 49 -30.38 6.24 -16.23
C THR H 49 -30.24 6.31 -14.71
N ALA H 50 -29.56 5.34 -14.11
CA ALA H 50 -29.34 5.29 -12.66
C ALA H 50 -27.99 5.88 -12.27
N VAL H 51 -27.99 6.91 -11.39
CA VAL H 51 -26.74 7.52 -10.92
C VAL H 51 -25.96 6.52 -10.09
N LEU H 52 -24.65 6.48 -10.34
CA LEU H 52 -23.73 5.54 -9.70
C LEU H 52 -23.23 6.09 -8.36
N GLN H 53 -23.09 5.22 -7.37
CA GLN H 53 -22.68 5.65 -6.04
C GLN H 53 -21.18 5.43 -5.84
N ASP H 54 -20.51 6.46 -5.33
CA ASP H 54 -19.04 6.50 -5.29
C ASP H 54 -18.40 5.25 -4.69
N GLY H 55 -19.03 4.71 -3.64
CA GLY H 55 -18.47 3.59 -2.89
C GLY H 55 -18.71 2.22 -3.52
N LEU H 56 -19.60 2.16 -4.50
CA LEU H 56 -19.95 0.87 -5.09
C LEU H 56 -18.88 0.42 -6.07
N THR H 57 -18.66 -0.88 -6.13
CA THR H 57 -17.77 -1.46 -7.12
C THR H 57 -18.52 -1.54 -8.43
N LEU H 58 -17.80 -1.60 -9.55
CA LEU H 58 -18.45 -1.69 -10.85
C LEU H 58 -19.32 -2.95 -10.93
N SER H 59 -18.79 -4.11 -10.57
CA SER H 59 -19.58 -5.34 -10.59
C SER H 59 -20.87 -5.23 -9.76
N SER H 60 -20.83 -4.45 -8.67
CA SER H 60 -22.00 -4.25 -7.81
C SER H 60 -23.13 -3.53 -8.55
N LEU H 61 -22.73 -2.63 -9.44
CA LEU H 61 -23.64 -1.97 -10.35
C LEU H 61 -23.66 -2.79 -11.66
N GLY H 62 -23.75 -4.10 -11.54
CA GLY H 62 -23.53 -5.02 -12.65
C GLY H 62 -23.07 -4.44 -13.99
N LEU H 63 -21.90 -3.81 -13.96
CA LEU H 63 -21.25 -3.29 -15.15
C LEU H 63 -20.34 -4.36 -15.75
N GLY H 64 -20.22 -4.37 -17.08
CA GLY H 64 -19.33 -5.30 -17.74
C GLY H 64 -18.75 -4.68 -19.01
N PRO H 65 -17.93 -5.45 -19.75
CA PRO H 65 -17.23 -5.00 -20.95
C PRO H 65 -18.15 -4.39 -22.01
N SER H 66 -19.43 -4.77 -21.99
CA SER H 66 -20.43 -4.26 -22.93
C SER H 66 -21.24 -3.05 -22.46
N SER H 67 -21.04 -2.60 -21.21
CA SER H 67 -21.81 -1.49 -20.64
C SER H 67 -21.36 -0.14 -21.17
N THR H 68 -22.28 0.81 -21.13
CA THR H 68 -21.99 2.18 -21.49
C THR H 68 -22.35 3.04 -20.28
N VAL H 69 -21.41 3.84 -19.81
CA VAL H 69 -21.64 4.72 -18.66
C VAL H 69 -21.76 6.16 -19.17
N MET H 70 -22.78 6.90 -18.72
CA MET H 70 -22.93 8.29 -19.15
C MET H 70 -22.26 9.25 -18.14
N LEU H 71 -21.48 10.22 -18.63
CA LEU H 71 -20.88 11.26 -17.77
C LEU H 71 -21.53 12.62 -18.01
N VAL H 72 -22.03 13.23 -16.94
CA VAL H 72 -22.51 14.61 -16.96
C VAL H 72 -21.72 15.49 -16.00
N VAL H 73 -21.21 16.59 -16.50
CA VAL H 73 -20.49 17.54 -15.65
C VAL H 73 -21.47 18.49 -14.99
N GLN H 74 -21.50 18.49 -13.66
CA GLN H 74 -22.47 19.28 -12.89
C GLN H 74 -21.87 20.65 -12.55
N ASN H 75 -22.52 21.71 -13.00
CA ASN H 75 -22.00 23.03 -12.71
C ASN H 75 -22.25 23.43 -11.25
N SER H 76 -23.42 23.11 -10.71
CA SER H 76 -23.67 23.21 -9.27
C SER H 76 -23.94 21.80 -8.73
N SER H 77 -23.22 21.38 -7.71
CA SER H 77 -23.37 20.00 -7.29
C SER H 77 -24.38 19.89 -6.16
N GLU H 78 -24.50 18.70 -5.57
CA GLU H 78 -25.57 18.42 -4.61
C GLU H 78 -25.15 18.89 -3.22
N PRO H 79 -26.11 19.30 -2.41
CA PRO H 79 -25.78 19.80 -1.07
C PRO H 79 -25.17 18.70 -0.26
N LEU H 80 -24.24 19.05 0.60
CA LEU H 80 -23.74 18.12 1.59
C LEU H 80 -23.56 18.87 2.91
N SER H 81 -23.45 18.12 4.00
CA SER H 81 -23.25 18.75 5.28
C SER H 81 -21.82 18.52 5.73
N ILE H 82 -21.25 19.52 6.36
CA ILE H 82 -19.95 19.37 6.98
C ILE H 82 -20.00 19.91 8.42
N LEU H 83 -18.95 19.58 9.16
CA LEU H 83 -18.74 20.11 10.48
C LEU H 83 -17.65 21.15 10.38
N VAL H 84 -17.89 22.30 11.00
CA VAL H 84 -16.85 23.29 11.21
C VAL H 84 -16.57 23.39 12.67
N ARG H 85 -15.34 23.08 13.07
CA ARG H 85 -14.97 23.11 14.46
C ARG H 85 -14.13 24.35 14.76
N ASN H 86 -14.59 25.09 15.76
CA ASN H 86 -14.05 26.35 16.29
C ASN H 86 -12.91 26.24 17.30
N GLU H 87 -12.25 27.37 17.56
CA GLU H 87 -11.25 27.52 18.63
C GLU H 87 -11.61 26.78 19.92
N ARG H 88 -12.86 26.92 20.34
CA ARG H 88 -13.42 26.30 21.55
C ARG H 88 -13.47 24.78 21.53
N GLY H 89 -13.52 24.20 20.33
CA GLY H 89 -13.57 22.75 20.21
C GLY H 89 -14.96 22.26 19.85
N HIS H 90 -15.93 23.17 19.80
CA HIS H 90 -17.31 22.82 19.46
C HIS H 90 -17.47 22.71 17.94
N SER H 91 -18.20 21.71 17.48
CA SER H 91 -18.39 21.61 16.03
C SER H 91 -19.81 21.97 15.72
N ASN H 92 -19.99 22.66 14.60
CA ASN H 92 -21.33 22.94 14.10
C ASN H 92 -21.47 22.48 12.67
N ILE H 93 -22.71 22.14 12.33
CA ILE H 93 -23.05 21.62 11.04
C ILE H 93 -23.25 22.77 10.08
N TYR H 94 -22.58 22.69 8.92
CA TYR H 94 -22.80 23.61 7.80
C TYR H 94 -23.16 22.82 6.54
N GLU H 95 -24.11 23.35 5.79
CA GLU H 95 -24.45 22.88 4.48
C GLU H 95 -23.73 23.71 3.41
N VAL H 96 -23.02 23.01 2.52
CA VAL H 96 -22.29 23.66 1.42
C VAL H 96 -22.51 22.87 0.12
N PHE H 97 -22.07 23.43 -0.99
CA PHE H 97 -22.03 22.74 -2.26
C PHE H 97 -20.57 22.76 -2.71
N LEU H 98 -20.05 21.62 -3.19
CA LEU H 98 -18.62 21.51 -3.48
C LEU H 98 -18.15 22.38 -4.63
N THR H 99 -19.11 22.83 -5.44
CA THR H 99 -18.84 23.71 -6.56
C THR H 99 -18.84 25.20 -6.13
N GLN H 100 -19.12 25.44 -4.86
CA GLN H 100 -18.98 26.80 -4.28
C GLN H 100 -17.56 27.08 -3.82
N THR H 101 -17.23 28.36 -3.71
CA THR H 101 -15.89 28.77 -3.29
C THR H 101 -15.73 28.63 -1.79
N VAL H 102 -14.48 28.53 -1.34
CA VAL H 102 -14.18 28.59 0.08
C VAL H 102 -14.73 29.89 0.70
N ASP H 103 -14.69 30.98 -0.06
CA ASP H 103 -15.22 32.23 0.44
C ASP H 103 -16.70 32.12 0.86
N THR H 104 -17.54 31.40 0.10
CA THR H 104 -18.95 31.31 0.46
C THR H 104 -19.13 30.64 1.81
N LEU H 105 -18.26 29.68 2.12
CA LEU H 105 -18.31 29.04 3.43
C LEU H 105 -17.86 30.01 4.51
N LYS H 106 -16.83 30.79 4.20
CA LYS H 106 -16.33 31.78 5.16
C LYS H 106 -17.39 32.81 5.51
N LYS H 107 -18.24 33.18 4.54
CA LYS H 107 -19.30 34.13 4.84
C LYS H 107 -20.35 33.51 5.74
N LYS H 108 -20.64 32.22 5.59
CA LYS H 108 -21.61 31.57 6.46
C LYS H 108 -21.12 31.55 7.91
N VAL H 109 -19.87 31.12 8.07
CA VAL H 109 -19.22 31.03 9.36
C VAL H 109 -19.13 32.43 9.99
N SER H 110 -18.78 33.39 9.15
CA SER H 110 -18.71 34.79 9.54
C SER H 110 -20.07 35.28 10.05
N GLN H 111 -21.12 34.96 9.32
CA GLN H 111 -22.45 35.37 9.71
C GLN H 111 -22.94 34.60 10.92
N ARG H 112 -22.67 33.29 10.95
CA ARG H 112 -23.19 32.54 12.07
C ARG H 112 -22.50 32.83 13.41
N GLU H 113 -21.18 32.98 13.38
CA GLU H 113 -20.37 33.12 14.61
C GLU H 113 -19.97 34.55 14.94
N GLN H 114 -20.52 35.50 14.21
CA GLN H 114 -20.34 36.92 14.43
C GLN H 114 -18.86 37.35 14.46
N VAL H 115 -18.11 36.96 13.44
CA VAL H 115 -16.72 37.33 13.29
C VAL H 115 -16.41 37.75 11.86
N HIS H 116 -15.60 38.79 11.69
CA HIS H 116 -15.22 39.27 10.38
C HIS H 116 -14.39 38.23 9.65
N GLU H 117 -14.55 38.17 8.33
CA GLU H 117 -13.88 37.15 7.51
C GLU H 117 -12.37 37.21 7.56
N ASP H 118 -11.79 38.40 7.79
CA ASP H 118 -10.35 38.52 7.78
C ASP H 118 -9.80 38.09 9.13
N GLN H 119 -10.67 37.61 10.02
CA GLN H 119 -10.19 37.28 11.36
C GLN H 119 -10.01 35.77 11.58
N PHE H 120 -10.18 34.98 10.53
CA PHE H 120 -9.98 33.54 10.66
C PHE H 120 -9.71 32.93 9.30
N TRP H 121 -9.24 31.68 9.33
CA TRP H 121 -9.06 30.87 8.12
C TRP H 121 -9.45 29.44 8.37
N LEU H 122 -9.63 28.71 7.27
CA LEU H 122 -10.11 27.35 7.36
C LEU H 122 -9.07 26.40 6.80
N SER H 123 -8.96 25.23 7.42
CA SER H 123 -8.08 24.18 6.92
C SER H 123 -8.84 22.87 6.93
N PHE H 124 -8.45 21.98 6.03
CA PHE H 124 -9.02 20.65 6.02
C PHE H 124 -7.95 19.55 5.93
N GLU H 125 -7.87 18.67 6.93
CA GLU H 125 -6.86 17.61 6.94
C GLU H 125 -5.44 18.11 6.72
N GLY H 126 -5.11 19.22 7.36
CA GLY H 126 -3.77 19.76 7.35
C GLY H 126 -3.54 20.75 6.23
N ARG H 127 -4.49 20.81 5.30
CA ARG H 127 -4.36 21.69 4.15
C ARG H 127 -5.17 23.01 4.31
N PRO H 128 -4.49 24.16 4.33
CA PRO H 128 -5.19 25.47 4.43
C PRO H 128 -6.04 25.70 3.19
N MET H 129 -7.23 26.26 3.36
CA MET H 129 -8.19 26.48 2.28
C MET H 129 -8.13 27.93 1.77
N GLU H 130 -8.10 28.09 0.46
CA GLU H 130 -7.91 29.39 -0.18
C GLU H 130 -9.25 29.99 -0.59
N ASP H 131 -9.46 31.28 -0.33
CA ASP H 131 -10.77 31.91 -0.56
C ASP H 131 -11.36 31.63 -1.96
N LYS H 132 -10.55 31.74 -2.99
CA LYS H 132 -11.08 31.70 -4.35
C LYS H 132 -11.20 30.31 -4.96
N GLU H 133 -10.65 29.30 -4.30
CA GLU H 133 -10.72 27.90 -4.76
C GLU H 133 -12.10 27.29 -4.49
N LEU H 134 -12.47 26.28 -5.27
CA LEU H 134 -13.74 25.57 -5.07
C LEU H 134 -13.59 24.65 -3.90
N LEU H 135 -14.65 24.55 -3.07
CA LEU H 135 -14.65 23.64 -1.94
C LEU H 135 -14.33 22.20 -2.35
N GLY H 136 -14.80 21.77 -3.52
CA GLY H 136 -14.51 20.39 -3.96
C GLY H 136 -13.02 20.06 -4.11
N GLU H 137 -12.19 21.06 -4.35
CA GLU H 137 -10.76 20.75 -4.55
C GLU H 137 -10.08 20.31 -3.24
N TYR H 138 -10.72 20.49 -2.09
CA TYR H 138 -10.11 20.05 -0.83
C TYR H 138 -10.61 18.65 -0.45
N GLY H 139 -11.49 18.07 -1.28
CA GLY H 139 -11.99 16.72 -1.07
C GLY H 139 -12.96 16.55 0.11
N LEU H 140 -13.72 17.58 0.42
CA LEU H 140 -14.68 17.53 1.51
C LEU H 140 -15.65 16.39 1.29
N LYS H 141 -15.98 15.69 2.35
CA LYS H 141 -16.97 14.64 2.27
C LYS H 141 -18.03 14.88 3.35
N PRO H 142 -19.21 14.28 3.19
CA PRO H 142 -20.33 14.46 4.12
C PRO H 142 -19.88 14.28 5.54
N GLN H 143 -20.13 15.28 6.39
CA GLN H 143 -19.82 15.18 7.81
C GLN H 143 -18.33 15.08 8.11
N CYS H 144 -17.49 15.49 7.17
CA CYS H 144 -16.07 15.65 7.48
C CYS H 144 -15.93 16.92 8.34
N THR H 145 -14.76 17.13 8.93
CA THR H 145 -14.53 18.27 9.82
C THR H 145 -13.54 19.25 9.25
N VAL H 146 -14.00 20.47 9.02
CA VAL H 146 -13.15 21.57 8.62
C VAL H 146 -12.75 22.37 9.87
N ILE H 147 -11.50 22.81 9.96
CA ILE H 147 -11.05 23.55 11.13
C ILE H 147 -11.03 25.05 10.95
N LYS H 148 -11.60 25.75 11.90
CA LYS H 148 -11.57 27.19 11.92
C LYS H 148 -10.43 27.65 12.81
N HIS H 149 -9.53 28.46 12.23
CA HIS H 149 -8.38 29.01 12.91
C HIS H 149 -8.56 30.52 13.10
N LEU H 150 -8.18 31.04 14.26
CA LEU H 150 -8.25 32.48 14.49
C LEU H 150 -6.90 33.13 14.19
N ARG H 151 -6.90 34.39 13.74
CA ARG H 151 -5.64 35.09 13.43
C ARG H 151 -5.12 35.74 14.67
N ALA I 2 13.96 43.99 10.09
CA ALA I 2 14.23 42.79 9.30
C ALA I 2 15.29 41.92 9.97
N TRP I 3 14.92 40.69 10.31
CA TRP I 3 15.83 39.74 10.97
C TRP I 3 15.85 38.41 10.21
N ASP I 4 16.77 37.51 10.55
CA ASP I 4 16.89 36.26 9.81
C ASP I 4 16.14 35.09 10.47
N LEU I 5 15.25 34.48 9.69
CA LEU I 5 14.43 33.35 10.13
C LEU I 5 15.04 32.02 9.70
N LYS I 6 15.20 31.11 10.65
CA LYS I 6 15.75 29.80 10.34
C LYS I 6 14.70 28.88 9.71
N VAL I 7 15.00 28.41 8.51
CA VAL I 7 14.13 27.48 7.81
C VAL I 7 14.85 26.15 7.74
N LYS I 8 14.15 25.10 8.15
CA LYS I 8 14.71 23.75 8.18
C LYS I 8 14.03 22.91 7.11
N MET I 9 14.81 22.23 6.26
CA MET I 9 14.15 21.41 5.24
C MET I 9 14.10 19.95 5.68
N LEU I 10 12.95 19.31 5.48
CA LEU I 10 12.78 17.92 5.84
C LEU I 10 13.66 17.06 4.95
N GLY I 11 14.55 16.27 5.54
CA GLY I 11 15.47 15.46 4.76
C GLY I 11 16.70 16.18 4.26
N GLY I 12 16.61 17.50 4.13
CA GLY I 12 17.74 18.27 3.62
C GLY I 12 18.48 19.10 4.66
N ASN I 13 18.54 20.40 4.46
CA ASN I 13 19.42 21.27 5.25
C ASN I 13 18.79 22.55 5.82
N ASP I 14 19.48 23.18 6.78
CA ASP I 14 19.00 24.42 7.38
C ASP I 14 19.61 25.65 6.71
N PHE I 15 18.81 26.69 6.57
CA PHE I 15 19.31 27.97 6.04
C PHE I 15 18.54 29.14 6.66
N LEU I 16 19.05 30.35 6.49
CA LEU I 16 18.42 31.56 7.01
C LEU I 16 17.96 32.50 5.89
N VAL I 17 16.82 33.16 6.09
CA VAL I 17 16.33 34.17 5.14
C VAL I 17 15.90 35.44 5.87
N SER I 18 16.22 36.60 5.30
CA SER I 18 15.89 37.88 5.93
C SER I 18 14.42 38.25 5.78
N VAL I 19 13.75 38.49 6.90
CA VAL I 19 12.32 38.74 6.89
C VAL I 19 11.89 39.94 7.75
N THR I 20 10.62 40.32 7.64
CA THR I 20 10.03 41.35 8.50
C THR I 20 8.67 40.88 9.02
N ASN I 21 8.19 41.49 10.09
CA ASN I 21 6.89 41.10 10.64
C ASN I 21 5.73 41.32 9.66
N SER I 22 5.75 42.43 8.93
CA SER I 22 4.62 42.71 8.05
C SER I 22 4.82 42.08 6.68
N MET I 23 5.64 41.03 6.66
CA MET I 23 5.89 40.25 5.46
C MET I 23 4.94 39.04 5.42
N THR I 24 4.41 38.73 4.25
CA THR I 24 3.58 37.55 4.08
C THR I 24 4.42 36.29 3.83
N VAL I 25 3.85 35.13 4.11
CA VAL I 25 4.50 33.84 3.87
C VAL I 25 4.73 33.58 2.37
N SER I 26 3.82 34.08 1.53
CA SER I 26 4.00 33.93 0.10
C SER I 26 5.27 34.68 -0.30
N GLU I 27 5.46 35.87 0.29
CA GLU I 27 6.68 36.64 0.07
C GLU I 27 7.87 35.92 0.69
N LEU I 28 7.62 35.26 1.82
CA LEU I 28 8.63 34.42 2.46
C LEU I 28 9.05 33.27 1.53
N LYS I 29 8.07 32.67 0.86
CA LYS I 29 8.36 31.56 -0.06
C LYS I 29 9.22 32.09 -1.21
N LYS I 30 8.99 33.35 -1.60
CA LYS I 30 9.78 33.96 -2.65
C LYS I 30 11.23 34.11 -2.23
N GLN I 31 11.42 34.52 -0.98
CA GLN I 31 12.76 34.64 -0.43
C GLN I 31 13.45 33.30 -0.45
N ILE I 32 12.72 32.26 -0.05
CA ILE I 32 13.27 30.92 -0.02
C ILE I 32 13.61 30.46 -1.42
N ALA I 33 12.77 30.81 -2.38
CA ALA I 33 12.99 30.43 -3.76
C ALA I 33 14.27 31.09 -4.29
N GLN I 34 14.48 32.35 -3.93
CA GLN I 34 15.67 33.08 -4.38
C GLN I 34 16.94 32.54 -3.71
N LYS I 35 16.78 32.04 -2.49
CA LYS I 35 17.89 31.60 -1.67
C LYS I 35 18.39 30.22 -2.07
N ILE I 36 17.48 29.26 -2.20
CA ILE I 36 17.84 27.87 -2.47
C ILE I 36 17.16 27.34 -3.74
N GLY I 37 16.42 28.20 -4.43
CA GLY I 37 15.91 27.83 -5.74
C GLY I 37 14.66 26.97 -5.80
N VAL I 38 14.04 26.70 -4.64
CA VAL I 38 12.78 25.96 -4.63
C VAL I 38 11.63 26.88 -4.97
N PRO I 39 10.92 26.58 -6.08
CA PRO I 39 9.79 27.34 -6.59
C PRO I 39 8.71 27.46 -5.52
N ALA I 40 8.04 28.61 -5.42
CA ALA I 40 7.07 28.81 -4.36
C ALA I 40 5.98 27.71 -4.34
N PHE I 41 5.49 27.32 -5.52
CA PHE I 41 4.34 26.40 -5.63
C PHE I 41 4.66 25.00 -5.13
N GLN I 42 5.92 24.76 -4.84
CA GLN I 42 6.36 23.50 -4.28
C GLN I 42 6.59 23.55 -2.78
N GLN I 43 6.48 24.74 -2.20
CA GLN I 43 6.82 24.89 -0.78
C GLN I 43 5.67 24.66 0.18
N ARG I 44 5.83 23.67 1.04
CA ARG I 44 4.96 23.54 2.20
C ARG I 44 5.71 24.01 3.41
N LEU I 45 5.30 25.14 3.98
CA LEU I 45 5.89 25.65 5.22
C LEU I 45 5.03 25.27 6.41
N ALA I 46 5.65 24.92 7.53
CA ALA I 46 4.90 24.65 8.75
C ALA I 46 5.59 25.21 9.99
N HIS I 47 4.77 25.61 10.96
CA HIS I 47 5.24 26.05 12.27
C HIS I 47 4.42 25.37 13.37
N GLN I 48 5.08 24.60 14.23
CA GLN I 48 4.37 23.94 15.34
C GLN I 48 3.13 23.14 14.92
N THR I 49 3.27 22.40 13.81
CA THR I 49 2.23 21.52 13.22
C THR I 49 1.11 22.26 12.50
N ALA I 50 1.17 23.59 12.47
CA ALA I 50 0.20 24.36 11.72
C ALA I 50 0.77 24.75 10.35
N VAL I 51 0.14 24.33 9.27
CA VAL I 51 0.56 24.76 7.92
C VAL I 51 0.31 26.26 7.72
N LEU I 52 1.31 26.95 7.18
CA LEU I 52 1.26 28.41 7.04
C LEU I 52 0.49 28.83 5.77
N GLN I 53 -0.31 29.88 5.88
CA GLN I 53 -1.08 30.38 4.73
C GLN I 53 -0.51 31.59 4.08
N ASP I 54 -0.50 31.58 2.74
CA ASP I 54 0.19 32.59 1.94
C ASP I 54 -0.17 34.03 2.33
N GLY I 55 -1.42 34.28 2.70
CA GLY I 55 -1.86 35.64 2.96
C GLY I 55 -1.51 36.16 4.34
N LEU I 56 -1.11 35.27 5.23
CA LEU I 56 -0.77 35.66 6.59
C LEU I 56 0.58 36.31 6.63
N THR I 57 0.69 37.31 7.48
CA THR I 57 1.95 37.98 7.74
C THR I 57 2.71 37.13 8.77
N LEU I 58 4.04 37.25 8.82
CA LEU I 58 4.81 36.49 9.81
C LEU I 58 4.33 36.82 11.23
N SER I 59 4.57 38.05 11.70
CA SER I 59 4.06 38.49 13.01
C SER I 59 2.67 37.94 13.32
N SER I 60 1.83 37.78 12.30
CA SER I 60 0.48 37.25 12.49
C SER I 60 0.55 35.80 12.99
N LEU I 61 1.58 35.09 12.57
CA LEU I 61 1.87 33.75 13.06
C LEU I 61 2.86 33.84 14.22
N GLY I 62 3.20 32.70 14.80
CA GLY I 62 4.03 32.69 15.99
C GLY I 62 5.51 32.82 15.69
N LEU I 63 5.85 33.20 14.47
CA LEU I 63 7.25 33.37 14.12
C LEU I 63 7.90 34.51 14.91
N GLY I 64 9.14 34.28 15.31
CA GLY I 64 9.90 35.27 16.06
C GLY I 64 11.37 35.08 15.77
N PRO I 65 12.23 35.90 16.40
CA PRO I 65 13.67 35.87 16.06
C PRO I 65 14.34 34.51 16.18
N SER I 66 13.94 33.73 17.18
CA SER I 66 14.50 32.38 17.40
C SER I 66 13.58 31.26 16.90
N SER I 67 12.56 31.62 16.12
CA SER I 67 11.60 30.62 15.63
C SER I 67 12.11 29.82 14.45
N THR I 68 11.56 28.61 14.28
CA THR I 68 11.92 27.72 13.18
C THR I 68 10.73 27.35 12.31
N VAL I 69 10.93 27.53 11.01
CA VAL I 69 9.93 27.18 10.02
C VAL I 69 10.32 25.89 9.31
N MET I 70 9.38 24.95 9.19
CA MET I 70 9.66 23.68 8.53
C MET I 70 9.33 23.82 7.04
N LEU I 71 10.25 23.35 6.19
CA LEU I 71 10.00 23.34 4.76
C LEU I 71 9.93 21.91 4.22
N VAL I 72 8.82 21.58 3.58
CA VAL I 72 8.77 20.32 2.88
C VAL I 72 8.60 20.68 1.42
N VAL I 73 9.46 20.10 0.61
CA VAL I 73 9.39 20.29 -0.83
C VAL I 73 8.40 19.27 -1.35
N GLN I 74 7.38 19.72 -2.05
CA GLN I 74 6.32 18.81 -2.50
C GLN I 74 6.75 18.25 -3.86
N ASN I 75 6.95 16.94 -3.95
CA ASN I 75 7.34 16.33 -5.23
C ASN I 75 6.14 16.35 -6.13
N SER I 76 5.01 15.94 -5.58
CA SER I 76 3.73 16.12 -6.21
C SER I 76 2.96 17.12 -5.36
N SER I 77 2.43 18.16 -5.98
CA SER I 77 1.75 19.24 -5.24
C SER I 77 0.24 19.01 -5.29
N GLU I 78 -0.50 19.82 -4.52
CA GLU I 78 -1.91 19.58 -4.26
C GLU I 78 -2.81 20.04 -5.42
N PRO I 79 -3.97 19.37 -5.60
CA PRO I 79 -4.87 19.73 -6.71
C PRO I 79 -5.42 21.15 -6.61
N LEU I 80 -5.59 21.82 -7.75
CA LEU I 80 -6.33 23.07 -7.79
C LEU I 80 -7.14 23.10 -9.07
N SER I 81 -8.15 23.97 -9.14
CA SER I 81 -8.95 24.09 -10.34
C SER I 81 -8.59 25.37 -11.07
N ILE I 82 -8.60 25.30 -12.41
CA ILE I 82 -8.39 26.48 -13.24
C ILE I 82 -9.50 26.55 -14.29
N LEU I 83 -9.64 27.69 -14.93
CA LEU I 83 -10.58 27.81 -16.04
C LEU I 83 -9.84 27.79 -17.36
N VAL I 84 -10.35 27.02 -18.32
CA VAL I 84 -9.82 27.08 -19.67
C VAL I 84 -10.84 27.65 -20.63
N ARG I 85 -10.52 28.78 -21.24
CA ARG I 85 -11.42 29.42 -22.19
C ARG I 85 -10.92 29.18 -23.62
N ASN I 86 -11.80 28.67 -24.49
CA ASN I 86 -11.45 28.37 -25.87
C ASN I 86 -11.43 29.62 -26.73
N GLU I 87 -11.34 30.77 -26.06
CA GLU I 87 -11.34 32.09 -26.68
C GLU I 87 -12.72 32.39 -27.29
N ARG I 88 -13.55 31.35 -27.41
CA ARG I 88 -14.93 31.49 -27.88
C ARG I 88 -15.80 32.15 -26.80
N GLY I 89 -15.17 32.50 -25.70
CA GLY I 89 -15.84 33.17 -24.59
C GLY I 89 -16.16 32.24 -23.43
N HIS I 90 -16.47 30.98 -23.73
CA HIS I 90 -16.77 30.00 -22.66
C HIS I 90 -15.58 29.29 -22.06
N SER I 91 -15.61 29.19 -20.74
CA SER I 91 -14.58 28.53 -19.96
C SER I 91 -15.10 27.23 -19.31
N ASN I 92 -14.22 26.26 -19.18
CA ASN I 92 -14.55 25.01 -18.53
C ASN I 92 -13.58 24.75 -17.39
N ILE I 93 -14.01 24.02 -16.38
CA ILE I 93 -13.16 23.77 -15.24
C ILE I 93 -12.24 22.58 -15.47
N TYR I 94 -10.96 22.80 -15.23
CA TYR I 94 -9.98 21.74 -15.30
C TYR I 94 -9.24 21.58 -13.99
N GLU I 95 -8.98 20.35 -13.61
CA GLU I 95 -8.16 20.08 -12.43
C GLU I 95 -6.72 19.78 -12.75
N VAL I 96 -5.80 20.51 -12.13
CA VAL I 96 -4.40 20.30 -12.42
C VAL I 96 -3.57 20.24 -11.16
N PHE I 97 -2.32 19.85 -11.32
CA PHE I 97 -1.34 19.95 -10.26
C PHE I 97 -0.17 20.77 -10.80
N LEU I 98 0.31 21.73 -10.02
CA LEU I 98 1.30 22.66 -10.54
C LEU I 98 2.64 21.97 -10.85
N THR I 99 2.85 20.78 -10.30
CA THR I 99 4.08 20.04 -10.54
C THR I 99 4.00 19.26 -11.86
N GLN I 100 2.82 19.31 -12.49
CA GLN I 100 2.66 18.69 -13.77
C GLN I 100 3.11 19.62 -14.86
N THR I 101 3.45 19.03 -16.01
CA THR I 101 3.87 19.80 -17.16
C THR I 101 2.67 20.41 -17.88
N VAL I 102 2.94 21.46 -18.63
CA VAL I 102 1.94 22.05 -19.48
C VAL I 102 1.36 20.98 -20.40
N ASP I 103 2.19 20.03 -20.82
CA ASP I 103 1.72 19.00 -21.74
C ASP I 103 0.55 18.21 -21.18
N THR I 104 0.57 17.93 -19.87
CA THR I 104 -0.51 17.14 -19.27
C THR I 104 -1.85 17.87 -19.34
N LEU I 105 -1.80 19.19 -19.20
CA LEU I 105 -3.01 19.98 -19.30
C LEU I 105 -3.53 20.00 -20.73
N LYS I 106 -2.60 20.15 -21.66
CA LYS I 106 -2.91 20.16 -23.07
C LYS I 106 -3.56 18.88 -23.48
N LYS I 107 -3.09 17.78 -22.90
CA LYS I 107 -3.61 16.46 -23.24
C LYS I 107 -5.00 16.26 -22.63
N LYS I 108 -5.23 16.82 -21.45
CA LYS I 108 -6.56 16.77 -20.84
C LYS I 108 -7.53 17.58 -21.68
N VAL I 109 -7.10 18.75 -22.13
CA VAL I 109 -7.94 19.55 -22.99
C VAL I 109 -8.17 18.81 -24.30
N SER I 110 -7.09 18.25 -24.81
CA SER I 110 -7.10 17.53 -26.07
C SER I 110 -8.12 16.40 -26.08
N GLN I 111 -8.16 15.63 -24.99
CA GLN I 111 -9.10 14.52 -24.87
C GLN I 111 -10.54 14.99 -24.63
N ARG I 112 -10.70 16.05 -23.86
CA ARG I 112 -12.04 16.55 -23.56
C ARG I 112 -12.70 17.16 -24.80
N GLU I 113 -11.90 17.83 -25.62
CA GLU I 113 -12.45 18.50 -26.80
C GLU I 113 -12.12 17.73 -28.06
N GLN I 114 -11.43 16.61 -27.91
CA GLN I 114 -11.04 15.75 -29.03
C GLN I 114 -10.40 16.52 -30.15
N VAL I 115 -9.34 17.24 -29.80
CA VAL I 115 -8.55 17.96 -30.75
C VAL I 115 -7.11 17.56 -30.46
N HIS I 116 -6.33 17.35 -31.51
CA HIS I 116 -4.93 17.00 -31.34
C HIS I 116 -4.16 18.13 -30.69
N GLU I 117 -3.15 17.77 -29.92
CA GLU I 117 -2.34 18.75 -29.20
C GLU I 117 -1.67 19.74 -30.14
N ASP I 118 -1.44 19.35 -31.40
CA ASP I 118 -0.75 20.23 -32.33
C ASP I 118 -1.66 21.29 -32.93
N GLN I 119 -2.94 21.27 -32.59
CA GLN I 119 -3.86 22.19 -33.22
C GLN I 119 -4.19 23.39 -32.32
N PHE I 120 -3.54 23.47 -31.16
CA PHE I 120 -3.77 24.55 -30.21
C PHE I 120 -2.60 24.79 -29.27
N TRP I 121 -2.58 25.96 -28.67
CA TRP I 121 -1.62 26.23 -27.61
C TRP I 121 -2.28 27.03 -26.51
N LEU I 122 -1.68 27.04 -25.32
CA LEU I 122 -2.29 27.67 -24.16
C LEU I 122 -1.46 28.85 -23.65
N SER I 123 -2.15 29.89 -23.19
CA SER I 123 -1.47 31.02 -22.62
C SER I 123 -2.10 31.45 -21.30
N PHE I 124 -1.29 32.08 -20.46
CA PHE I 124 -1.75 32.65 -19.21
C PHE I 124 -1.31 34.10 -19.11
N GLU I 125 -2.29 35.00 -19.09
CA GLU I 125 -2.02 36.42 -19.05
C GLU I 125 -1.05 36.85 -20.16
N GLY I 126 -1.23 36.28 -21.34
CA GLY I 126 -0.45 36.71 -22.50
C GLY I 126 0.84 35.95 -22.68
N ARG I 127 1.25 35.21 -21.68
CA ARG I 127 2.50 34.47 -21.74
C ARG I 127 2.23 33.05 -22.24
N PRO I 128 2.78 32.69 -23.41
CA PRO I 128 2.56 31.35 -24.02
C PRO I 128 3.08 30.22 -23.15
N MET I 129 2.35 29.11 -23.08
CA MET I 129 2.79 28.00 -22.24
C MET I 129 3.51 26.92 -23.06
N GLU I 130 4.70 26.55 -22.57
CA GLU I 130 5.49 25.54 -23.25
C GLU I 130 5.32 24.17 -22.64
N ASP I 131 5.12 23.20 -23.53
CA ASP I 131 4.77 21.84 -23.20
C ASP I 131 5.59 21.25 -22.05
N LYS I 132 6.89 21.51 -22.05
CA LYS I 132 7.80 20.82 -21.15
C LYS I 132 7.93 21.48 -19.80
N GLU I 133 7.43 22.71 -19.67
CA GLU I 133 7.51 23.47 -18.41
C GLU I 133 6.47 23.05 -17.36
N LEU I 134 6.77 23.26 -16.09
CA LEU I 134 5.80 22.98 -15.03
C LEU I 134 4.76 24.10 -15.00
N LEU I 135 3.50 23.69 -14.85
CA LEU I 135 2.37 24.62 -14.78
C LEU I 135 2.61 25.69 -13.70
N GLY I 136 3.28 25.29 -12.62
CA GLY I 136 3.58 26.21 -11.53
C GLY I 136 4.47 27.36 -11.93
N GLU I 137 5.24 27.16 -13.00
CA GLU I 137 6.18 28.19 -13.40
C GLU I 137 5.42 29.39 -13.97
N TYR I 138 4.15 29.21 -14.33
CA TYR I 138 3.37 30.31 -14.89
C TYR I 138 2.59 31.11 -13.85
N GLY I 139 2.70 30.73 -12.58
CA GLY I 139 2.00 31.42 -11.50
C GLY I 139 0.51 31.13 -11.51
N LEU I 140 0.11 29.95 -11.96
CA LEU I 140 -1.31 29.58 -11.94
C LEU I 140 -1.89 29.61 -10.52
N LYS I 141 -3.09 30.16 -10.40
CA LYS I 141 -3.78 30.23 -9.11
C LYS I 141 -5.19 29.59 -9.20
N PRO I 142 -5.74 29.17 -8.05
CA PRO I 142 -7.09 28.56 -8.02
C PRO I 142 -8.11 29.46 -8.72
N GLN I 143 -8.79 28.87 -9.71
CA GLN I 143 -9.84 29.49 -10.53
C GLN I 143 -9.35 30.59 -11.48
N CYS I 144 -8.05 30.64 -11.76
CA CYS I 144 -7.55 31.54 -12.81
C CYS I 144 -7.89 31.00 -14.20
N THR I 145 -7.69 31.84 -15.22
CA THR I 145 -8.05 31.43 -16.57
C THR I 145 -6.85 31.24 -17.47
N VAL I 146 -6.71 30.03 -17.99
CA VAL I 146 -5.75 29.74 -19.04
C VAL I 146 -6.49 29.86 -20.35
N ILE I 147 -5.86 30.45 -21.36
CA ILE I 147 -6.50 30.63 -22.66
C ILE I 147 -6.06 29.63 -23.73
N LYS I 148 -7.02 29.05 -24.45
CA LYS I 148 -6.70 28.15 -25.55
C LYS I 148 -6.73 28.88 -26.89
N HIS I 149 -5.61 28.82 -27.61
CA HIS I 149 -5.46 29.42 -28.94
C HIS I 149 -5.28 28.40 -30.04
N LEU I 150 -5.86 28.69 -31.21
CA LEU I 150 -5.70 27.86 -32.40
C LEU I 150 -4.55 28.39 -33.28
N ALA J 2 13.73 31.67 -50.16
CA ALA J 2 14.40 32.43 -49.11
C ALA J 2 14.10 33.91 -49.24
N TRP J 3 13.48 34.49 -48.21
CA TRP J 3 13.16 35.90 -48.24
C TRP J 3 13.65 36.59 -46.96
N ASP J 4 13.66 37.93 -46.96
CA ASP J 4 14.12 38.70 -45.81
C ASP J 4 12.94 39.19 -44.95
N LEU J 5 13.00 38.90 -43.66
CA LEU J 5 11.95 39.31 -42.74
C LEU J 5 12.32 40.60 -42.00
N LYS J 6 11.42 41.59 -42.04
CA LYS J 6 11.65 42.85 -41.36
C LYS J 6 11.38 42.72 -39.86
N VAL J 7 12.39 43.03 -39.07
CA VAL J 7 12.29 42.99 -37.62
C VAL J 7 12.40 44.40 -37.06
N LYS J 8 11.46 44.78 -36.20
CA LYS J 8 11.40 46.14 -35.67
C LYS J 8 11.76 46.13 -34.21
N MET J 9 12.62 47.07 -33.84
CA MET J 9 13.10 47.11 -32.47
C MET J 9 12.30 48.12 -31.67
N LEU J 10 12.13 47.84 -30.38
CA LEU J 10 11.35 48.70 -29.51
C LEU J 10 11.90 50.11 -29.50
N GLY J 11 11.07 51.08 -29.85
CA GLY J 11 11.54 52.45 -29.87
C GLY J 11 12.34 52.81 -31.10
N GLY J 12 12.87 51.81 -31.80
CA GLY J 12 13.78 52.10 -32.88
C GLY J 12 13.69 51.48 -34.26
N ASN J 13 14.69 50.69 -34.63
CA ASN J 13 14.94 50.41 -36.04
C ASN J 13 14.68 49.02 -36.60
N ASP J 14 14.55 49.00 -37.93
CA ASP J 14 14.31 47.80 -38.71
C ASP J 14 15.57 47.25 -39.39
N PHE J 15 15.63 45.93 -39.52
CA PHE J 15 16.68 45.28 -40.27
C PHE J 15 16.09 44.05 -40.95
N LEU J 16 16.84 43.45 -41.87
CA LEU J 16 16.38 42.25 -42.58
C LEU J 16 17.16 40.99 -42.26
N VAL J 17 16.46 39.86 -42.21
CA VAL J 17 17.08 38.56 -42.04
C VAL J 17 16.53 37.55 -43.07
N SER J 18 17.42 36.74 -43.66
CA SER J 18 17.00 35.76 -44.67
C SER J 18 16.41 34.52 -44.01
N VAL J 19 15.19 34.17 -44.42
CA VAL J 19 14.47 33.06 -43.81
C VAL J 19 13.89 32.11 -44.87
N THR J 20 13.33 31.00 -44.41
CA THR J 20 12.66 30.03 -45.27
C THR J 20 11.27 29.67 -44.75
N ASN J 21 10.43 29.11 -45.63
CA ASN J 21 9.07 28.77 -45.23
C ASN J 21 9.06 27.78 -44.06
N SER J 22 9.94 26.78 -44.15
CA SER J 22 10.01 25.74 -43.12
C SER J 22 11.00 26.10 -42.00
N MET J 23 11.20 27.39 -41.77
CA MET J 23 12.06 27.86 -40.69
C MET J 23 11.23 27.99 -39.40
N THR J 24 11.76 27.54 -38.28
CA THR J 24 11.06 27.70 -37.02
C THR J 24 11.33 29.06 -36.42
N VAL J 25 10.48 29.51 -35.52
CA VAL J 25 10.69 30.80 -34.86
C VAL J 25 12.00 30.81 -34.07
N SER J 26 12.38 29.67 -33.49
CA SER J 26 13.63 29.58 -32.75
C SER J 26 14.83 29.81 -33.68
N GLU J 27 14.77 29.24 -34.88
CA GLU J 27 15.82 29.46 -35.86
C GLU J 27 15.86 30.92 -36.27
N LEU J 28 14.69 31.55 -36.30
CA LEU J 28 14.61 32.96 -36.64
C LEU J 28 15.41 33.76 -35.61
N LYS J 29 15.28 33.36 -34.36
CA LYS J 29 15.99 34.02 -33.29
C LYS J 29 17.50 33.86 -33.44
N LYS J 30 17.93 32.69 -33.91
CA LYS J 30 19.35 32.46 -34.13
C LYS J 30 19.88 33.36 -35.24
N GLN J 31 19.07 33.56 -36.28
CA GLN J 31 19.44 34.49 -37.33
C GLN J 31 19.53 35.92 -36.79
N ILE J 32 18.57 36.32 -35.97
CA ILE J 32 18.59 37.66 -35.38
C ILE J 32 19.81 37.86 -34.48
N ALA J 33 20.14 36.83 -33.71
CA ALA J 33 21.29 36.89 -32.82
C ALA J 33 22.58 37.08 -33.64
N GLN J 34 22.64 36.44 -34.80
CA GLN J 34 23.79 36.62 -35.68
C GLN J 34 23.80 38.01 -36.31
N LYS J 35 22.63 38.56 -36.55
CA LYS J 35 22.55 39.84 -37.25
C LYS J 35 22.88 41.01 -36.33
N ILE J 36 22.23 41.08 -35.15
CA ILE J 36 22.43 42.21 -34.23
C ILE J 36 22.98 41.79 -32.89
N GLY J 37 23.22 40.49 -32.72
CA GLY J 37 23.92 40.05 -31.52
C GLY J 37 23.07 39.90 -30.26
N VAL J 38 21.74 40.06 -30.38
CA VAL J 38 20.88 39.82 -29.22
C VAL J 38 20.69 38.32 -29.05
N PRO J 39 21.12 37.78 -27.89
CA PRO J 39 21.01 36.35 -27.62
C PRO J 39 19.55 35.90 -27.71
N ALA J 40 19.34 34.71 -28.24
CA ALA J 40 18.02 34.16 -28.46
C ALA J 40 17.15 34.18 -27.20
N PHE J 41 17.72 33.88 -26.04
CA PHE J 41 16.91 33.81 -24.80
C PHE J 41 16.42 35.18 -24.35
N GLN J 42 16.90 36.26 -24.97
CA GLN J 42 16.43 37.59 -24.62
C GLN J 42 15.41 38.11 -25.63
N GLN J 43 15.23 37.37 -26.71
CA GLN J 43 14.36 37.82 -27.79
C GLN J 43 12.92 37.41 -27.55
N ARG J 44 12.07 38.41 -27.38
CA ARG J 44 10.66 38.18 -27.41
C ARG J 44 10.18 38.78 -28.73
N LEU J 45 9.72 37.91 -29.62
CA LEU J 45 9.18 38.31 -30.91
C LEU J 45 7.67 38.35 -30.84
N ALA J 46 7.05 39.32 -31.51
CA ALA J 46 5.60 39.39 -31.56
C ALA J 46 5.09 39.76 -32.96
N HIS J 47 3.93 39.22 -33.34
CA HIS J 47 3.29 39.62 -34.60
C HIS J 47 1.80 39.86 -34.31
N GLN J 48 1.31 41.05 -34.65
CA GLN J 48 -0.05 41.45 -34.31
C GLN J 48 -0.28 41.38 -32.80
N THR J 49 0.73 41.78 -32.04
CA THR J 49 0.69 41.83 -30.57
C THR J 49 0.70 40.43 -29.94
N ALA J 50 0.74 39.39 -30.77
CA ALA J 50 0.79 38.02 -30.29
C ALA J 50 2.23 37.51 -30.21
N VAL J 51 2.63 37.07 -29.02
CA VAL J 51 3.97 36.54 -28.83
C VAL J 51 4.19 35.27 -29.66
N LEU J 52 5.31 35.22 -30.38
CA LEU J 52 5.59 34.07 -31.24
C LEU J 52 6.22 32.99 -30.40
N GLN J 53 5.80 31.75 -30.63
CA GLN J 53 6.23 30.61 -29.84
C GLN J 53 7.31 29.82 -30.56
N ASP J 54 8.39 29.50 -29.85
CA ASP J 54 9.63 28.98 -30.48
C ASP J 54 9.43 27.83 -31.46
N GLY J 55 8.43 26.99 -31.19
CA GLY J 55 8.23 25.80 -32.00
C GLY J 55 7.51 26.00 -33.32
N LEU J 56 6.89 27.15 -33.51
CA LEU J 56 6.05 27.36 -34.70
C LEU J 56 6.90 27.58 -35.95
N THR J 57 6.42 27.08 -37.07
CA THR J 57 7.10 27.30 -38.35
C THR J 57 6.73 28.64 -38.97
N LEU J 58 7.62 29.15 -39.82
CA LEU J 58 7.41 30.42 -40.52
C LEU J 58 6.17 30.33 -41.40
N SER J 59 6.27 29.53 -42.47
CA SER J 59 5.15 29.28 -43.37
C SER J 59 3.76 29.20 -42.70
N SER J 60 3.69 28.64 -41.50
CA SER J 60 2.43 28.57 -40.74
C SER J 60 1.97 29.95 -40.30
N LEU J 61 2.94 30.83 -40.10
CA LEU J 61 2.66 32.17 -39.62
C LEU J 61 2.22 33.06 -40.77
N GLY J 62 2.17 32.48 -41.97
CA GLY J 62 1.87 33.22 -43.18
C GLY J 62 2.68 34.48 -43.32
N LEU J 63 3.80 34.56 -42.61
CA LEU J 63 4.70 35.69 -42.71
C LEU J 63 5.34 35.76 -44.09
N GLY J 64 5.49 36.98 -44.58
CA GLY J 64 6.10 37.25 -45.86
C GLY J 64 6.68 38.65 -45.81
N PRO J 65 7.14 39.14 -46.97
CA PRO J 65 7.65 40.51 -47.05
C PRO J 65 6.61 41.52 -46.54
N SER J 66 5.34 41.14 -46.47
CA SER J 66 4.30 42.06 -46.01
C SER J 66 4.05 41.97 -44.50
N SER J 67 4.59 40.95 -43.84
CA SER J 67 4.46 40.85 -42.39
C SER J 67 5.61 41.61 -41.72
N THR J 68 5.36 42.12 -40.53
CA THR J 68 6.39 42.82 -39.76
C THR J 68 6.54 42.19 -38.39
N VAL J 69 7.75 41.81 -38.00
CA VAL J 69 7.92 41.16 -36.70
C VAL J 69 8.57 42.09 -35.67
N MET J 70 7.98 42.16 -34.48
CA MET J 70 8.46 43.01 -33.40
C MET J 70 9.41 42.32 -32.43
N LEU J 71 10.56 42.96 -32.13
CA LEU J 71 11.47 42.41 -31.15
C LEU J 71 11.58 43.30 -29.90
N VAL J 72 11.42 42.68 -28.75
CA VAL J 72 11.69 43.29 -27.46
C VAL J 72 12.80 42.49 -26.76
N VAL J 73 13.83 43.20 -26.32
CA VAL J 73 14.91 42.58 -25.58
C VAL J 73 14.54 42.57 -24.10
N GLN J 74 14.50 41.39 -23.49
CA GLN J 74 14.04 41.30 -22.13
C GLN J 74 15.24 41.39 -21.21
N ASN J 75 15.27 42.43 -20.38
CA ASN J 75 16.36 42.63 -19.46
C ASN J 75 16.27 41.60 -18.34
N SER J 76 15.05 41.36 -17.88
CA SER J 76 14.77 40.25 -16.97
C SER J 76 13.89 39.23 -17.66
N SER J 77 14.31 37.97 -17.65
CA SER J 77 13.59 36.93 -18.37
C SER J 77 12.64 36.21 -17.42
N GLU J 78 11.68 35.47 -17.97
CA GLU J 78 10.60 34.87 -17.18
C GLU J 78 11.12 33.65 -16.45
N PRO J 79 10.62 33.39 -15.25
CA PRO J 79 11.17 32.23 -14.54
C PRO J 79 10.95 30.95 -15.32
N LEU J 80 11.91 30.06 -15.21
CA LEU J 80 11.75 28.70 -15.71
C LEU J 80 12.36 27.73 -14.72
N SER J 81 11.95 26.47 -14.79
CA SER J 81 12.48 25.43 -13.91
C SER J 81 13.50 24.56 -14.64
N ILE J 82 14.55 24.16 -13.92
CA ILE J 82 15.53 23.21 -14.43
C ILE J 82 15.75 22.11 -13.38
N LEU J 83 16.38 21.03 -13.80
CA LEU J 83 16.79 20.00 -12.87
C LEU J 83 18.29 20.07 -12.65
N VAL J 84 18.69 20.02 -11.39
CA VAL J 84 20.11 19.91 -11.04
C VAL J 84 20.36 18.52 -10.46
N ARG J 85 21.25 17.77 -11.11
CA ARG J 85 21.51 16.40 -10.72
C ARG J 85 22.77 16.27 -9.88
N ASN J 86 22.61 15.65 -8.72
CA ASN J 86 23.70 15.40 -7.78
C ASN J 86 24.51 14.17 -8.18
N GLU J 87 25.73 14.05 -7.66
CA GLU J 87 26.55 12.86 -7.90
C GLU J 87 25.79 11.53 -7.80
N ARG J 88 24.69 11.54 -7.06
CA ARG J 88 23.84 10.35 -6.85
C ARG J 88 23.05 9.89 -8.08
N GLY J 89 22.79 10.81 -9.01
CA GLY J 89 22.01 10.47 -10.19
C GLY J 89 20.60 11.02 -10.11
N HIS J 90 20.09 11.22 -8.89
CA HIS J 90 18.74 11.74 -8.68
C HIS J 90 18.76 13.25 -8.86
N SER J 91 17.72 13.79 -9.49
CA SER J 91 17.65 15.21 -9.80
C SER J 91 16.66 16.01 -8.94
N ASN J 92 16.98 17.28 -8.71
CA ASN J 92 16.10 18.17 -7.96
C ASN J 92 15.75 19.40 -8.78
N ILE J 93 14.57 19.96 -8.53
CA ILE J 93 14.11 21.12 -9.29
C ILE J 93 14.61 22.45 -8.73
N TYR J 94 15.19 23.27 -9.61
CA TYR J 94 15.57 24.64 -9.29
C TYR J 94 14.89 25.60 -10.24
N GLU J 95 14.43 26.72 -9.71
CA GLU J 95 13.89 27.81 -10.50
C GLU J 95 14.95 28.89 -10.73
N VAL J 96 15.16 29.27 -12.00
CA VAL J 96 16.16 30.27 -12.38
C VAL J 96 15.63 31.28 -13.39
N PHE J 97 16.44 32.30 -13.64
CA PHE J 97 16.18 33.23 -14.73
C PHE J 97 17.36 33.19 -15.67
N LEU J 98 17.11 33.13 -16.97
CA LEU J 98 18.21 32.96 -17.92
C LEU J 98 19.08 34.21 -17.99
N THR J 99 18.56 35.34 -17.51
CA THR J 99 19.35 36.57 -17.47
C THR J 99 20.24 36.66 -16.22
N GLN J 100 20.14 35.67 -15.34
CA GLN J 100 21.02 35.59 -14.17
C GLN J 100 22.31 34.88 -14.51
N THR J 101 23.33 35.10 -13.69
CA THR J 101 24.62 34.45 -13.90
C THR J 101 24.56 33.02 -13.40
N VAL J 102 25.47 32.20 -13.93
CA VAL J 102 25.67 30.84 -13.49
C VAL J 102 25.94 30.81 -11.99
N ASP J 103 26.62 31.86 -11.53
CA ASP J 103 26.97 32.00 -10.13
C ASP J 103 25.74 32.01 -9.21
N THR J 104 24.65 32.65 -9.65
CA THR J 104 23.44 32.71 -8.83
C THR J 104 22.85 31.31 -8.63
N LEU J 105 23.01 30.46 -9.64
CA LEU J 105 22.56 29.07 -9.54
C LEU J 105 23.43 28.30 -8.57
N LYS J 106 24.73 28.53 -8.64
CA LYS J 106 25.66 27.86 -7.74
C LYS J 106 25.40 28.22 -6.27
N LYS J 107 25.04 29.47 -6.02
CA LYS J 107 24.79 29.94 -4.67
C LYS J 107 23.52 29.31 -4.13
N LYS J 108 22.52 29.14 -4.99
CA LYS J 108 21.28 28.48 -4.61
C LYS J 108 21.56 27.03 -4.29
N VAL J 109 22.31 26.35 -5.14
CA VAL J 109 22.71 24.98 -4.87
C VAL J 109 23.59 24.89 -3.62
N SER J 110 24.52 25.84 -3.50
CA SER J 110 25.46 25.85 -2.39
C SER J 110 24.78 25.89 -1.04
N GLN J 111 23.82 26.80 -0.88
CA GLN J 111 23.06 26.94 0.35
C GLN J 111 22.02 25.85 0.55
N ARG J 112 21.44 25.37 -0.55
CA ARG J 112 20.40 24.35 -0.46
C ARG J 112 20.99 23.03 0.01
N GLU J 113 22.22 22.76 -0.41
CA GLU J 113 22.89 21.51 -0.04
C GLU J 113 24.01 21.76 1.00
N GLN J 114 24.13 23.02 1.43
CA GLN J 114 25.11 23.47 2.44
C GLN J 114 26.53 23.04 2.12
N VAL J 115 27.03 23.39 0.95
CA VAL J 115 28.42 23.14 0.60
C VAL J 115 29.01 24.42 0.04
N HIS J 116 30.27 24.71 0.36
CA HIS J 116 30.89 25.92 -0.14
C HIS J 116 30.94 25.88 -1.64
N GLU J 117 30.83 27.06 -2.25
CA GLU J 117 30.80 27.15 -3.70
C GLU J 117 32.09 26.62 -4.36
N ASP J 118 33.20 26.68 -3.64
CA ASP J 118 34.49 26.31 -4.24
C ASP J 118 34.68 24.82 -4.33
N GLN J 119 33.71 24.05 -3.84
CA GLN J 119 33.88 22.60 -3.79
C GLN J 119 33.17 21.87 -4.92
N PHE J 120 32.53 22.62 -5.83
CA PHE J 120 31.86 22.01 -6.97
C PHE J 120 31.68 22.98 -8.14
N TRP J 121 31.39 22.40 -9.30
CA TRP J 121 31.07 23.16 -10.49
C TRP J 121 29.92 22.53 -11.24
N LEU J 122 29.34 23.30 -12.15
CA LEU J 122 28.18 22.87 -12.90
C LEU J 122 28.52 22.76 -14.38
N SER J 123 27.93 21.76 -15.04
CA SER J 123 28.09 21.61 -16.49
C SER J 123 26.73 21.36 -17.12
N PHE J 124 26.61 21.71 -18.39
CA PHE J 124 25.40 21.40 -19.13
C PHE J 124 25.76 20.72 -20.43
N GLU J 125 25.33 19.47 -20.57
CA GLU J 125 25.63 18.70 -21.77
C GLU J 125 27.12 18.70 -22.09
N GLY J 126 27.95 18.54 -21.07
CA GLY J 126 29.37 18.38 -21.23
C GLY J 126 30.14 19.69 -21.21
N ARG J 127 29.41 20.81 -21.32
CA ARG J 127 30.04 22.12 -21.37
C ARG J 127 30.07 22.74 -19.97
N PRO J 128 31.27 22.95 -19.41
CA PRO J 128 31.39 23.56 -18.07
C PRO J 128 30.81 24.97 -18.01
N MET J 129 30.13 25.30 -16.91
CA MET J 129 29.49 26.62 -16.76
C MET J 129 30.35 27.56 -15.93
N GLU J 130 30.57 28.76 -16.45
CA GLU J 130 31.45 29.72 -15.79
C GLU J 130 30.66 30.72 -14.97
N ASP J 131 31.13 30.96 -13.75
CA ASP J 131 30.44 31.79 -12.75
C ASP J 131 29.85 33.10 -13.26
N LYS J 132 30.62 33.83 -14.06
CA LYS J 132 30.19 35.17 -14.47
C LYS J 132 29.34 35.18 -15.76
N GLU J 133 29.23 34.02 -16.42
CA GLU J 133 28.40 33.90 -17.62
C GLU J 133 26.89 33.84 -17.32
N LEU J 134 26.08 34.26 -18.28
CA LEU J 134 24.63 34.17 -18.15
C LEU J 134 24.10 32.76 -18.40
N LEU J 135 23.14 32.33 -17.58
CA LEU J 135 22.55 31.01 -17.73
C LEU J 135 22.01 30.78 -19.14
N GLY J 136 21.44 31.82 -19.74
CA GLY J 136 20.89 31.72 -21.07
C GLY J 136 21.91 31.38 -22.17
N GLU J 137 23.17 31.71 -21.94
CA GLU J 137 24.19 31.51 -22.97
C GLU J 137 24.49 30.03 -23.18
N TYR J 138 24.06 29.19 -22.23
CA TYR J 138 24.26 27.75 -22.30
C TYR J 138 23.09 27.05 -22.95
N GLY J 139 22.08 27.82 -23.35
CA GLY J 139 20.90 27.26 -23.99
C GLY J 139 20.02 26.46 -23.04
N LEU J 140 19.97 26.82 -21.76
CA LEU J 140 19.08 26.14 -20.82
C LEU J 140 17.64 26.27 -21.24
N LYS J 141 16.90 25.17 -21.13
CA LYS J 141 15.49 25.17 -21.45
C LYS J 141 14.73 24.54 -20.28
N PRO J 142 13.42 24.81 -20.21
CA PRO J 142 12.60 24.26 -19.12
C PRO J 142 12.79 22.75 -18.95
N GLN J 143 13.06 22.33 -17.71
CA GLN J 143 13.20 20.93 -17.31
C GLN J 143 14.38 20.23 -17.97
N CYS J 144 15.32 21.01 -18.51
CA CYS J 144 16.57 20.42 -18.99
C CYS J 144 17.40 20.09 -17.76
N THR J 145 18.44 19.27 -17.95
CA THR J 145 19.19 18.81 -16.79
C THR J 145 20.62 19.31 -16.75
N VAL J 146 20.91 20.04 -15.68
CA VAL J 146 22.27 20.49 -15.40
C VAL J 146 22.92 19.50 -14.46
N ILE J 147 24.15 19.13 -14.75
CA ILE J 147 24.87 18.19 -13.92
C ILE J 147 25.88 18.90 -13.03
N LYS J 148 25.85 18.55 -11.75
CA LYS J 148 26.80 19.09 -10.77
C LYS J 148 27.98 18.14 -10.59
N HIS J 149 29.18 18.65 -10.77
CA HIS J 149 30.38 17.83 -10.63
C HIS J 149 31.19 18.22 -9.37
N LEU J 150 31.76 17.23 -8.69
CA LEU J 150 32.69 17.49 -7.60
C LEU J 150 34.14 17.40 -8.09
S SO4 K . 29.85 -24.53 -17.02
O1 SO4 K . 30.46 -24.99 -15.76
O2 SO4 K . 30.35 -25.32 -18.14
O3 SO4 K . 28.40 -24.67 -16.91
O4 SO4 K . 30.13 -23.12 -17.27
C1 GOL L . 8.09 -28.71 3.92
O1 GOL L . 9.35 -28.91 4.52
C2 GOL L . 6.95 -29.38 4.71
O2 GOL L . 7.19 -30.78 4.74
C3 GOL L . 6.94 -28.86 6.14
O3 GOL L . 5.66 -28.93 6.77
C1 GOL M . 11.58 -25.48 -10.78
O1 GOL M . 12.67 -25.78 -11.60
C2 GOL M . 11.52 -26.59 -9.75
O2 GOL M . 10.42 -26.36 -8.88
C3 GOL M . 11.39 -27.92 -10.48
O3 GOL M . 10.61 -28.83 -9.74
S SO4 N . -6.97 -35.10 28.94
O1 SO4 N . -7.62 -36.39 29.14
O2 SO4 N . -5.90 -35.00 29.95
O3 SO4 N . -6.35 -35.04 27.63
O4 SO4 N . -7.96 -34.02 29.06
C1 GOL O . -8.49 -20.38 11.07
O1 GOL O . -7.83 -21.53 11.55
C2 GOL O . -7.64 -19.14 11.32
O2 GOL O . -6.29 -19.49 11.56
C3 GOL O . -7.73 -18.22 10.10
O3 GOL O . -9.07 -18.11 9.67
C1 GOL P . -15.45 -32.19 7.87
O1 GOL P . -16.40 -31.50 8.65
C2 GOL P . -15.86 -33.66 7.77
O2 GOL P . -15.29 -34.33 8.87
C3 GOL P . -17.39 -33.78 7.81
O3 GOL P . -17.88 -35.10 7.57
C1 GOL Q . 3.89 -6.86 13.43
O1 GOL Q . 4.18 -6.67 12.05
C2 GOL Q . 3.76 -8.33 13.88
O2 GOL Q . 4.83 -8.69 14.70
C3 GOL Q . 2.47 -8.61 14.66
O3 GOL Q . 2.72 -9.53 15.71
S SO4 R . 4.27 17.88 6.14
O1 SO4 R . 5.06 18.73 7.01
O2 SO4 R . 4.84 16.54 6.16
O3 SO4 R . 4.31 18.40 4.77
O4 SO4 R . 2.89 17.85 6.63
S SO4 S . -48.20 -28.23 -53.39
O1 SO4 S . -47.92 -29.38 -52.55
O2 SO4 S . -46.94 -27.62 -53.81
O3 SO4 S . -48.99 -28.63 -54.55
O4 SO4 S . -48.94 -27.22 -52.63
S SO4 T . -12.05 -29.68 -13.12
O1 SO4 T . -11.02 -30.32 -12.31
O2 SO4 T . -12.97 -30.68 -13.70
O3 SO4 T . -11.39 -28.91 -14.18
O4 SO4 T . -12.81 -28.77 -12.26
S SO4 U . -19.74 -35.37 -8.13
O1 SO4 U . -20.01 -35.18 -6.71
O2 SO4 U . -18.53 -36.18 -8.19
O3 SO4 U . -20.86 -36.12 -8.68
O4 SO4 U . -19.59 -34.16 -8.96
S SO4 V . -18.48 -14.26 -6.59
O1 SO4 V . -19.04 -14.20 -5.24
O2 SO4 V . -17.03 -14.37 -6.56
O3 SO4 V . -18.98 -15.47 -7.25
O4 SO4 V . -18.96 -13.07 -7.33
C1 GOL W . -33.96 -26.28 -22.36
O1 GOL W . -34.57 -25.56 -21.32
C2 GOL W . -34.54 -25.89 -23.72
O2 GOL W . -33.46 -25.50 -24.56
C3 GOL W . -35.38 -27.03 -24.32
O3 GOL W . -34.58 -27.94 -25.04
S SO4 X . 45.15 -4.07 35.19
O1 SO4 X . 45.83 -4.88 36.19
O2 SO4 X . 44.76 -4.94 34.08
O3 SO4 X . 46.06 -3.04 34.68
O4 SO4 X . 43.97 -3.42 35.76
S SO4 Y . 39.21 12.69 39.16
O1 SO4 Y . 38.18 12.94 40.16
O2 SO4 Y . 40.29 11.98 39.82
O3 SO4 Y . 38.68 11.87 38.06
O4 SO4 Y . 39.67 13.92 38.54
S SO4 Z . 39.00 -4.94 42.84
O1 SO4 Z . 38.52 -6.29 43.08
O2 SO4 Z . 40.36 -5.02 42.30
O3 SO4 Z . 38.18 -4.25 41.86
O4 SO4 Z . 38.99 -4.20 44.09
S SO4 AA . 40.88 18.21 45.06
O1 SO4 AA . 39.98 17.33 45.78
O2 SO4 AA . 42.14 17.52 44.76
O3 SO4 AA . 40.26 18.67 43.82
O4 SO4 AA . 41.09 19.38 45.92
S SO4 BA . -15.82 22.49 55.78
O1 SO4 BA . -16.00 21.80 57.07
O2 SO4 BA . -14.40 22.52 55.45
O3 SO4 BA . -16.53 21.82 54.71
O4 SO4 BA . -16.28 23.86 55.87
C1 GOL CA . 19.20 35.38 57.91
O1 GOL CA . 20.22 36.28 58.30
C2 GOL CA . 17.88 36.12 57.87
O2 GOL CA . 18.12 37.49 57.69
C3 GOL CA . 17.01 35.56 56.75
O3 GOL CA . 15.65 35.92 57.00
C1 GOL DA . 9.52 27.42 53.85
O1 GOL DA . 9.93 26.56 52.81
C2 GOL DA . 10.32 27.07 55.11
O2 GOL DA . 10.63 28.28 55.75
C3 GOL DA . 9.53 26.18 56.07
O3 GOL DA . 10.25 25.00 56.31
S SO4 EA . -25.94 -0.45 -21.47
O1 SO4 EA . -26.89 -1.54 -21.20
O2 SO4 EA . -24.63 -0.83 -20.94
O3 SO4 EA . -25.82 -0.25 -22.92
O4 SO4 EA . -26.41 0.77 -20.84
C1 GOL FA . 10.47 25.25 17.31
O1 GOL FA . 11.68 24.74 17.84
C2 GOL FA . 10.37 26.74 17.60
O2 GOL FA . 10.45 27.48 16.41
C3 GOL FA . 9.05 27.08 18.26
O3 GOL FA . 8.78 28.42 17.97
#